data_8VAL
#
_entry.id   8VAL
#
_cell.length_a   1.00
_cell.length_b   1.00
_cell.length_c   1.00
_cell.angle_alpha   90.00
_cell.angle_beta   90.00
_cell.angle_gamma   90.00
#
_symmetry.space_group_name_H-M   'P 1'
#
loop_
_entity.id
_entity.type
_entity.pdbx_description
1 polymer 'DNA polymerase III subunit delta'
2 polymer 'DNA polymerase III subunit tau'
3 polymer "DNA polymerase III subunit delta'"
4 polymer 'Beta sliding clamp'
5 polymer "DNA (5'-D(*AP*GP*AP*CP*AP*CP*TP*AP*CP*GP*AP*GP*TP*AP*CP*AP*TP*A)-3')"
6 polymer "DNA (5'-D(P*TP*TP*TP*TP*TP*TP*TP*AP*TP*GP*TP*AP*CP*TP*CP*GP*TP*AP*GP*TP*GP*TP*CP*T)-3')"
7 non-polymer 'ZINC ION'
8 non-polymer "ADENOSINE-5'-DIPHOSPHATE"
9 non-polymer 'BERYLLIUM TRIFLUORIDE ION'
10 non-polymer 'MAGNESIUM ION'
#
loop_
_entity_poly.entity_id
_entity_poly.type
_entity_poly.pdbx_seq_one_letter_code
_entity_poly.pdbx_strand_id
1 'polypeptide(L)'
;MIRLYPEQLRAQLNEGLRAAYLLLGNDPLLLQESQDAVRQVAAAQGFEEHHTFSIDPNTDWNAIFSLCQAMSLFASRQTL
LLLLPENGPNAAINEQLLTLTGLLHDDLLLIVRGNKLSKAQENAAWFTALANRSVQVTCQTPEQAQLPRWVAARAKQLNL
ELDDAANQVLCYCYEGNLLALAQALERLSLLWPDGKLTLPRVEQAVNDAAHFTPFHWVDALLMGKSKRALHILQQLRLEG
SEPVILLRTLQRELLLLVNLKRQSAHTPLRALFDKHRVWQNRRGMMGEALNRLSQTQLRQAVQLLTRTELTLKQDYGQSV
WAELEGLSLLLCHKPLADVFIDG
;
A
2 'polypeptide(L)'
;GPHMSYQVLARKWRPQTFADVVGQEHVLTALANGLSLGRIHHAYLFSGTRGVGKTSIARLLAKGLNCETGITATPCGVCD
NCREIEQGRFVDLIEIDAASRTKVEDTRDLLDNVQYAPARGRFKVYLIDEVHMLSRHSFNALLKTLEEPPEHVKFLLATT
DPQKLPVTILSRCLQFHLKALDVEQIRHQLEHILNEEHIAHEPRALQLLARAAEGSLRDALSLTDQAIASGDGQVSTQAV
SAMLGTLDDDQALSLVEAMVEANGERVMALINEAAARGIEWEALLVEMLGLLHRIAMVQLSPAALGNDMAAIELRMRELA
RTIPPTDIQLYYQTLLIGRKELPYAPDRRMGVEMTLLRALAFHPRMPLPEPEVPRQ
;
B,C,D
3 'polypeptide(L)'
;GPHMRWYPWLRPDFEKLVASYQAGRGHHALLIQALPGMGDDALIYALSRYLLCQQPQGHKSCGHCRGCQLMQAGTHPDYY
TLAPEKGKNTLGVDAVREVTEKLNEHARLGGAKVVWVTDAALLTDAAANALLKTLEEPPAETWFFLATREPERLLATLRS
RCRLHYLAPPPEQYAVTWLSREVTMSQDALLAALRLSAGSPGAALALFQGDNWQARETLCQALAYSVPSGDWYSLLAALN
HEQAPARLHWLATLLMDALKRHHGAAQVTNVDVPGLVAELANHLSPSRLQAILGDVCHIREQLMSVTGINRELLITDLLL
RIEHYLQPGVVLPVPHL
;
E
4 'polypeptide(L)'
;GPHMKFTVEREHLLKPLQQVSGPLGGRPTLPILGNLLLQVADGTLSLTGTDLEMEMVARVALVQPHEPGATTVPARKFFD
ICRGLPEGAEIAVQLEGERMLVRSGRSRFSLSTLPAADFPNLDDWQSEVEFTLPQATMKRLIEATQFSMAHQDVRYYLNG
MLFETEGEELRTVATDGHRLAVCSMPIGQSLPSHSVIVPRKGVIELMRMLDGGDNPLRVQIGSNNIRAHVGDFIFTSKLV
DGRFPDYRRVLPKNPDKHLEAGCDLLKQAFARAAILSNEKFRGVRLYVSENQLKITANNPEQEEAEEILDVTYSGAEMEI
GFNVSYVLDVLNALKCENVRMMLTDSVSSVQIEDAASQSAAYVVMPMRL
;
F,G
5 'polydeoxyribonucleotide' (DG)(DC)(DA)(DG)(DA)(DC)(DA)(DC)(DT)(DA)(DC)(DG)(DA)(DG)(DT)(DA)(DC)(DA)(DT)(DA) H
6 'polydeoxyribonucleotide'
;(DT)(DT)(DT)(DT)(DT)(DT)(DT)(DT)(DT)(DT)(DT)(DA)(DT)(DG)(DT)(DA)(DC)(DT)(DC)(DG)
(DT)(DA)(DG)(DT)(DG)(DT)(DC)(DT)(DG)(DC)
;
I
#
loop_
_chem_comp.id
_chem_comp.type
_chem_comp.name
_chem_comp.formula
ADP non-polymer ADENOSINE-5'-DIPHOSPHATE 'C10 H15 N5 O10 P2'
BEF non-polymer 'BERYLLIUM TRIFLUORIDE ION' 'Be F3 -1'
DA DNA linking 2'-DEOXYADENOSINE-5'-MONOPHOSPHATE 'C10 H14 N5 O6 P'
DC DNA linking 2'-DEOXYCYTIDINE-5'-MONOPHOSPHATE 'C9 H14 N3 O7 P'
DG DNA linking 2'-DEOXYGUANOSINE-5'-MONOPHOSPHATE 'C10 H14 N5 O7 P'
DT DNA linking THYMIDINE-5'-MONOPHOSPHATE 'C10 H15 N2 O8 P'
MG non-polymer 'MAGNESIUM ION' 'Mg 2'
ZN non-polymer 'ZINC ION' 'Zn 2'
#
# COMPACT_ATOMS: atom_id res chain seq x y z
N MET A 1 47.24 -20.02 6.64
CA MET A 1 46.04 -19.63 7.39
C MET A 1 45.85 -20.50 8.63
N ILE A 2 45.94 -19.89 9.81
CA ILE A 2 45.63 -20.57 11.05
C ILE A 2 44.14 -20.43 11.30
N ARG A 3 43.42 -21.55 11.24
CA ARG A 3 41.99 -21.57 11.52
C ARG A 3 41.78 -21.89 12.98
N LEU A 4 41.00 -21.07 13.66
CA LEU A 4 40.85 -21.18 15.11
C LEU A 4 39.39 -20.99 15.51
N TYR A 5 39.14 -21.27 16.78
CA TYR A 5 37.90 -20.99 17.47
C TYR A 5 38.14 -19.91 18.51
N PRO A 6 37.09 -19.20 18.94
CA PRO A 6 37.31 -18.10 19.90
C PRO A 6 37.95 -18.54 21.19
N GLU A 7 37.89 -19.84 21.54
CA GLU A 7 38.58 -20.33 22.73
C GLU A 7 40.09 -20.17 22.60
N GLN A 8 40.63 -20.43 21.42
CA GLN A 8 42.07 -20.46 21.20
C GLN A 8 42.64 -19.15 20.70
N LEU A 9 41.83 -18.10 20.57
CA LEU A 9 42.33 -16.84 20.02
C LEU A 9 43.38 -16.21 20.92
N ARG A 10 43.14 -16.16 22.23
CA ARG A 10 44.02 -15.42 23.13
C ARG A 10 45.47 -15.84 22.97
N ALA A 11 45.75 -17.14 23.08
CA ALA A 11 47.11 -17.63 22.92
C ALA A 11 47.69 -17.17 21.58
N GLN A 12 46.92 -17.32 20.50
CA GLN A 12 47.40 -16.88 19.20
C GLN A 12 47.71 -15.38 19.21
N LEU A 13 46.83 -14.59 19.83
CA LEU A 13 47.08 -13.15 19.90
C LEU A 13 48.32 -12.86 20.74
N ASN A 14 48.59 -13.70 21.74
CA ASN A 14 49.80 -13.53 22.52
C ASN A 14 51.03 -13.96 21.74
N GLU A 15 50.85 -14.82 20.74
CA GLU A 15 51.97 -15.25 19.91
C GLU A 15 52.48 -14.11 19.02
N GLY A 16 51.60 -13.18 18.65
CA GLY A 16 51.97 -12.09 17.78
C GLY A 16 50.86 -11.77 16.80
N LEU A 17 50.65 -10.48 16.53
CA LEU A 17 49.58 -10.08 15.63
C LEU A 17 49.86 -10.58 14.22
N ARG A 18 48.80 -10.99 13.53
CA ARG A 18 48.90 -11.43 12.14
C ARG A 18 48.36 -10.34 11.23
N ALA A 19 48.84 -10.32 9.99
CA ALA A 19 48.53 -9.27 9.04
C ALA A 19 47.03 -9.06 8.88
N ALA A 20 46.29 -10.15 8.75
CA ALA A 20 44.84 -10.09 8.58
C ALA A 20 44.15 -11.08 9.50
N TYR A 21 42.97 -10.69 9.97
CA TYR A 21 42.11 -11.56 10.77
C TYR A 21 40.73 -11.60 10.14
N LEU A 22 40.24 -12.80 9.88
CA LEU A 22 38.94 -13.01 9.24
C LEU A 22 38.01 -13.61 10.28
N LEU A 23 37.14 -12.78 10.85
CA LEU A 23 36.14 -13.23 11.81
C LEU A 23 34.90 -13.64 11.04
N LEU A 24 34.66 -14.96 10.95
CA LEU A 24 33.60 -15.48 10.10
C LEU A 24 32.73 -16.42 10.92
N GLY A 25 31.43 -16.18 10.91
CA GLY A 25 30.53 -16.99 11.69
C GLY A 25 29.11 -16.49 11.58
N ASN A 26 28.19 -17.30 12.08
CA ASN A 26 26.77 -16.95 12.15
C ASN A 26 26.34 -16.51 13.54
N ASP A 27 27.28 -16.35 14.46
CA ASP A 27 26.97 -16.03 15.86
C ASP A 27 27.44 -14.62 16.18
N PRO A 28 26.53 -13.68 16.43
CA PRO A 28 26.97 -12.32 16.77
C PRO A 28 27.84 -12.24 18.01
N LEU A 29 27.56 -13.06 19.03
CA LEU A 29 28.28 -12.94 20.29
C LEU A 29 29.75 -13.31 20.13
N LEU A 30 30.02 -14.47 19.54
CA LEU A 30 31.41 -14.91 19.42
C LEU A 30 32.19 -14.00 18.46
N LEU A 31 31.54 -13.53 17.39
CA LEU A 31 32.18 -12.59 16.50
C LEU A 31 32.55 -11.31 17.23
N GLN A 32 31.63 -10.77 18.02
CA GLN A 32 31.91 -9.54 18.75
C GLN A 32 32.99 -9.75 19.79
N GLU A 33 32.98 -10.90 20.48
CA GLU A 33 33.99 -11.17 21.49
C GLU A 33 35.37 -11.28 20.85
N SER A 34 35.47 -11.99 19.72
CA SER A 34 36.75 -12.10 19.03
C SER A 34 37.22 -10.74 18.54
N GLN A 35 36.31 -9.92 18.02
CA GLN A 35 36.67 -8.59 17.56
C GLN A 35 37.17 -7.72 18.71
N ASP A 36 36.49 -7.79 19.86
CA ASP A 36 36.91 -7.01 21.02
C ASP A 36 38.28 -7.46 21.50
N ALA A 37 38.53 -8.77 21.55
CA ALA A 37 39.84 -9.27 21.96
C ALA A 37 40.93 -8.82 21.00
N VAL A 38 40.66 -8.90 19.69
CA VAL A 38 41.64 -8.49 18.69
C VAL A 38 41.96 -7.01 18.84
N ARG A 39 40.92 -6.19 19.01
CA ARG A 39 41.14 -4.75 19.13
C ARG A 39 41.87 -4.41 20.43
N GLN A 40 41.55 -5.11 21.52
CA GLN A 40 42.24 -4.86 22.78
C GLN A 40 43.71 -5.20 22.67
N VAL A 41 44.03 -6.35 22.06
CA VAL A 41 45.43 -6.74 21.90
C VAL A 41 46.15 -5.76 20.98
N ALA A 42 45.49 -5.35 19.89
CA ALA A 42 46.11 -4.39 18.97
C ALA A 42 46.37 -3.06 19.66
N ALA A 43 45.44 -2.58 20.47
CA ALA A 43 45.66 -1.36 21.24
C ALA A 43 46.81 -1.52 22.21
N ALA A 44 46.96 -2.73 22.77
CA ALA A 44 48.11 -3.00 23.64
C ALA A 44 49.41 -2.92 22.86
N GLN A 45 49.40 -3.31 21.59
CA GLN A 45 50.60 -3.33 20.76
C GLN A 45 50.72 -2.08 19.88
N GLY A 46 50.09 -0.97 20.26
CA GLY A 46 50.29 0.30 19.62
C GLY A 46 49.21 0.72 18.64
N PHE A 47 48.37 -0.19 18.19
CA PHE A 47 47.33 0.14 17.22
C PHE A 47 46.26 0.98 17.92
N GLU A 48 46.34 2.30 17.74
CA GLU A 48 45.48 3.23 18.46
C GLU A 48 44.30 3.73 17.64
N GLU A 49 44.52 4.06 16.36
CA GLU A 49 43.47 4.62 15.52
C GLU A 49 42.66 3.48 14.90
N HIS A 50 41.35 3.49 15.13
CA HIS A 50 40.45 2.46 14.63
C HIS A 50 39.52 3.06 13.60
N HIS A 51 39.35 2.36 12.48
CA HIS A 51 38.45 2.78 11.42
C HIS A 51 37.50 1.64 11.09
N THR A 52 36.23 1.98 10.89
CA THR A 52 35.18 1.00 10.64
C THR A 52 34.47 1.34 9.33
N PHE A 53 34.19 0.31 8.54
CA PHE A 53 33.50 0.50 7.27
C PHE A 53 32.51 -0.64 7.06
N SER A 54 31.49 -0.36 6.26
CA SER A 54 30.48 -1.35 5.90
C SER A 54 30.57 -1.61 4.40
N ILE A 55 30.71 -2.88 4.03
CA ILE A 55 30.77 -3.23 2.62
C ILE A 55 29.38 -3.12 2.01
N ASP A 56 29.29 -2.44 0.88
CA ASP A 56 28.02 -2.05 0.29
C ASP A 56 28.29 -1.54 -1.12
N PRO A 57 27.39 -1.77 -2.09
CA PRO A 57 27.48 -1.05 -3.36
C PRO A 57 27.53 0.47 -3.20
N ASN A 58 27.21 0.96 -2.00
CA ASN A 58 27.32 2.37 -1.67
C ASN A 58 28.61 2.69 -0.90
N THR A 59 29.54 1.75 -0.80
CA THR A 59 30.77 1.98 -0.07
C THR A 59 31.73 2.83 -0.89
N ASP A 60 32.22 3.91 -0.28
CA ASP A 60 33.23 4.76 -0.90
C ASP A 60 34.57 4.05 -0.79
N TRP A 61 34.81 3.15 -1.76
CA TRP A 61 36.00 2.31 -1.71
C TRP A 61 37.27 3.14 -1.79
N ASN A 62 37.26 4.19 -2.62
CA ASN A 62 38.44 5.03 -2.77
C ASN A 62 38.94 5.56 -1.43
N ALA A 63 38.00 5.92 -0.55
CA ALA A 63 38.40 6.37 0.78
C ALA A 63 39.11 5.26 1.55
N ILE A 64 38.61 4.03 1.45
CA ILE A 64 39.22 2.90 2.14
C ILE A 64 40.64 2.67 1.62
N PHE A 65 40.80 2.69 0.30
CA PHE A 65 42.12 2.47 -0.28
C PHE A 65 43.09 3.59 0.11
N SER A 66 42.62 4.84 0.08
CA SER A 66 43.47 5.95 0.48
C SER A 66 43.88 5.84 1.94
N LEU A 67 42.94 5.51 2.81
CA LEU A 67 43.25 5.33 4.23
C LEU A 67 44.27 4.21 4.43
N CYS A 68 44.12 3.11 3.68
CA CYS A 68 45.11 2.04 3.73
C CYS A 68 46.45 2.47 3.16
N GLN A 69 46.47 3.52 2.35
CA GLN A 69 47.71 3.99 1.74
C GLN A 69 48.19 5.33 2.28
N ALA A 70 47.51 5.90 3.28
CA ALA A 70 47.88 7.19 3.84
C ALA A 70 48.34 7.02 5.28
N MET A 71 49.42 7.71 5.63
CA MET A 71 49.91 7.74 6.99
C MET A 71 49.19 8.81 7.78
N SER A 72 49.04 8.57 9.08
CA SER A 72 48.37 9.50 9.98
C SER A 72 49.41 10.30 10.75
N LEU A 73 49.03 11.52 11.11
CA LEU A 73 49.92 12.37 11.90
C LEU A 73 50.19 11.77 13.26
N PHE A 74 49.17 11.20 13.89
CA PHE A 74 49.29 10.55 15.20
C PHE A 74 48.93 9.09 15.07
N ALA A 75 49.65 8.24 15.81
CA ALA A 75 49.35 6.82 15.92
C ALA A 75 49.33 6.15 14.54
N SER A 76 50.52 6.08 13.95
CA SER A 76 50.66 5.59 12.59
C SER A 76 50.05 4.20 12.41
N ARG A 77 50.06 3.38 13.45
CA ARG A 77 49.42 2.07 13.38
C ARG A 77 47.91 2.24 13.18
N GLN A 78 47.35 1.50 12.24
CA GLN A 78 45.94 1.62 11.90
C GLN A 78 45.28 0.25 11.85
N THR A 79 44.00 0.20 12.22
CA THR A 79 43.20 -1.01 12.14
C THR A 79 42.03 -0.75 11.20
N LEU A 80 41.89 -1.61 10.19
CA LEU A 80 40.80 -1.51 9.24
C LEU A 80 39.78 -2.60 9.53
N LEU A 81 38.50 -2.22 9.56
CA LEU A 81 37.41 -3.14 9.83
C LEU A 81 36.40 -3.09 8.70
N LEU A 82 35.92 -4.26 8.28
CA LEU A 82 34.90 -4.37 7.26
C LEU A 82 33.80 -5.29 7.74
N LEU A 83 32.57 -5.00 7.32
CA LEU A 83 31.40 -5.80 7.65
C LEU A 83 30.87 -6.44 6.37
N LEU A 84 31.04 -7.75 6.25
CA LEU A 84 30.60 -8.46 5.07
C LEU A 84 29.08 -8.44 4.96
N PRO A 85 28.54 -8.40 3.75
CA PRO A 85 27.08 -8.49 3.58
C PRO A 85 26.60 -9.91 3.84
N GLU A 86 25.27 -10.05 3.93
CA GLU A 86 24.68 -11.35 4.16
C GLU A 86 24.96 -12.32 3.03
N ASN A 87 25.26 -11.81 1.83
CA ASN A 87 25.61 -12.65 0.69
C ASN A 87 27.09 -12.97 0.63
N GLY A 88 27.90 -12.41 1.53
CA GLY A 88 29.32 -12.58 1.49
C GLY A 88 29.97 -11.66 0.47
N PRO A 89 31.23 -11.93 0.12
CA PRO A 89 31.94 -11.09 -0.85
C PRO A 89 31.55 -11.47 -2.28
N ASN A 90 30.88 -10.54 -2.96
CA ASN A 90 30.50 -10.74 -4.34
C ASN A 90 31.75 -10.70 -5.24
N ALA A 91 31.54 -11.00 -6.52
CA ALA A 91 32.66 -11.04 -7.47
C ALA A 91 33.34 -9.68 -7.56
N ALA A 92 32.55 -8.60 -7.69
CA ALA A 92 33.12 -7.27 -7.61
C ALA A 92 33.74 -7.01 -6.25
N ILE A 93 33.06 -7.45 -5.19
CA ILE A 93 33.63 -7.34 -3.85
C ILE A 93 34.87 -8.21 -3.72
N ASN A 94 34.90 -9.37 -4.39
CA ASN A 94 36.10 -10.20 -4.38
C ASN A 94 37.27 -9.47 -5.03
N GLU A 95 37.03 -8.79 -6.15
CA GLU A 95 38.08 -8.01 -6.78
C GLU A 95 38.52 -6.85 -5.89
N GLN A 96 37.57 -6.20 -5.22
CA GLN A 96 37.92 -5.13 -4.29
C GLN A 96 38.79 -5.64 -3.16
N LEU A 97 38.46 -6.82 -2.62
CA LEU A 97 39.27 -7.40 -1.56
C LEU A 97 40.66 -7.81 -2.07
N LEU A 98 40.73 -8.27 -3.32
CA LEU A 98 42.04 -8.57 -3.90
C LEU A 98 42.89 -7.31 -4.01
N THR A 99 42.28 -6.21 -4.46
CA THR A 99 43.01 -4.94 -4.53
C THR A 99 43.44 -4.48 -3.15
N LEU A 100 42.57 -4.66 -2.15
CA LEU A 100 42.93 -4.31 -0.78
C LEU A 100 44.10 -5.14 -0.28
N THR A 101 44.10 -6.44 -0.59
CA THR A 101 45.23 -7.29 -0.23
C THR A 101 46.50 -6.85 -0.94
N GLY A 102 46.38 -6.36 -2.17
CA GLY A 102 47.55 -5.85 -2.86
C GLY A 102 48.18 -4.67 -2.15
N LEU A 103 47.35 -3.82 -1.53
CA LEU A 103 47.83 -2.66 -0.79
C LEU A 103 48.05 -2.95 0.69
N LEU A 104 47.88 -4.20 1.12
CA LEU A 104 48.11 -4.55 2.52
C LEU A 104 49.55 -4.23 2.92
N HIS A 105 49.72 -3.63 4.08
CA HIS A 105 51.02 -3.17 4.55
C HIS A 105 51.25 -3.67 5.97
N ASP A 106 52.53 -3.68 6.36
CA ASP A 106 52.91 -4.17 7.69
C ASP A 106 52.26 -3.35 8.79
N ASP A 107 52.26 -2.03 8.64
CA ASP A 107 51.75 -1.15 9.69
C ASP A 107 50.22 -1.15 9.78
N LEU A 108 49.54 -1.78 8.84
CA LEU A 108 48.08 -1.81 8.81
C LEU A 108 47.59 -3.20 9.22
N LEU A 109 46.65 -3.22 10.15
CA LEU A 109 46.00 -4.45 10.60
C LEU A 109 44.57 -4.47 10.09
N LEU A 110 44.17 -5.58 9.49
CA LEU A 110 42.87 -5.69 8.84
C LEU A 110 42.01 -6.70 9.58
N ILE A 111 40.75 -6.34 9.82
CA ILE A 111 39.78 -7.21 10.47
C ILE A 111 38.55 -7.30 9.57
N VAL A 112 38.04 -8.51 9.38
CA VAL A 112 36.86 -8.75 8.58
C VAL A 112 35.82 -9.45 9.45
N ARG A 113 34.61 -8.89 9.46
CA ARG A 113 33.49 -9.46 10.21
C ARG A 113 32.34 -9.73 9.24
N GLY A 114 31.74 -10.91 9.35
CA GLY A 114 30.63 -11.25 8.50
C GLY A 114 30.19 -12.68 8.73
N ASN A 115 29.27 -13.12 7.86
CA ASN A 115 28.74 -14.47 7.96
C ASN A 115 29.78 -15.49 7.48
N LYS A 116 29.39 -16.76 7.47
CA LYS A 116 30.29 -17.83 7.08
C LYS A 116 30.76 -17.64 5.64
N LEU A 117 31.94 -18.18 5.34
CA LEU A 117 32.46 -18.17 3.98
C LEU A 117 32.03 -19.46 3.27
N SER A 118 31.33 -19.29 2.15
CA SER A 118 31.00 -20.42 1.29
C SER A 118 32.19 -20.75 0.39
N LYS A 119 32.24 -22.02 -0.04
CA LYS A 119 33.43 -22.54 -0.71
C LYS A 119 33.88 -21.63 -1.85
N ALA A 120 32.94 -21.17 -2.66
CA ALA A 120 33.26 -20.27 -3.77
C ALA A 120 33.92 -18.99 -3.26
N GLN A 121 33.49 -18.51 -2.09
CA GLN A 121 34.00 -17.25 -1.57
C GLN A 121 35.49 -17.34 -1.25
N GLU A 122 35.92 -18.42 -0.57
CA GLU A 122 37.35 -18.53 -0.30
C GLU A 122 38.10 -19.07 -1.51
N ASN A 123 37.40 -19.60 -2.52
CA ASN A 123 38.07 -19.99 -3.76
C ASN A 123 38.74 -18.79 -4.42
N ALA A 124 38.12 -17.61 -4.30
CA ALA A 124 38.67 -16.40 -4.89
C ALA A 124 40.08 -16.13 -4.36
N ALA A 125 40.96 -15.69 -5.26
CA ALA A 125 42.38 -15.66 -5.00
C ALA A 125 42.76 -14.77 -3.82
N TRP A 126 42.00 -13.70 -3.59
CA TRP A 126 42.32 -12.79 -2.49
C TRP A 126 42.32 -13.52 -1.16
N PHE A 127 41.43 -14.50 -1.00
CA PHE A 127 41.40 -15.28 0.23
C PHE A 127 42.73 -16.00 0.45
N THR A 128 43.28 -16.60 -0.62
CA THR A 128 44.55 -17.31 -0.50
C THR A 128 45.70 -16.33 -0.28
N ALA A 129 45.62 -15.16 -0.91
CA ALA A 129 46.64 -14.13 -0.73
C ALA A 129 46.69 -13.71 0.73
N LEU A 130 45.52 -13.57 1.35
CA LEU A 130 45.46 -13.30 2.79
C LEU A 130 45.97 -14.49 3.59
N ALA A 131 45.53 -15.70 3.22
CA ALA A 131 45.87 -16.91 3.97
C ALA A 131 47.36 -17.19 3.95
N ASN A 132 48.10 -16.61 3.01
CA ASN A 132 49.55 -16.72 3.03
C ASN A 132 50.12 -16.28 4.37
N ARG A 133 49.52 -15.25 4.98
CA ARG A 133 49.83 -14.86 6.36
C ARG A 133 48.62 -14.16 6.94
N SER A 134 47.82 -14.89 7.72
CA SER A 134 46.63 -14.35 8.36
C SER A 134 46.09 -15.41 9.32
N VAL A 135 45.02 -15.05 10.03
CA VAL A 135 44.34 -15.97 10.93
C VAL A 135 42.83 -15.85 10.69
N GLN A 136 42.16 -16.99 10.63
CA GLN A 136 40.73 -17.06 10.46
C GLN A 136 40.09 -17.61 11.73
N VAL A 137 38.95 -17.06 12.11
CA VAL A 137 38.27 -17.43 13.34
C VAL A 137 36.84 -17.84 13.01
N THR A 138 36.52 -19.10 13.26
CA THR A 138 35.19 -19.65 12.99
C THR A 138 34.32 -19.47 14.23
N CYS A 139 33.44 -18.47 14.20
CA CYS A 139 32.51 -18.21 15.30
C CYS A 139 31.15 -18.79 14.93
N GLN A 140 31.05 -20.12 15.00
CA GLN A 140 29.82 -20.82 14.67
C GLN A 140 29.07 -21.18 15.94
N THR A 141 27.76 -20.98 15.92
CA THR A 141 26.94 -21.24 17.08
C THR A 141 26.96 -22.73 17.42
N PRO A 142 27.24 -23.10 18.67
CA PRO A 142 27.17 -24.52 19.05
C PRO A 142 25.76 -25.06 18.89
N GLU A 143 25.68 -26.34 18.54
CA GLU A 143 24.40 -26.98 18.32
C GLU A 143 23.69 -27.20 19.65
N GLN A 144 22.55 -27.88 19.58
CA GLN A 144 21.75 -28.11 20.79
C GLN A 144 22.52 -28.93 21.82
N ALA A 145 23.21 -29.97 21.37
CA ALA A 145 23.94 -30.83 22.30
C ALA A 145 25.13 -30.09 22.92
N GLN A 146 25.82 -29.27 22.14
CA GLN A 146 27.03 -28.60 22.61
C GLN A 146 26.75 -27.38 23.48
N LEU A 147 25.50 -26.94 23.55
CA LEU A 147 25.19 -25.73 24.32
C LEU A 147 25.48 -25.86 25.81
N PRO A 148 25.04 -26.92 26.50
CA PRO A 148 25.31 -26.97 27.97
C PRO A 148 26.78 -26.92 28.32
N ARG A 149 27.64 -27.58 27.54
CA ARG A 149 29.07 -27.55 27.85
C ARG A 149 29.62 -26.14 27.72
N TRP A 150 29.24 -25.43 26.65
CA TRP A 150 29.71 -24.06 26.46
C TRP A 150 29.19 -23.15 27.56
N VAL A 151 27.92 -23.31 27.96
CA VAL A 151 27.36 -22.48 29.02
C VAL A 151 28.09 -22.73 30.33
N ALA A 152 28.34 -23.99 30.66
CA ALA A 152 29.07 -24.30 31.89
C ALA A 152 30.49 -23.75 31.84
N ALA A 153 31.16 -23.87 30.69
CA ALA A 153 32.51 -23.35 30.57
C ALA A 153 32.55 -21.84 30.77
N ARG A 154 31.61 -21.12 30.15
CA ARG A 154 31.56 -19.67 30.35
C ARG A 154 31.23 -19.31 31.79
N ALA A 155 30.34 -20.09 32.42
CA ALA A 155 30.00 -19.83 33.82
C ALA A 155 31.22 -20.00 34.72
N LYS A 156 32.02 -21.05 34.48
CA LYS A 156 33.25 -21.22 35.23
C LYS A 156 34.23 -20.10 34.93
N GLN A 157 34.26 -19.63 33.68
CA GLN A 157 35.10 -18.49 33.34
C GLN A 157 34.67 -17.24 34.07
N LEU A 158 33.35 -17.03 34.18
CA LEU A 158 32.82 -15.82 34.83
C LEU A 158 32.77 -15.95 36.34
N ASN A 159 33.20 -17.08 36.91
CA ASN A 159 33.30 -17.28 38.35
C ASN A 159 31.91 -17.22 39.01
N LEU A 160 31.02 -18.08 38.53
CA LEU A 160 29.71 -18.27 39.15
C LEU A 160 29.34 -19.75 39.05
N GLU A 161 28.68 -20.25 40.09
CA GLU A 161 28.35 -21.67 40.18
C GLU A 161 26.99 -21.93 39.55
N LEU A 162 26.96 -22.82 38.56
CA LEU A 162 25.73 -23.24 37.91
C LEU A 162 25.54 -24.73 38.14
N ASP A 163 24.31 -25.11 38.49
CA ASP A 163 23.98 -26.53 38.63
C ASP A 163 23.45 -27.04 37.30
N ASP A 164 23.00 -28.30 37.29
CA ASP A 164 22.45 -28.87 36.05
C ASP A 164 21.11 -28.23 35.70
N ALA A 165 20.29 -27.95 36.72
CA ALA A 165 18.94 -27.44 36.46
C ALA A 165 18.99 -26.04 35.83
N ALA A 166 19.79 -25.15 36.40
CA ALA A 166 19.90 -23.80 35.84
C ALA A 166 20.49 -23.82 34.44
N ASN A 167 21.50 -24.67 34.22
CA ASN A 167 22.06 -24.82 32.88
C ASN A 167 21.02 -25.31 31.89
N GLN A 168 20.20 -26.29 32.30
CA GLN A 168 19.15 -26.79 31.43
C GLN A 168 18.13 -25.70 31.11
N VAL A 169 17.76 -24.91 32.12
CA VAL A 169 16.80 -23.83 31.90
C VAL A 169 17.36 -22.80 30.93
N LEU A 170 18.62 -22.42 31.12
CA LEU A 170 19.24 -21.44 30.23
C LEU A 170 19.36 -21.97 28.81
N CYS A 171 19.69 -23.25 28.66
CA CYS A 171 19.77 -23.86 27.33
C CYS A 171 18.40 -23.91 26.67
N TYR A 172 17.36 -24.21 27.45
CA TYR A 172 16.01 -24.32 26.88
C TYR A 172 15.44 -22.96 26.52
N CYS A 173 15.82 -21.90 27.25
CA CYS A 173 15.24 -20.59 27.00
C CYS A 173 16.03 -19.75 26.02
N TYR A 174 17.35 -19.98 25.90
CA TYR A 174 18.20 -19.22 24.98
C TYR A 174 18.95 -20.23 24.11
N GLU A 175 18.34 -20.61 22.99
CA GLU A 175 18.97 -21.49 22.02
C GLU A 175 19.10 -20.73 20.70
N GLY A 176 20.31 -20.68 20.16
CA GLY A 176 20.57 -19.86 18.99
C GLY A 176 20.60 -18.38 19.27
N ASN A 177 20.60 -17.97 20.53
CA ASN A 177 20.58 -16.58 20.96
C ASN A 177 21.63 -16.35 22.03
N LEU A 178 22.86 -16.80 21.75
CA LEU A 178 23.91 -16.77 22.76
C LEU A 178 24.17 -15.37 23.29
N LEU A 179 23.90 -14.34 22.48
CA LEU A 179 24.02 -12.97 22.97
C LEU A 179 23.11 -12.76 24.17
N ALA A 180 21.83 -13.11 24.03
CA ALA A 180 20.91 -13.02 25.15
C ALA A 180 21.32 -13.94 26.29
N LEU A 181 21.97 -15.07 25.96
CA LEU A 181 22.44 -15.96 27.02
C LEU A 181 23.50 -15.30 27.88
N ALA A 182 24.45 -14.60 27.25
CA ALA A 182 25.47 -13.89 28.03
C ALA A 182 24.85 -12.70 28.76
N GLN A 183 23.87 -12.03 28.15
CA GLN A 183 23.15 -10.99 28.88
C GLN A 183 22.51 -11.56 30.14
N ALA A 184 21.90 -12.73 30.03
CA ALA A 184 21.29 -13.37 31.20
C ALA A 184 22.34 -13.80 32.21
N LEU A 185 23.49 -14.29 31.75
CA LEU A 185 24.55 -14.67 32.68
C LEU A 185 25.03 -13.47 33.47
N GLU A 186 25.23 -12.34 32.78
CA GLU A 186 25.61 -11.10 33.47
C GLU A 186 24.51 -10.67 34.43
N ARG A 187 23.25 -10.76 34.00
CA ARG A 187 22.14 -10.36 34.85
C ARG A 187 22.09 -11.19 36.12
N LEU A 188 22.27 -12.51 36.00
CA LEU A 188 22.23 -13.38 37.17
C LEU A 188 23.45 -13.17 38.06
N SER A 189 24.62 -12.95 37.48
CA SER A 189 25.81 -12.69 38.29
C SER A 189 25.66 -11.40 39.07
N LEU A 190 25.11 -10.36 38.45
CA LEU A 190 24.95 -9.07 39.11
C LEU A 190 23.77 -9.07 40.09
N LEU A 191 22.74 -9.86 39.81
CA LEU A 191 21.58 -9.92 40.70
C LEU A 191 21.96 -10.52 42.05
N TRP A 192 22.66 -11.65 42.03
CA TRP A 192 23.09 -12.33 43.25
C TRP A 192 24.60 -12.49 43.21
N PRO A 193 25.37 -11.60 43.84
CA PRO A 193 26.83 -11.68 43.75
C PRO A 193 27.43 -12.80 44.59
N ASP A 194 26.57 -13.62 45.20
CA ASP A 194 27.05 -14.77 45.95
C ASP A 194 27.77 -15.77 45.07
N GLY A 195 27.45 -15.81 43.77
CA GLY A 195 28.09 -16.72 42.85
C GLY A 195 27.45 -18.09 42.76
N LYS A 196 26.46 -18.38 43.59
CA LYS A 196 25.76 -19.66 43.56
C LYS A 196 24.42 -19.47 42.87
N LEU A 197 24.19 -20.22 41.80
CA LEU A 197 22.97 -20.13 41.02
C LEU A 197 22.28 -21.48 41.01
N THR A 198 21.00 -21.48 41.37
CA THR A 198 20.21 -22.70 41.36
C THR A 198 18.90 -22.49 40.61
N LEU A 199 17.99 -23.46 40.67
CA LEU A 199 16.72 -23.34 39.97
C LEU A 199 15.89 -22.15 40.44
N PRO A 200 15.64 -21.94 41.75
CA PRO A 200 14.78 -20.81 42.14
C PRO A 200 15.35 -19.46 41.75
N ARG A 201 16.68 -19.29 41.77
CA ARG A 201 17.26 -18.00 41.43
C ARG A 201 17.17 -17.73 39.93
N VAL A 202 17.41 -18.75 39.11
CA VAL A 202 17.47 -18.55 37.66
C VAL A 202 16.09 -18.59 37.01
N GLU A 203 15.10 -19.20 37.65
CA GLU A 203 13.77 -19.27 37.05
C GLU A 203 13.05 -17.93 37.04
N GLN A 204 13.59 -16.91 37.72
CA GLN A 204 12.94 -15.61 37.78
C GLN A 204 13.34 -14.70 36.62
N ALA A 205 14.64 -14.54 36.38
CA ALA A 205 15.15 -13.54 35.46
C ALA A 205 15.54 -14.12 34.11
N VAL A 206 14.81 -15.12 33.62
CA VAL A 206 15.06 -15.73 32.32
C VAL A 206 13.76 -15.75 31.53
N ASN A 207 13.82 -15.24 30.30
CA ASN A 207 12.70 -15.26 29.38
C ASN A 207 13.01 -16.17 28.20
N ASP A 208 11.96 -16.49 27.44
CA ASP A 208 12.09 -17.43 26.31
C ASP A 208 12.32 -16.68 25.00
N ALA A 209 13.40 -15.92 24.96
CA ALA A 209 13.78 -15.16 23.77
C ALA A 209 14.72 -15.98 22.90
N ALA A 210 14.26 -17.16 22.52
CA ALA A 210 15.06 -18.04 21.67
C ALA A 210 14.95 -17.63 20.21
N HIS A 211 15.94 -18.05 19.43
CA HIS A 211 15.98 -17.80 18.00
C HIS A 211 16.18 -19.13 17.29
N PHE A 212 15.22 -19.50 16.45
CA PHE A 212 15.20 -20.81 15.82
C PHE A 212 15.14 -20.68 14.30
N THR A 213 15.28 -21.81 13.64
CA THR A 213 15.23 -21.95 12.19
C THR A 213 14.30 -23.10 11.85
N PRO A 214 13.75 -23.11 10.64
CA PRO A 214 12.87 -24.23 10.25
C PRO A 214 13.55 -25.59 10.34
N PHE A 215 14.86 -25.65 10.12
CA PHE A 215 15.56 -26.92 10.25
C PHE A 215 15.46 -27.48 11.65
N HIS A 216 15.46 -26.61 12.67
CA HIS A 216 15.29 -27.08 14.04
C HIS A 216 13.93 -27.76 14.21
N TRP A 217 12.87 -27.17 13.65
CA TRP A 217 11.54 -27.77 13.73
C TRP A 217 11.52 -29.11 13.02
N VAL A 218 12.12 -29.19 11.83
CA VAL A 218 12.11 -30.44 11.07
C VAL A 218 12.89 -31.53 11.81
N ASP A 219 14.05 -31.18 12.37
CA ASP A 219 14.82 -32.16 13.12
C ASP A 219 14.10 -32.58 14.39
N ALA A 220 13.38 -31.66 15.04
CA ALA A 220 12.59 -32.02 16.20
C ALA A 220 11.49 -33.01 15.82
N LEU A 221 10.84 -32.79 14.68
CA LEU A 221 9.86 -33.75 14.21
C LEU A 221 10.49 -35.10 13.89
N LEU A 222 11.67 -35.08 13.26
CA LEU A 222 12.34 -36.32 12.91
C LEU A 222 12.71 -37.12 14.15
N MET A 223 13.24 -36.45 15.17
CA MET A 223 13.61 -37.14 16.41
C MET A 223 12.40 -37.55 17.24
N GLY A 224 11.22 -37.04 16.93
CA GLY A 224 10.03 -37.38 17.67
C GLY A 224 9.77 -36.55 18.91
N LYS A 225 10.52 -35.49 19.13
CA LYS A 225 10.32 -34.62 20.28
C LYS A 225 9.19 -33.66 19.96
N SER A 226 7.97 -34.01 20.40
CA SER A 226 6.80 -33.18 20.10
C SER A 226 6.85 -31.86 20.85
N LYS A 227 7.26 -31.90 22.12
CA LYS A 227 7.31 -30.67 22.91
C LYS A 227 8.33 -29.69 22.34
N ARG A 228 9.50 -30.18 21.97
CA ARG A 228 10.52 -29.32 21.35
C ARG A 228 10.02 -28.77 20.01
N ALA A 229 9.34 -29.61 19.22
CA ALA A 229 8.81 -29.15 17.95
C ALA A 229 7.78 -28.04 18.15
N LEU A 230 6.90 -28.21 19.14
CA LEU A 230 5.91 -27.17 19.41
C LEU A 230 6.58 -25.89 19.90
N HIS A 231 7.61 -26.01 20.73
CA HIS A 231 8.34 -24.84 21.19
C HIS A 231 8.96 -24.09 20.01
N ILE A 232 9.60 -24.83 19.11
CA ILE A 232 10.22 -24.21 17.94
C ILE A 232 9.18 -23.55 17.07
N LEU A 233 8.05 -24.22 16.87
CA LEU A 233 6.98 -23.67 16.03
C LEU A 233 6.43 -22.39 16.62
N GLN A 234 6.18 -22.36 17.93
CA GLN A 234 5.67 -21.15 18.56
C GLN A 234 6.69 -20.03 18.49
N GLN A 235 7.96 -20.34 18.72
CA GLN A 235 9.01 -19.31 18.64
C GLN A 235 9.12 -18.74 17.25
N LEU A 236 9.01 -19.60 16.22
CA LEU A 236 9.08 -19.13 14.85
C LEU A 236 7.88 -18.29 14.48
N ARG A 237 6.70 -18.66 14.97
CA ARG A 237 5.51 -17.82 14.73
C ARG A 237 5.67 -16.46 15.38
N LEU A 238 6.15 -16.42 16.63
CA LEU A 238 6.33 -15.15 17.31
C LEU A 238 7.40 -14.30 16.61
N GLU A 239 8.43 -14.95 16.07
CA GLU A 239 9.44 -14.23 15.31
C GLU A 239 8.83 -13.60 14.06
N GLY A 240 7.94 -14.30 13.40
CA GLY A 240 7.30 -13.82 12.19
C GLY A 240 7.76 -14.46 10.89
N SER A 241 8.45 -15.59 10.95
CA SER A 241 8.91 -16.25 9.74
C SER A 241 7.73 -16.70 8.89
N GLU A 242 7.93 -16.66 7.58
CA GLU A 242 6.85 -17.01 6.65
C GLU A 242 6.52 -18.50 6.76
N PRO A 243 5.26 -18.85 6.96
CA PRO A 243 4.90 -20.27 7.11
C PRO A 243 5.19 -21.11 5.88
N VAL A 244 5.26 -20.50 4.69
CA VAL A 244 5.56 -21.27 3.49
C VAL A 244 6.99 -21.81 3.55
N ILE A 245 7.90 -21.09 4.20
CA ILE A 245 9.25 -21.62 4.41
C ILE A 245 9.20 -22.91 5.22
N LEU A 246 8.41 -22.90 6.30
CA LEU A 246 8.24 -24.10 7.11
C LEU A 246 7.62 -25.22 6.28
N LEU A 247 6.62 -24.89 5.46
CA LEU A 247 5.96 -25.89 4.65
C LEU A 247 6.93 -26.56 3.69
N ARG A 248 7.75 -25.77 3.00
CA ARG A 248 8.72 -26.34 2.07
C ARG A 248 9.79 -27.15 2.80
N THR A 249 10.26 -26.64 3.93
CA THR A 249 11.32 -27.33 4.65
C THR A 249 10.83 -28.68 5.15
N LEU A 250 9.59 -28.74 5.64
CA LEU A 250 9.01 -30.01 6.02
C LEU A 250 8.70 -30.89 4.81
N GLN A 251 8.29 -30.28 3.69
CA GLN A 251 7.88 -31.07 2.54
C GLN A 251 9.04 -31.84 1.94
N ARG A 252 10.20 -31.20 1.81
CA ARG A 252 11.35 -31.92 1.26
C ARG A 252 11.64 -33.19 2.05
N GLU A 253 11.78 -33.04 3.36
CA GLU A 253 12.10 -34.18 4.21
C GLU A 253 10.96 -35.20 4.23
N LEU A 254 9.71 -34.74 4.27
CA LEU A 254 8.58 -35.66 4.32
C LEU A 254 8.50 -36.50 3.06
N LEU A 255 8.71 -35.88 1.90
CA LEU A 255 8.74 -36.63 0.64
C LEU A 255 9.88 -37.63 0.64
N LEU A 256 11.05 -37.23 1.14
CA LEU A 256 12.16 -38.19 1.24
C LEU A 256 11.81 -39.36 2.16
N LEU A 257 11.18 -39.07 3.29
CA LEU A 257 10.77 -40.13 4.21
C LEU A 257 9.75 -41.06 3.56
N VAL A 258 8.80 -40.51 2.81
CA VAL A 258 7.80 -41.34 2.14
C VAL A 258 8.47 -42.26 1.13
N ASN A 259 9.39 -41.70 0.32
CA ASN A 259 10.07 -42.51 -0.68
C ASN A 259 10.90 -43.61 -0.02
N LEU A 260 11.61 -43.28 1.06
CA LEU A 260 12.46 -44.27 1.70
C LEU A 260 11.65 -45.34 2.43
N LYS A 261 10.52 -44.96 3.01
CA LYS A 261 9.65 -45.96 3.61
C LYS A 261 9.07 -46.89 2.55
N ARG A 262 8.74 -46.34 1.38
CA ARG A 262 8.29 -47.19 0.28
C ARG A 262 9.40 -48.15 -0.16
N GLN A 263 10.63 -47.67 -0.22
CA GLN A 263 11.74 -48.49 -0.70
C GLN A 263 12.30 -49.44 0.35
N SER A 264 11.97 -49.24 1.63
CA SER A 264 12.55 -50.05 2.69
C SER A 264 12.12 -51.51 2.62
N ALA A 265 11.07 -51.83 1.87
CA ALA A 265 10.62 -53.21 1.75
C ALA A 265 11.56 -54.08 0.93
N HIS A 266 12.57 -53.49 0.27
CA HIS A 266 13.45 -54.25 -0.59
C HIS A 266 14.92 -54.02 -0.24
N THR A 267 15.24 -52.84 0.27
CA THR A 267 16.62 -52.49 0.58
C THR A 267 16.71 -51.88 1.97
N PRO A 268 17.73 -52.24 2.74
CA PRO A 268 17.90 -51.63 4.07
C PRO A 268 18.22 -50.15 3.97
N LEU A 269 17.92 -49.43 5.06
CA LEU A 269 18.10 -47.99 5.09
C LEU A 269 19.56 -47.57 4.90
N ARG A 270 20.52 -48.44 5.20
CA ARG A 270 21.92 -48.06 5.11
C ARG A 270 22.30 -47.69 3.67
N ALA A 271 21.86 -48.49 2.70
CA ALA A 271 22.13 -48.17 1.30
C ALA A 271 21.21 -47.06 0.78
N LEU A 272 19.98 -47.02 1.29
CA LEU A 272 19.03 -45.99 0.83
C LEU A 272 19.53 -44.59 1.18
N PHE A 273 20.09 -44.42 2.38
CA PHE A 273 20.63 -43.12 2.76
C PHE A 273 21.81 -42.73 1.88
N ASP A 274 22.69 -43.69 1.57
CA ASP A 274 23.81 -43.41 0.69
C ASP A 274 23.38 -43.13 -0.75
N LYS A 275 22.20 -43.61 -1.14
CA LYS A 275 21.70 -43.36 -2.49
C LYS A 275 21.46 -41.86 -2.72
N HIS A 276 20.89 -41.17 -1.73
CA HIS A 276 20.41 -39.81 -1.93
C HIS A 276 21.18 -38.77 -1.11
N ARG A 277 22.43 -39.06 -0.75
CA ARG A 277 23.33 -38.10 -0.10
C ARG A 277 22.70 -37.57 1.20
N VAL A 278 22.59 -38.49 2.16
CA VAL A 278 22.12 -38.18 3.50
C VAL A 278 23.32 -38.21 4.44
N TRP A 279 23.48 -37.14 5.22
CA TRP A 279 24.65 -36.99 6.08
C TRP A 279 24.47 -37.81 7.35
N GLN A 280 25.57 -37.96 8.10
CA GLN A 280 25.64 -38.94 9.18
C GLN A 280 24.61 -38.65 10.27
N ASN A 281 24.59 -37.41 10.79
CA ASN A 281 23.57 -37.07 11.77
C ASN A 281 22.18 -37.15 11.16
N ARG A 282 22.04 -36.67 9.93
CA ARG A 282 20.78 -36.82 9.21
C ARG A 282 20.47 -38.29 8.98
N ARG A 283 21.49 -39.11 8.72
CA ARG A 283 21.25 -40.54 8.56
C ARG A 283 20.67 -41.14 9.84
N GLY A 284 21.25 -40.81 10.99
CA GLY A 284 20.74 -41.34 12.24
C GLY A 284 19.32 -40.89 12.54
N MET A 285 19.06 -39.59 12.38
CA MET A 285 17.72 -39.07 12.64
C MET A 285 16.70 -39.70 11.68
N MET A 286 17.06 -39.81 10.40
CA MET A 286 16.15 -40.35 9.41
C MET A 286 15.90 -41.84 9.64
N GLY A 287 16.92 -42.58 10.05
CA GLY A 287 16.71 -43.98 10.40
C GLY A 287 15.78 -44.14 11.59
N GLU A 288 15.97 -43.31 12.62
CA GLU A 288 15.07 -43.35 13.76
C GLU A 288 13.63 -43.05 13.34
N ALA A 289 13.45 -42.02 12.51
CA ALA A 289 12.11 -41.67 12.05
C ALA A 289 11.48 -42.78 11.24
N LEU A 290 12.21 -43.30 10.24
CA LEU A 290 11.67 -44.36 9.40
C LEU A 290 11.35 -45.62 10.20
N ASN A 291 12.10 -45.88 11.28
CA ASN A 291 11.77 -47.01 12.12
C ASN A 291 10.57 -46.74 13.01
N ARG A 292 10.35 -45.48 13.40
CA ARG A 292 9.24 -45.14 14.28
C ARG A 292 8.02 -44.59 13.54
N LEU A 293 8.06 -44.53 12.21
CA LEU A 293 6.92 -44.10 11.41
C LEU A 293 6.48 -45.22 10.49
N SER A 294 5.15 -45.37 10.36
CA SER A 294 4.56 -46.32 9.44
C SER A 294 4.15 -45.62 8.15
N GLN A 295 3.50 -46.36 7.25
CA GLN A 295 3.04 -45.77 6.01
C GLN A 295 1.80 -44.91 6.23
N THR A 296 0.90 -45.34 7.11
CA THR A 296 -0.35 -44.60 7.34
C THR A 296 -0.06 -43.24 7.95
N GLN A 297 0.86 -43.17 8.91
CA GLN A 297 1.20 -41.89 9.53
C GLN A 297 1.78 -40.93 8.50
N LEU A 298 2.67 -41.43 7.62
CA LEU A 298 3.24 -40.57 6.59
C LEU A 298 2.17 -40.10 5.61
N ARG A 299 1.25 -40.99 5.23
CA ARG A 299 0.18 -40.59 4.32
C ARG A 299 -0.70 -39.51 4.94
N GLN A 300 -1.06 -39.68 6.21
CA GLN A 300 -1.87 -38.67 6.89
C GLN A 300 -1.10 -37.37 7.03
N ALA A 301 0.21 -37.44 7.28
CA ALA A 301 1.02 -36.24 7.33
C ALA A 301 1.01 -35.50 6.01
N VAL A 302 1.15 -36.23 4.90
CA VAL A 302 1.12 -35.60 3.59
C VAL A 302 -0.25 -35.02 3.31
N GLN A 303 -1.31 -35.70 3.73
CA GLN A 303 -2.67 -35.19 3.52
C GLN A 303 -2.88 -33.88 4.28
N LEU A 304 -2.46 -33.85 5.54
CA LEU A 304 -2.57 -32.61 6.32
C LEU A 304 -1.71 -31.52 5.72
N LEU A 305 -0.52 -31.87 5.23
CA LEU A 305 0.37 -30.88 4.63
C LEU A 305 -0.25 -30.26 3.38
N THR A 306 -0.86 -31.09 2.53
CA THR A 306 -1.46 -30.54 1.32
C THR A 306 -2.73 -29.75 1.64
N ARG A 307 -3.48 -30.16 2.68
CA ARG A 307 -4.62 -29.36 3.09
C ARG A 307 -4.18 -27.98 3.59
N THR A 308 -3.11 -27.94 4.39
CA THR A 308 -2.58 -26.67 4.85
C THR A 308 -2.07 -25.82 3.69
N GLU A 309 -1.40 -26.46 2.72
CA GLU A 309 -0.91 -25.74 1.55
C GLU A 309 -2.05 -25.14 0.75
N LEU A 310 -3.11 -25.91 0.54
CA LEU A 310 -4.27 -25.39 -0.18
C LEU A 310 -4.93 -24.25 0.58
N THR A 311 -5.03 -24.38 1.91
CA THR A 311 -5.60 -23.29 2.71
C THR A 311 -4.75 -22.02 2.58
N LEU A 312 -3.43 -22.18 2.59
CA LEU A 312 -2.55 -21.01 2.54
C LEU A 312 -2.57 -20.34 1.17
N LYS A 313 -2.57 -21.13 0.11
CA LYS A 313 -2.29 -20.57 -1.22
C LYS A 313 -3.52 -20.02 -1.92
N GLN A 314 -4.66 -20.71 -1.85
CA GLN A 314 -5.84 -20.26 -2.59
C GLN A 314 -6.87 -19.56 -1.73
N ASP A 315 -6.94 -19.87 -0.43
CA ASP A 315 -7.89 -19.22 0.46
C ASP A 315 -7.30 -18.03 1.20
N TYR A 316 -5.97 -17.91 1.21
CA TYR A 316 -5.28 -16.83 1.93
C TYR A 316 -5.68 -16.82 3.41
N GLY A 317 -5.92 -18.00 3.98
CA GLY A 317 -6.33 -18.09 5.36
C GLY A 317 -5.16 -17.96 6.32
N GLN A 318 -5.50 -17.67 7.58
CA GLN A 318 -4.52 -17.49 8.63
C GLN A 318 -4.51 -18.67 9.61
N SER A 319 -5.01 -19.83 9.19
CA SER A 319 -5.07 -21.00 10.06
C SER A 319 -3.89 -21.94 9.88
N VAL A 320 -2.91 -21.57 9.05
CA VAL A 320 -1.76 -22.44 8.83
C VAL A 320 -0.93 -22.58 10.09
N TRP A 321 -0.81 -21.50 10.87
CA TRP A 321 -0.03 -21.55 12.10
C TRP A 321 -0.61 -22.54 13.10
N ALA A 322 -1.92 -22.52 13.27
CA ALA A 322 -2.56 -23.49 14.15
C ALA A 322 -2.53 -24.90 13.56
N GLU A 323 -2.64 -25.00 12.23
CA GLU A 323 -2.70 -26.31 11.60
C GLU A 323 -1.35 -27.02 11.64
N LEU A 324 -0.25 -26.27 11.64
CA LEU A 324 1.07 -26.90 11.69
C LEU A 324 1.27 -27.68 12.98
N GLU A 325 0.59 -27.28 14.06
CA GLU A 325 0.60 -28.09 15.27
C GLU A 325 -0.02 -29.47 15.01
N GLY A 326 -0.94 -29.56 14.04
CA GLY A 326 -1.47 -30.85 13.67
C GLY A 326 -0.38 -31.79 13.16
N LEU A 327 0.47 -31.31 12.25
CA LEU A 327 1.61 -32.10 11.82
C LEU A 327 2.56 -32.38 12.97
N SER A 328 2.80 -31.36 13.81
CA SER A 328 3.71 -31.53 14.92
C SER A 328 3.27 -32.67 15.84
N LEU A 329 1.98 -32.77 16.10
CA LEU A 329 1.46 -33.82 16.95
C LEU A 329 1.17 -35.13 16.21
N LEU A 330 1.14 -35.09 14.88
CA LEU A 330 0.87 -36.31 14.11
C LEU A 330 2.14 -37.09 13.78
N LEU A 331 3.23 -36.40 13.47
CA LEU A 331 4.42 -37.10 13.01
C LEU A 331 5.09 -37.89 14.13
N CYS A 332 5.17 -37.31 15.34
CA CYS A 332 6.03 -37.89 16.36
C CYS A 332 5.59 -39.29 16.79
N HIS A 333 4.47 -39.39 17.51
CA HIS A 333 3.95 -40.70 17.86
C HIS A 333 2.43 -40.78 17.92
N LYS A 334 1.70 -39.71 17.60
CA LYS A 334 0.28 -39.64 17.92
C LYS A 334 -0.56 -39.48 16.67
N PRO A 335 -1.26 -40.52 16.23
CA PRO A 335 -2.21 -40.34 15.12
C PRO A 335 -3.31 -39.37 15.49
N LEU A 336 -3.76 -38.61 14.50
CA LEU A 336 -4.75 -37.56 14.70
C LEU A 336 -6.07 -37.95 14.04
N ALA A 337 -7.14 -37.28 14.46
CA ALA A 337 -8.48 -37.59 13.97
C ALA A 337 -8.57 -37.31 12.48
N ASP A 338 -9.46 -38.06 11.81
CA ASP A 338 -9.59 -37.97 10.36
C ASP A 338 -10.05 -36.58 9.93
N VAL A 339 -11.01 -36.00 10.67
CA VAL A 339 -11.59 -34.72 10.26
C VAL A 339 -10.55 -33.62 10.26
N PHE A 340 -9.52 -33.73 11.09
CA PHE A 340 -8.48 -32.71 11.18
C PHE A 340 -7.37 -32.92 10.16
N ILE A 341 -7.41 -34.01 9.40
CA ILE A 341 -6.40 -34.29 8.40
C ILE A 341 -6.93 -34.07 6.99
N ASP A 342 -8.19 -34.43 6.74
CA ASP A 342 -8.84 -34.16 5.46
C ASP A 342 -10.00 -33.18 5.62
N GLY A 343 -10.96 -33.49 6.49
CA GLY A 343 -12.12 -32.65 6.67
C GLY A 343 -13.39 -33.45 6.99
N GLY B 1 -8.23 20.09 33.68
CA GLY B 1 -8.01 21.46 34.10
C GLY B 1 -8.70 21.82 35.40
N PRO B 2 -10.02 21.99 35.36
CA PRO B 2 -10.76 22.37 36.56
C PRO B 2 -10.76 21.25 37.59
N HIS B 3 -10.33 21.58 38.82
CA HIS B 3 -10.37 20.70 39.98
C HIS B 3 -9.34 19.58 39.86
N MET B 4 -8.68 19.25 40.98
CA MET B 4 -7.51 18.37 40.94
C MET B 4 -7.80 17.00 40.37
N SER B 5 -9.07 16.57 40.36
CA SER B 5 -9.42 15.24 39.89
C SER B 5 -9.12 15.03 38.41
N TYR B 6 -8.86 16.10 37.65
CA TYR B 6 -8.61 15.95 36.22
C TYR B 6 -7.36 15.13 35.93
N GLN B 7 -6.45 15.02 36.90
CA GLN B 7 -5.21 14.29 36.67
C GLN B 7 -5.50 12.82 36.38
N VAL B 8 -5.06 12.36 35.21
CA VAL B 8 -5.30 10.99 34.80
C VAL B 8 -4.46 10.04 35.64
N LEU B 9 -5.08 8.95 36.11
CA LEU B 9 -4.36 8.00 36.94
C LEU B 9 -3.17 7.40 36.21
N ALA B 10 -3.21 7.33 34.88
CA ALA B 10 -2.06 6.88 34.11
C ALA B 10 -0.92 7.88 34.12
N ARG B 11 -1.15 9.11 34.59
CA ARG B 11 -0.12 10.14 34.62
C ARG B 11 0.25 10.55 36.03
N LYS B 12 -0.75 10.81 36.90
CA LYS B 12 -0.45 11.26 38.25
C LYS B 12 0.33 10.22 39.03
N TRP B 13 -0.09 8.96 38.95
CA TRP B 13 0.58 7.88 39.66
C TRP B 13 1.75 7.31 38.87
N ARG B 14 2.62 8.22 38.43
CA ARG B 14 3.88 7.83 37.82
C ARG B 14 4.89 7.53 38.91
N PRO B 15 5.51 6.34 38.92
CA PRO B 15 6.48 6.03 39.98
C PRO B 15 7.62 7.04 40.00
N GLN B 16 8.06 7.39 41.21
CA GLN B 16 9.13 8.35 41.40
C GLN B 16 10.35 7.79 42.11
N THR B 17 10.22 6.66 42.80
CA THR B 17 11.35 5.99 43.42
C THR B 17 11.27 4.51 43.08
N PHE B 18 12.42 3.84 43.17
CA PHE B 18 12.48 2.41 42.84
C PHE B 18 11.58 1.58 43.74
N ALA B 19 11.21 2.09 44.91
CA ALA B 19 10.27 1.38 45.77
C ALA B 19 8.83 1.47 45.28
N ASP B 20 8.56 2.27 44.26
CA ASP B 20 7.19 2.42 43.75
C ASP B 20 6.90 1.51 42.56
N VAL B 21 7.91 1.15 41.78
CA VAL B 21 7.71 0.18 40.71
C VAL B 21 7.44 -1.19 41.31
N VAL B 22 6.50 -1.92 40.71
CA VAL B 22 5.95 -3.13 41.30
C VAL B 22 5.99 -4.25 40.27
N GLY B 23 6.42 -5.44 40.72
CA GLY B 23 6.43 -6.61 39.87
C GLY B 23 7.63 -6.75 38.97
N GLN B 24 8.59 -5.83 39.05
CA GLN B 24 9.76 -5.87 38.18
C GLN B 24 11.03 -5.99 39.00
N GLU B 25 11.04 -6.91 39.98
CA GLU B 25 12.18 -7.04 40.86
C GLU B 25 13.44 -7.46 40.10
N HIS B 26 13.28 -8.35 39.10
CA HIS B 26 14.44 -8.87 38.39
C HIS B 26 15.19 -7.80 37.60
N VAL B 27 14.60 -6.63 37.37
CA VAL B 27 15.28 -5.51 36.76
C VAL B 27 15.65 -4.45 37.79
N LEU B 28 14.77 -4.20 38.76
CA LEU B 28 15.05 -3.20 39.78
C LEU B 28 16.28 -3.57 40.60
N THR B 29 16.36 -4.83 41.02
CA THR B 29 17.51 -5.27 41.81
C THR B 29 18.80 -5.19 40.99
N ALA B 30 18.72 -5.57 39.70
CA ALA B 30 19.90 -5.49 38.84
C ALA B 30 20.37 -4.05 38.69
N LEU B 31 19.44 -3.13 38.46
CA LEU B 31 19.83 -1.73 38.32
C LEU B 31 20.42 -1.20 39.62
N ALA B 32 19.81 -1.54 40.75
CA ALA B 32 20.32 -1.06 42.03
C ALA B 32 21.72 -1.58 42.30
N ASN B 33 21.93 -2.88 42.08
CA ASN B 33 23.25 -3.46 42.33
C ASN B 33 24.29 -2.89 41.37
N GLY B 34 23.92 -2.68 40.10
CA GLY B 34 24.86 -2.09 39.16
C GLY B 34 25.25 -0.67 39.55
N LEU B 35 24.26 0.13 39.96
CA LEU B 35 24.55 1.50 40.35
C LEU B 35 25.39 1.55 41.62
N SER B 36 25.11 0.67 42.59
CA SER B 36 25.82 0.72 43.86
C SER B 36 27.24 0.18 43.73
N LEU B 37 27.42 -0.92 43.00
CA LEU B 37 28.70 -1.61 42.91
C LEU B 37 29.62 -1.04 41.84
N GLY B 38 29.17 -0.04 41.09
CA GLY B 38 29.98 0.59 40.08
C GLY B 38 29.94 -0.05 38.71
N ARG B 39 29.39 -1.26 38.59
CA ARG B 39 29.25 -1.89 37.29
C ARG B 39 28.28 -1.10 36.43
N ILE B 40 28.70 -0.80 35.20
CA ILE B 40 27.89 0.02 34.31
C ILE B 40 28.21 -0.35 32.87
N HIS B 41 27.22 -0.21 32.00
CA HIS B 41 27.35 -0.49 30.58
C HIS B 41 27.21 0.81 29.80
N HIS B 42 27.66 0.78 28.54
CA HIS B 42 27.58 1.96 27.69
C HIS B 42 26.12 2.35 27.45
N ALA B 43 25.25 1.38 27.20
CA ALA B 43 23.85 1.66 26.93
C ALA B 43 22.98 0.61 27.60
N TYR B 44 21.76 1.00 27.95
CA TYR B 44 20.77 0.11 28.52
C TYR B 44 19.51 0.18 27.68
N LEU B 45 19.09 -0.97 27.15
CA LEU B 45 17.91 -1.08 26.30
C LEU B 45 16.81 -1.79 27.07
N PHE B 46 15.66 -1.15 27.19
CA PHE B 46 14.52 -1.72 27.89
C PHE B 46 13.52 -2.30 26.88
N SER B 47 12.83 -3.34 27.31
CA SER B 47 11.85 -3.97 26.44
C SER B 47 10.84 -4.74 27.28
N GLY B 48 9.72 -5.06 26.67
CA GLY B 48 8.70 -5.85 27.33
C GLY B 48 7.32 -5.49 26.83
N THR B 49 6.32 -5.86 27.63
CA THR B 49 4.93 -5.62 27.30
C THR B 49 4.61 -4.14 27.51
N ARG B 50 3.60 -3.66 26.79
CA ARG B 50 3.11 -2.29 26.93
C ARG B 50 2.72 -2.01 28.39
N GLY B 51 2.90 -0.76 28.80
CA GLY B 51 2.42 -0.33 30.10
C GLY B 51 2.93 -1.13 31.27
N VAL B 52 4.20 -1.53 31.22
CA VAL B 52 4.80 -2.30 32.29
C VAL B 52 5.76 -1.49 33.14
N GLY B 53 6.37 -0.45 32.58
CA GLY B 53 7.20 0.43 33.37
C GLY B 53 8.53 0.75 32.72
N LYS B 54 8.68 0.38 31.44
CA LYS B 54 9.95 0.60 30.75
C LYS B 54 10.31 2.08 30.74
N THR B 55 9.39 2.94 30.32
CA THR B 55 9.67 4.37 30.31
C THR B 55 9.80 4.91 31.74
N SER B 56 8.96 4.45 32.66
CA SER B 56 9.06 4.90 34.04
C SER B 56 10.40 4.50 34.66
N ILE B 57 10.82 3.24 34.44
CA ILE B 57 12.08 2.79 34.98
C ILE B 57 13.25 3.51 34.31
N ALA B 58 13.12 3.81 33.02
CA ALA B 58 14.16 4.59 32.35
C ALA B 58 14.28 5.99 32.94
N ARG B 59 13.15 6.63 33.23
CA ARG B 59 13.19 7.93 33.87
C ARG B 59 13.79 7.84 35.27
N LEU B 60 13.51 6.75 35.98
CA LEU B 60 14.11 6.55 37.29
C LEU B 60 15.62 6.37 37.20
N LEU B 61 16.08 5.65 36.17
CA LEU B 61 17.52 5.54 35.93
C LEU B 61 18.13 6.91 35.64
N ALA B 62 17.44 7.72 34.84
CA ALA B 62 17.93 9.06 34.54
C ALA B 62 18.01 9.90 35.81
N LYS B 63 17.02 9.76 36.71
CA LYS B 63 17.08 10.45 37.99
C LYS B 63 18.26 9.98 38.82
N GLY B 64 18.45 8.66 38.90
CA GLY B 64 19.51 8.13 39.74
C GLY B 64 20.90 8.48 39.26
N LEU B 65 21.12 8.43 37.94
CA LEU B 65 22.45 8.70 37.41
C LEU B 65 22.86 10.16 37.61
N ASN B 66 21.90 11.08 37.67
CA ASN B 66 22.18 12.51 37.65
C ASN B 66 21.77 13.19 38.95
N CYS B 67 22.06 12.58 40.09
CA CYS B 67 21.88 13.22 41.39
C CYS B 67 23.26 13.51 41.98
N GLU B 68 23.46 14.73 42.46
CA GLU B 68 24.78 15.15 42.94
C GLU B 68 25.17 14.46 44.24
N THR B 69 24.26 13.73 44.88
CA THR B 69 24.58 12.96 46.07
C THR B 69 25.19 11.60 45.75
N GLY B 70 25.75 11.45 44.57
CA GLY B 70 26.38 10.21 44.16
C GLY B 70 25.47 9.37 43.29
N ILE B 71 26.07 8.64 42.36
CA ILE B 71 25.34 7.73 41.49
C ILE B 71 24.74 6.62 42.35
N THR B 72 23.42 6.62 42.48
CA THR B 72 22.76 5.71 43.41
C THR B 72 21.40 5.30 42.85
N ALA B 73 20.94 4.14 43.30
CA ALA B 73 19.63 3.64 42.86
C ALA B 73 18.49 4.54 43.34
N THR B 74 18.57 5.02 44.57
CA THR B 74 17.49 5.79 45.16
C THR B 74 17.84 7.26 45.13
N PRO B 75 17.20 8.07 44.27
CA PRO B 75 17.45 9.51 44.30
C PRO B 75 16.69 10.19 45.43
N CYS B 76 17.27 11.28 45.92
CA CYS B 76 16.69 12.00 47.05
C CYS B 76 15.33 12.60 46.68
N GLY B 77 15.25 13.26 45.53
CA GLY B 77 14.05 13.96 45.13
C GLY B 77 13.87 15.34 45.72
N VAL B 78 14.84 15.81 46.52
CA VAL B 78 14.75 17.14 47.13
C VAL B 78 15.55 18.17 46.35
N CYS B 79 16.69 17.77 45.79
CA CYS B 79 17.61 18.70 45.15
C CYS B 79 17.03 19.21 43.83
N ASP B 80 17.80 20.06 43.16
CA ASP B 80 17.30 20.77 41.98
C ASP B 80 17.05 19.83 40.80
N ASN B 81 18.04 19.02 40.45
CA ASN B 81 17.93 18.25 39.21
C ASN B 81 16.96 17.08 39.34
N CYS B 82 16.85 16.50 40.54
CA CYS B 82 15.86 15.43 40.74
C CYS B 82 14.45 15.93 40.46
N ARG B 83 14.12 17.12 40.95
CA ARG B 83 12.82 17.70 40.66
C ARG B 83 12.72 18.15 39.21
N GLU B 84 13.81 18.70 38.67
CA GLU B 84 13.79 19.19 37.29
C GLU B 84 13.53 18.07 36.29
N ILE B 85 14.00 16.87 36.59
CA ILE B 85 13.76 15.73 35.70
C ILE B 85 12.27 15.42 35.62
N GLU B 86 11.59 15.44 36.76
CA GLU B 86 10.15 15.15 36.80
C GLU B 86 9.32 16.40 36.54
N GLN B 87 9.47 17.42 37.38
CA GLN B 87 8.75 18.68 37.20
C GLN B 87 9.57 19.60 36.31
N GLY B 88 8.96 20.07 35.24
CA GLY B 88 9.74 20.81 34.27
C GLY B 88 10.64 19.86 33.50
N ARG B 89 11.65 20.44 32.86
CA ARG B 89 12.60 19.68 32.06
C ARG B 89 14.01 19.87 32.59
N PHE B 90 14.80 18.80 32.54
CA PHE B 90 16.19 18.83 32.97
C PHE B 90 17.08 18.92 31.73
N VAL B 91 18.08 19.81 31.78
CA VAL B 91 18.87 20.12 30.59
C VAL B 91 19.64 18.89 30.13
N ASP B 92 20.27 18.17 31.06
CA ASP B 92 21.15 17.07 30.68
C ASP B 92 20.41 15.76 30.42
N LEU B 93 19.10 15.71 30.66
CA LEU B 93 18.29 14.55 30.29
C LEU B 93 17.62 14.87 28.96
N ILE B 94 18.00 14.16 27.91
CA ILE B 94 17.51 14.41 26.56
C ILE B 94 16.48 13.34 26.25
N GLU B 95 15.20 13.74 26.20
CA GLU B 95 14.10 12.83 25.93
C GLU B 95 13.70 12.97 24.47
N ILE B 96 13.84 11.88 23.71
CA ILE B 96 13.57 11.90 22.28
C ILE B 96 12.55 10.81 21.97
N ASP B 97 11.39 11.22 21.46
CA ASP B 97 10.41 10.27 20.94
C ASP B 97 10.90 9.86 19.55
N ALA B 98 11.52 8.68 19.48
CA ALA B 98 12.10 8.23 18.21
C ALA B 98 11.04 8.10 17.13
N ALA B 99 9.78 7.84 17.52
CA ALA B 99 8.71 7.76 16.54
C ALA B 99 8.48 9.11 15.86
N SER B 100 8.64 10.20 16.60
CA SER B 100 8.55 11.53 16.01
C SER B 100 9.79 11.92 15.22
N ARG B 101 10.92 11.27 15.48
CA ARG B 101 12.20 11.66 14.89
C ARG B 101 12.87 10.45 14.24
N THR B 102 12.12 9.72 13.42
CA THR B 102 12.66 8.52 12.79
C THR B 102 13.75 8.86 11.78
N LYS B 103 13.61 9.98 11.06
CA LYS B 103 14.54 10.31 10.00
C LYS B 103 15.93 10.56 10.55
N VAL B 104 16.94 10.23 9.74
CA VAL B 104 18.33 10.39 10.17
C VAL B 104 18.70 11.85 10.37
N GLU B 105 17.93 12.78 9.79
CA GLU B 105 18.24 14.19 9.92
C GLU B 105 18.05 14.71 11.33
N ASP B 106 17.42 13.93 12.21
CA ASP B 106 17.29 14.29 13.63
C ASP B 106 18.25 13.52 14.51
N THR B 107 18.46 12.22 14.25
CA THR B 107 19.44 11.47 15.00
C THR B 107 20.85 11.99 14.74
N ARG B 108 21.09 12.52 13.54
CA ARG B 108 22.38 13.15 13.26
C ARG B 108 22.62 14.33 14.19
N ASP B 109 21.61 15.17 14.36
CA ASP B 109 21.72 16.29 15.31
C ASP B 109 21.88 15.78 16.74
N LEU B 110 21.16 14.70 17.08
CA LEU B 110 21.26 14.15 18.42
C LEU B 110 22.68 13.69 18.73
N LEU B 111 23.30 12.96 17.80
CA LEU B 111 24.67 12.52 17.99
C LEU B 111 25.68 13.64 17.77
N ASP B 112 25.27 14.76 17.18
CA ASP B 112 26.10 15.96 17.22
C ASP B 112 26.02 16.65 18.57
N ASN B 113 25.06 16.26 19.41
CA ASN B 113 24.92 16.79 20.76
C ASN B 113 25.55 15.90 21.82
N VAL B 114 26.19 14.80 21.43
CA VAL B 114 26.81 13.90 22.39
C VAL B 114 28.24 14.32 22.73
N GLN B 115 28.93 15.04 21.84
CA GLN B 115 30.29 15.45 22.09
C GLN B 115 30.38 16.65 23.04
N TYR B 116 29.26 17.25 23.41
CA TYR B 116 29.26 18.40 24.30
C TYR B 116 29.16 17.95 25.75
N ALA B 117 29.89 18.62 26.62
CA ALA B 117 29.91 18.24 28.02
C ALA B 117 28.55 18.49 28.67
N PRO B 118 28.16 17.66 29.63
CA PRO B 118 26.89 17.89 30.33
C PRO B 118 26.94 19.16 31.16
N ALA B 119 25.77 19.77 31.33
CA ALA B 119 25.69 21.05 32.03
C ALA B 119 25.70 20.87 33.55
N ARG B 120 24.69 20.17 34.08
CA ARG B 120 24.54 20.02 35.52
C ARG B 120 25.05 18.68 36.03
N GLY B 121 24.49 17.57 35.53
CA GLY B 121 24.88 16.27 35.99
C GLY B 121 26.20 15.80 35.40
N ARG B 122 26.73 14.74 35.99
CA ARG B 122 27.98 14.17 35.48
C ARG B 122 27.76 13.41 34.18
N PHE B 123 26.67 12.65 34.10
CA PHE B 123 26.41 11.77 32.97
C PHE B 123 25.35 12.39 32.07
N LYS B 124 25.71 12.64 30.82
CA LYS B 124 24.72 13.04 29.82
C LYS B 124 23.82 11.87 29.51
N VAL B 125 22.53 11.99 29.84
CA VAL B 125 21.60 10.88 29.76
C VAL B 125 20.68 11.08 28.57
N TYR B 126 20.61 10.06 27.71
CA TYR B 126 19.71 10.03 26.57
C TYR B 126 18.61 9.00 26.83
N LEU B 127 17.36 9.43 26.72
CA LEU B 127 16.23 8.52 26.80
C LEU B 127 15.48 8.58 25.47
N ILE B 128 15.59 7.52 24.68
CA ILE B 128 14.97 7.44 23.38
C ILE B 128 13.81 6.47 23.48
N ASP B 129 12.59 6.98 23.34
CA ASP B 129 11.39 6.17 23.44
C ASP B 129 11.02 5.59 22.08
N GLU B 130 10.49 4.37 22.10
CA GLU B 130 10.07 3.66 20.89
C GLU B 130 11.20 3.61 19.87
N VAL B 131 12.33 3.02 20.31
CA VAL B 131 13.52 2.97 19.47
C VAL B 131 13.38 2.01 18.30
N HIS B 132 12.33 1.20 18.27
CA HIS B 132 12.16 0.24 17.20
C HIS B 132 11.57 0.85 15.93
N MET B 133 11.30 2.17 15.92
CA MET B 133 10.77 2.84 14.76
C MET B 133 11.77 3.76 14.06
N LEU B 134 13.02 3.79 14.52
CA LEU B 134 14.02 4.60 13.85
C LEU B 134 14.33 4.02 12.47
N SER B 135 14.68 4.91 11.54
CA SER B 135 15.01 4.48 10.19
C SER B 135 16.34 3.74 10.17
N ARG B 136 16.57 3.02 9.08
CA ARG B 136 17.78 2.21 8.97
C ARG B 136 19.04 3.07 8.99
N HIS B 137 19.02 4.21 8.29
CA HIS B 137 20.17 5.11 8.33
C HIS B 137 20.35 5.72 9.71
N SER B 138 19.24 6.04 10.38
CA SER B 138 19.33 6.51 11.75
C SER B 138 19.91 5.42 12.65
N PHE B 139 19.57 4.16 12.38
CA PHE B 139 20.18 3.07 13.14
C PHE B 139 21.67 2.97 12.89
N ASN B 140 22.09 3.17 11.63
CA ASN B 140 23.52 3.20 11.34
C ASN B 140 24.22 4.30 12.11
N ALA B 141 23.62 5.50 12.14
CA ALA B 141 24.20 6.60 12.88
C ALA B 141 24.28 6.31 14.38
N LEU B 142 23.21 5.72 14.93
CA LEU B 142 23.21 5.39 16.35
C LEU B 142 24.27 4.34 16.67
N LEU B 143 24.44 3.35 15.79
CA LEU B 143 25.49 2.37 15.99
C LEU B 143 26.86 3.02 15.93
N LYS B 144 27.07 3.94 15.00
CA LYS B 144 28.34 4.64 14.92
C LYS B 144 28.63 5.40 16.21
N THR B 145 27.60 6.03 16.78
CA THR B 145 27.79 6.71 18.05
C THR B 145 28.08 5.72 19.18
N LEU B 146 27.37 4.60 19.22
CA LEU B 146 27.54 3.63 20.29
C LEU B 146 28.86 2.88 20.20
N GLU B 147 29.52 2.88 19.04
CA GLU B 147 30.78 2.15 18.90
C GLU B 147 31.84 2.70 19.84
N GLU B 148 31.96 4.02 19.92
CA GLU B 148 32.92 4.67 20.82
C GLU B 148 32.17 5.74 21.62
N PRO B 149 31.47 5.33 22.67
CA PRO B 149 30.72 6.31 23.47
C PRO B 149 31.64 7.02 24.45
N PRO B 150 31.57 8.34 24.51
CA PRO B 150 32.36 9.07 25.51
C PRO B 150 31.89 8.72 26.92
N GLU B 151 32.81 8.82 27.87
CA GLU B 151 32.56 8.38 29.24
C GLU B 151 31.50 9.20 29.96
N HIS B 152 31.13 10.37 29.43
CA HIS B 152 30.16 11.23 30.08
C HIS B 152 28.73 11.02 29.58
N VAL B 153 28.49 10.07 28.69
CA VAL B 153 27.17 9.82 28.13
C VAL B 153 26.81 8.35 28.32
N LYS B 154 25.53 8.10 28.61
CA LYS B 154 25.01 6.75 28.71
C LYS B 154 23.60 6.75 28.14
N PHE B 155 23.34 5.84 27.19
CA PHE B 155 22.09 5.82 26.46
C PHE B 155 21.04 4.99 27.20
N LEU B 156 19.77 5.31 26.93
CA LEU B 156 18.65 4.57 27.45
C LEU B 156 17.60 4.48 26.35
N LEU B 157 17.38 3.29 25.82
CA LEU B 157 16.41 3.06 24.76
C LEU B 157 15.28 2.20 25.31
N ALA B 158 14.05 2.68 25.15
CA ALA B 158 12.86 1.96 25.59
C ALA B 158 12.01 1.63 24.37
N THR B 159 11.57 0.37 24.29
CA THR B 159 10.80 -0.08 23.14
C THR B 159 9.90 -1.23 23.54
N THR B 160 8.88 -1.48 22.72
CA THR B 160 7.95 -2.58 22.93
C THR B 160 8.25 -3.80 22.07
N ASP B 161 8.77 -3.59 20.85
CA ASP B 161 9.08 -4.67 19.92
C ASP B 161 10.59 -4.73 19.74
N PRO B 162 11.29 -5.59 20.50
CA PRO B 162 12.75 -5.64 20.37
C PRO B 162 13.23 -6.33 19.10
N GLN B 163 12.38 -7.12 18.45
CA GLN B 163 12.81 -7.89 17.28
C GLN B 163 13.16 -7.00 16.10
N LYS B 164 12.65 -5.77 16.06
CA LYS B 164 12.90 -4.89 14.93
C LYS B 164 14.25 -4.20 14.98
N LEU B 165 14.92 -4.21 16.13
CA LEU B 165 16.20 -3.52 16.25
C LEU B 165 17.30 -4.30 15.54
N PRO B 166 18.31 -3.61 15.01
CA PRO B 166 19.47 -4.31 14.44
C PRO B 166 20.17 -5.13 15.52
N VAL B 167 20.71 -6.28 15.10
CA VAL B 167 21.39 -7.16 16.04
C VAL B 167 22.64 -6.48 16.59
N THR B 168 23.26 -5.60 15.81
CA THR B 168 24.45 -4.90 16.27
C THR B 168 24.14 -3.86 17.33
N ILE B 169 22.88 -3.42 17.43
CA ILE B 169 22.48 -2.55 18.53
C ILE B 169 22.17 -3.37 19.78
N LEU B 170 21.50 -4.51 19.60
CA LEU B 170 21.24 -5.40 20.73
C LEU B 170 22.54 -5.91 21.33
N SER B 171 23.58 -6.09 20.51
CA SER B 171 24.83 -6.66 21.00
C SER B 171 25.52 -5.73 21.98
N ARG B 172 25.40 -4.42 21.81
CA ARG B 172 26.07 -3.46 22.67
C ARG B 172 25.17 -2.92 23.77
N CYS B 173 23.93 -3.41 23.88
CA CYS B 173 22.99 -2.95 24.89
C CYS B 173 22.61 -4.13 25.78
N LEU B 174 22.64 -3.90 27.09
CA LEU B 174 22.26 -4.92 28.07
C LEU B 174 20.76 -4.84 28.25
N GLN B 175 20.04 -5.60 27.43
CA GLN B 175 18.58 -5.50 27.39
C GLN B 175 17.97 -5.99 28.70
N PHE B 176 17.04 -5.21 29.24
CA PHE B 176 16.22 -5.59 30.37
C PHE B 176 14.81 -5.90 29.86
N HIS B 177 14.40 -7.15 29.99
CA HIS B 177 13.09 -7.60 29.54
C HIS B 177 12.15 -7.63 30.74
N LEU B 178 11.04 -6.91 30.64
CA LEU B 178 10.08 -6.78 31.73
C LEU B 178 8.89 -7.69 31.44
N LYS B 179 8.62 -8.60 32.36
CA LYS B 179 7.50 -9.52 32.20
C LYS B 179 6.19 -8.83 32.50
N ALA B 180 5.11 -9.34 31.89
CA ALA B 180 3.79 -8.79 32.13
C ALA B 180 3.41 -8.98 33.59
N LEU B 181 2.80 -7.94 34.16
CA LEU B 181 2.47 -7.97 35.58
C LEU B 181 1.45 -9.05 35.88
N ASP B 182 1.62 -9.72 37.02
CA ASP B 182 0.69 -10.75 37.45
C ASP B 182 -0.63 -10.11 37.88
N VAL B 183 -1.67 -10.94 37.94
CA VAL B 183 -2.99 -10.47 38.34
C VAL B 183 -2.96 -9.96 39.77
N GLU B 184 -2.27 -10.67 40.66
CA GLU B 184 -2.23 -10.28 42.06
C GLU B 184 -1.53 -8.93 42.24
N GLN B 185 -0.41 -8.72 41.55
CA GLN B 185 0.30 -7.46 41.66
C GLN B 185 -0.55 -6.30 41.14
N ILE B 186 -1.22 -6.51 40.01
CA ILE B 186 -2.09 -5.47 39.46
C ILE B 186 -3.22 -5.16 40.43
N ARG B 187 -3.84 -6.19 41.00
CA ARG B 187 -4.93 -5.96 41.94
C ARG B 187 -4.46 -5.22 43.18
N HIS B 188 -3.31 -5.61 43.73
CA HIS B 188 -2.80 -4.94 44.92
C HIS B 188 -2.49 -3.48 44.61
N GLN B 189 -1.87 -3.20 43.47
CA GLN B 189 -1.60 -1.82 43.10
C GLN B 189 -2.88 -1.02 42.94
N LEU B 190 -3.85 -1.57 42.22
CA LEU B 190 -5.11 -0.86 42.01
C LEU B 190 -5.78 -0.56 43.34
N GLU B 191 -5.77 -1.52 44.26
CA GLU B 191 -6.30 -1.27 45.60
C GLU B 191 -5.54 -0.15 46.28
N HIS B 192 -4.21 -0.12 46.14
CA HIS B 192 -3.40 0.91 46.76
C HIS B 192 -3.79 2.30 46.26
N ILE B 193 -3.82 2.49 44.93
CA ILE B 193 -4.20 3.80 44.39
C ILE B 193 -5.63 4.16 44.78
N LEU B 194 -6.55 3.20 44.70
CA LEU B 194 -7.95 3.52 45.00
C LEU B 194 -8.13 3.93 46.46
N ASN B 195 -7.44 3.24 47.37
CA ASN B 195 -7.50 3.62 48.78
C ASN B 195 -6.86 4.99 49.01
N GLU B 196 -5.76 5.27 48.33
CA GLU B 196 -5.06 6.53 48.51
C GLU B 196 -5.63 7.66 47.66
N GLU B 197 -6.66 7.39 46.84
CA GLU B 197 -7.35 8.42 46.08
C GLU B 197 -8.73 8.72 46.64
N HIS B 198 -9.08 8.18 47.81
CA HIS B 198 -10.38 8.37 48.43
C HIS B 198 -11.52 7.97 47.49
N ILE B 199 -11.34 6.82 46.82
CA ILE B 199 -12.34 6.29 45.90
C ILE B 199 -12.81 4.94 46.45
N ALA B 200 -14.12 4.82 46.65
CA ALA B 200 -14.69 3.58 47.15
C ALA B 200 -14.53 2.47 46.12
N HIS B 201 -14.41 1.24 46.61
CA HIS B 201 -14.14 0.10 45.75
C HIS B 201 -14.65 -1.17 46.42
N GLU B 202 -14.72 -2.24 45.63
CA GLU B 202 -15.13 -3.55 46.10
C GLU B 202 -14.21 -4.62 45.54
N PRO B 203 -13.79 -5.59 46.36
CA PRO B 203 -12.73 -6.52 45.92
C PRO B 203 -13.03 -7.28 44.64
N ARG B 204 -14.27 -7.69 44.42
CA ARG B 204 -14.59 -8.41 43.17
C ARG B 204 -14.39 -7.50 41.97
N ALA B 205 -14.75 -6.23 42.09
CA ALA B 205 -14.51 -5.29 41.01
C ALA B 205 -13.02 -5.16 40.73
N LEU B 206 -12.20 -5.13 41.78
CA LEU B 206 -10.75 -5.04 41.58
C LEU B 206 -10.21 -6.29 40.90
N GLN B 207 -10.72 -7.47 41.28
CA GLN B 207 -10.29 -8.70 40.63
C GLN B 207 -10.69 -8.70 39.15
N LEU B 208 -11.90 -8.23 38.85
CA LEU B 208 -12.33 -8.14 37.45
C LEU B 208 -11.45 -7.18 36.67
N LEU B 209 -11.11 -6.03 37.27
CA LEU B 209 -10.24 -5.07 36.59
C LEU B 209 -8.86 -5.68 36.33
N ALA B 210 -8.31 -6.38 37.32
CA ALA B 210 -7.00 -7.01 37.15
C ALA B 210 -7.03 -8.06 36.05
N ARG B 211 -8.09 -8.89 36.03
CA ARG B 211 -8.20 -9.91 34.99
C ARG B 211 -8.34 -9.29 33.61
N ALA B 212 -9.13 -8.22 33.49
CA ALA B 212 -9.32 -7.57 32.21
C ALA B 212 -8.12 -6.73 31.79
N ALA B 213 -7.16 -6.51 32.69
CA ALA B 213 -6.01 -5.66 32.37
C ALA B 213 -5.10 -6.29 31.32
N GLU B 214 -5.20 -7.59 31.10
CA GLU B 214 -4.36 -8.34 30.18
C GLU B 214 -2.87 -8.28 30.55
N GLY B 215 -2.55 -7.85 31.77
CA GLY B 215 -1.19 -7.81 32.24
C GLY B 215 -0.54 -6.44 32.22
N SER B 216 -1.11 -5.49 31.50
CA SER B 216 -0.55 -4.15 31.41
C SER B 216 -1.18 -3.27 32.48
N LEU B 217 -0.36 -2.69 33.35
CA LEU B 217 -0.89 -1.88 34.43
C LEU B 217 -1.58 -0.63 33.92
N ARG B 218 -1.14 -0.09 32.78
CA ARG B 218 -1.82 1.07 32.21
C ARG B 218 -3.25 0.72 31.81
N ASP B 219 -3.46 -0.47 31.26
CA ASP B 219 -4.82 -0.92 30.96
C ASP B 219 -5.67 -0.98 32.22
N ALA B 220 -5.11 -1.51 33.31
CA ALA B 220 -5.84 -1.57 34.57
C ALA B 220 -6.20 -0.18 35.06
N LEU B 221 -5.25 0.76 34.99
CA LEU B 221 -5.52 2.12 35.44
C LEU B 221 -6.59 2.79 34.58
N SER B 222 -6.52 2.61 33.26
CA SER B 222 -7.52 3.20 32.38
C SER B 222 -8.90 2.63 32.65
N LEU B 223 -8.99 1.30 32.82
CA LEU B 223 -10.29 0.71 33.13
C LEU B 223 -10.78 1.14 34.51
N THR B 224 -9.87 1.39 35.45
CA THR B 224 -10.26 1.93 36.74
C THR B 224 -10.86 3.32 36.58
N ASP B 225 -10.22 4.17 35.77
CA ASP B 225 -10.74 5.52 35.54
C ASP B 225 -12.11 5.46 34.88
N GLN B 226 -12.28 4.57 33.91
CA GLN B 226 -13.58 4.41 33.25
C GLN B 226 -14.63 3.89 34.22
N ALA B 227 -14.26 2.96 35.09
CA ALA B 227 -15.20 2.45 36.08
C ALA B 227 -15.65 3.55 37.04
N ILE B 228 -14.71 4.40 37.47
CA ILE B 228 -15.09 5.56 38.26
C ILE B 228 -16.03 6.46 37.47
N ALA B 229 -15.74 6.65 36.19
CA ALA B 229 -16.63 7.44 35.34
C ALA B 229 -18.01 6.79 35.23
N SER B 230 -18.05 5.49 34.96
CA SER B 230 -19.31 4.78 34.87
C SER B 230 -19.88 4.56 36.27
N GLY B 231 -20.64 5.53 36.75
CA GLY B 231 -21.11 5.61 38.12
C GLY B 231 -20.85 6.99 38.66
N ASP B 232 -21.04 7.16 39.96
CA ASP B 232 -20.82 8.44 40.62
C ASP B 232 -19.65 8.29 41.59
N GLY B 233 -18.44 8.42 41.04
CA GLY B 233 -17.24 8.40 41.85
C GLY B 233 -17.06 7.16 42.70
N GLN B 234 -17.66 6.04 42.32
CA GLN B 234 -17.63 4.83 43.13
C GLN B 234 -17.39 3.63 42.23
N VAL B 235 -16.44 2.78 42.61
CA VAL B 235 -16.12 1.57 41.85
C VAL B 235 -17.00 0.46 42.41
N SER B 236 -18.22 0.38 41.89
CA SER B 236 -19.16 -0.65 42.29
C SER B 236 -18.99 -1.90 41.44
N THR B 237 -19.29 -3.05 42.05
CA THR B 237 -19.16 -4.32 41.34
C THR B 237 -20.10 -4.38 40.14
N GLN B 238 -21.33 -3.90 40.30
CA GLN B 238 -22.28 -3.95 39.21
C GLN B 238 -21.83 -3.07 38.05
N ALA B 239 -21.38 -1.85 38.33
CA ALA B 239 -20.93 -0.95 37.28
C ALA B 239 -19.72 -1.51 36.55
N VAL B 240 -18.75 -2.05 37.29
CA VAL B 240 -17.56 -2.63 36.68
C VAL B 240 -17.94 -3.83 35.82
N SER B 241 -18.81 -4.70 36.34
CA SER B 241 -19.22 -5.87 35.57
C SER B 241 -19.93 -5.46 34.28
N ALA B 242 -20.82 -4.47 34.36
CA ALA B 242 -21.51 -3.99 33.17
C ALA B 242 -20.52 -3.40 32.16
N MET B 243 -19.56 -2.61 32.63
CA MET B 243 -18.60 -2.01 31.71
C MET B 243 -17.75 -3.07 31.02
N LEU B 244 -17.27 -4.05 31.79
CA LEU B 244 -16.50 -5.13 31.18
C LEU B 244 -17.33 -5.94 30.19
N GLY B 245 -18.58 -6.23 30.54
CA GLY B 245 -19.45 -6.91 29.59
C GLY B 245 -19.65 -6.11 28.32
N THR B 246 -19.73 -4.78 28.45
CA THR B 246 -19.82 -3.93 27.27
C THR B 246 -18.55 -3.99 26.44
N LEU B 247 -17.39 -4.01 27.09
CA LEU B 247 -16.11 -3.99 26.41
C LEU B 247 -15.56 -5.37 26.10
N ASP B 248 -16.19 -6.44 26.60
CA ASP B 248 -15.63 -7.77 26.43
C ASP B 248 -15.68 -8.19 24.97
N ASP B 249 -14.63 -8.90 24.53
CA ASP B 249 -14.53 -9.32 23.14
C ASP B 249 -14.28 -10.82 23.00
N ASP B 250 -14.33 -11.58 24.09
CA ASP B 250 -14.15 -13.03 24.02
C ASP B 250 -15.48 -13.75 23.83
N GLN B 251 -16.23 -13.30 22.83
CA GLN B 251 -17.53 -13.93 22.55
C GLN B 251 -17.37 -15.37 22.12
N ALA B 252 -16.33 -15.67 21.33
CA ALA B 252 -16.18 -17.01 20.78
C ALA B 252 -15.92 -18.05 21.87
N LEU B 253 -15.05 -17.73 22.83
CA LEU B 253 -14.69 -18.73 23.84
C LEU B 253 -15.84 -18.96 24.82
N SER B 254 -16.49 -17.90 25.29
CA SER B 254 -17.66 -18.09 26.14
C SER B 254 -18.77 -18.80 25.37
N LEU B 255 -18.87 -18.53 24.07
CA LEU B 255 -19.90 -19.16 23.26
C LEU B 255 -19.67 -20.65 23.11
N VAL B 256 -18.41 -21.06 22.88
CA VAL B 256 -18.13 -22.48 22.78
C VAL B 256 -18.26 -23.13 24.16
N GLU B 257 -17.96 -22.40 25.23
CA GLU B 257 -18.24 -22.88 26.57
C GLU B 257 -19.72 -23.22 26.72
N ALA B 258 -20.59 -22.30 26.32
CA ALA B 258 -22.03 -22.54 26.46
C ALA B 258 -22.51 -23.63 25.52
N MET B 259 -21.93 -23.70 24.32
CA MET B 259 -22.35 -24.71 23.35
C MET B 259 -22.01 -26.11 23.84
N VAL B 260 -20.78 -26.32 24.30
CA VAL B 260 -20.40 -27.62 24.83
C VAL B 260 -21.20 -27.93 26.09
N GLU B 261 -21.48 -26.91 26.89
CA GLU B 261 -22.36 -27.05 28.05
C GLU B 261 -23.80 -27.35 27.65
N ALA B 262 -24.14 -27.21 26.38
CA ALA B 262 -25.50 -27.46 25.86
C ALA B 262 -26.52 -26.53 26.49
N ASN B 263 -26.11 -25.30 26.80
CA ASN B 263 -27.00 -24.27 27.32
C ASN B 263 -27.44 -23.41 26.14
N GLY B 264 -28.60 -23.72 25.58
CA GLY B 264 -29.06 -23.00 24.40
C GLY B 264 -29.35 -21.55 24.68
N GLU B 265 -29.96 -21.25 25.83
CA GLU B 265 -30.27 -19.87 26.17
C GLU B 265 -29.00 -19.03 26.32
N ARG B 266 -27.96 -19.60 26.92
CA ARG B 266 -26.70 -18.88 27.04
C ARG B 266 -26.09 -18.61 25.67
N VAL B 267 -26.14 -19.61 24.77
CA VAL B 267 -25.59 -19.43 23.44
C VAL B 267 -26.36 -18.32 22.70
N MET B 268 -27.69 -18.31 22.83
CA MET B 268 -28.48 -17.28 22.18
C MET B 268 -28.20 -15.90 22.75
N ALA B 269 -28.05 -15.80 24.07
CA ALA B 269 -27.71 -14.52 24.68
C ALA B 269 -26.35 -14.04 24.21
N LEU B 270 -25.38 -14.95 24.10
CA LEU B 270 -24.06 -14.56 23.63
C LEU B 270 -24.09 -14.12 22.17
N ILE B 271 -24.89 -14.79 21.34
CA ILE B 271 -25.05 -14.36 19.95
C ILE B 271 -25.69 -12.98 19.91
N ASN B 272 -26.67 -12.72 20.79
CA ASN B 272 -27.28 -11.40 20.86
C ASN B 272 -26.25 -10.34 21.22
N GLU B 273 -25.41 -10.63 22.22
CA GLU B 273 -24.39 -9.67 22.63
C GLU B 273 -23.38 -9.43 21.51
N ALA B 274 -23.00 -10.50 20.79
CA ALA B 274 -22.08 -10.34 19.67
C ALA B 274 -22.70 -9.50 18.56
N ALA B 275 -24.01 -9.68 18.34
CA ALA B 275 -24.70 -8.86 17.34
C ALA B 275 -24.75 -7.40 17.76
N ALA B 276 -24.92 -7.14 19.05
CA ALA B 276 -24.95 -5.76 19.53
C ALA B 276 -23.65 -5.04 19.23
N ARG B 277 -22.52 -5.75 19.31
CA ARG B 277 -21.22 -5.15 19.05
C ARG B 277 -20.88 -5.05 17.57
N GLY B 278 -21.73 -5.57 16.70
CA GLY B 278 -21.39 -5.61 15.28
C GLY B 278 -20.24 -6.53 14.98
N ILE B 279 -20.17 -7.69 15.66
CA ILE B 279 -19.08 -8.63 15.45
C ILE B 279 -19.25 -9.33 14.11
N GLU B 280 -18.17 -9.41 13.35
CA GLU B 280 -18.20 -10.13 12.09
C GLU B 280 -18.47 -11.61 12.35
N TRP B 281 -19.50 -12.14 11.68
CA TRP B 281 -19.94 -13.51 11.98
C TRP B 281 -18.99 -14.55 11.41
N GLU B 282 -18.50 -14.34 10.18
CA GLU B 282 -17.53 -15.26 9.62
C GLU B 282 -16.25 -15.29 10.44
N ALA B 283 -15.81 -14.12 10.92
CA ALA B 283 -14.67 -14.08 11.82
C ALA B 283 -14.96 -14.83 13.11
N LEU B 284 -16.19 -14.74 13.61
CA LEU B 284 -16.56 -15.50 14.81
C LEU B 284 -16.44 -16.99 14.56
N LEU B 285 -16.94 -17.48 13.42
CA LEU B 285 -16.83 -18.90 13.12
C LEU B 285 -15.38 -19.32 12.95
N VAL B 286 -14.57 -18.48 12.31
CA VAL B 286 -13.15 -18.79 12.14
C VAL B 286 -12.46 -18.91 13.50
N GLU B 287 -12.72 -17.96 14.39
CA GLU B 287 -12.12 -18.00 15.72
C GLU B 287 -12.59 -19.23 16.48
N MET B 288 -13.86 -19.60 16.34
CA MET B 288 -14.36 -20.79 17.02
C MET B 288 -13.70 -22.05 16.50
N LEU B 289 -13.51 -22.14 15.18
CA LEU B 289 -12.79 -23.28 14.60
C LEU B 289 -11.37 -23.33 15.12
N GLY B 290 -10.71 -22.17 15.21
CA GLY B 290 -9.37 -22.14 15.77
C GLY B 290 -9.33 -22.61 17.21
N LEU B 291 -10.31 -22.19 18.02
CA LEU B 291 -10.36 -22.62 19.41
C LEU B 291 -10.57 -24.13 19.52
N LEU B 292 -11.46 -24.68 18.69
CA LEU B 292 -11.69 -26.13 18.73
C LEU B 292 -10.44 -26.90 18.29
N HIS B 293 -9.75 -26.41 17.25
CA HIS B 293 -8.52 -27.06 16.84
C HIS B 293 -7.47 -27.01 17.95
N ARG B 294 -7.34 -25.85 18.61
CA ARG B 294 -6.37 -25.71 19.68
C ARG B 294 -6.70 -26.62 20.86
N ILE B 295 -7.98 -26.73 21.21
CA ILE B 295 -8.34 -27.58 22.35
C ILE B 295 -8.12 -29.05 22.00
N ALA B 296 -8.35 -29.43 20.75
CA ALA B 296 -8.02 -30.79 20.35
C ALA B 296 -6.53 -31.04 20.45
N MET B 297 -5.72 -30.08 20.00
CA MET B 297 -4.27 -30.22 20.15
C MET B 297 -3.87 -30.33 21.62
N VAL B 298 -4.56 -29.59 22.48
CA VAL B 298 -4.30 -29.70 23.92
C VAL B 298 -4.63 -31.10 24.42
N GLN B 299 -5.76 -31.65 23.97
CA GLN B 299 -6.12 -33.01 24.35
C GLN B 299 -5.05 -34.00 23.91
N LEU B 300 -4.51 -33.82 22.70
CA LEU B 300 -3.42 -34.68 22.25
C LEU B 300 -2.18 -34.50 23.11
N SER B 301 -1.87 -33.26 23.50
CA SER B 301 -0.69 -33.01 24.33
C SER B 301 -0.87 -31.67 25.04
N PRO B 302 -0.54 -31.57 26.33
CA PRO B 302 -0.70 -30.29 27.04
C PRO B 302 0.25 -29.20 26.55
N ALA B 303 1.26 -29.54 25.74
CA ALA B 303 2.23 -28.56 25.28
C ALA B 303 1.68 -27.63 24.21
N ALA B 304 0.47 -27.88 23.70
CA ALA B 304 -0.08 -27.05 22.64
C ALA B 304 -0.38 -25.63 23.08
N LEU B 305 -0.46 -25.38 24.39
CA LEU B 305 -0.77 -24.06 24.91
C LEU B 305 0.53 -23.26 25.06
N GLY B 306 0.70 -22.26 24.21
CA GLY B 306 1.84 -21.37 24.29
C GLY B 306 1.53 -20.12 25.07
N ASN B 307 2.50 -19.19 25.06
CA ASN B 307 2.32 -17.91 25.74
C ASN B 307 1.37 -16.99 25.01
N ASP B 308 0.99 -17.30 23.77
CA ASP B 308 0.07 -16.46 23.03
C ASP B 308 -1.34 -16.49 23.61
N MET B 309 -1.71 -17.55 24.31
CA MET B 309 -3.05 -17.66 24.89
C MET B 309 -2.97 -17.81 26.41
N ALA B 310 -2.12 -17.00 27.04
CA ALA B 310 -2.00 -17.08 28.49
C ALA B 310 -3.23 -16.53 29.20
N ALA B 311 -3.93 -15.59 28.56
CA ALA B 311 -5.11 -15.01 29.19
C ALA B 311 -6.22 -16.03 29.37
N ILE B 312 -6.39 -16.93 28.40
CA ILE B 312 -7.48 -17.89 28.42
C ILE B 312 -6.92 -19.30 28.60
N GLU B 313 -5.77 -19.41 29.27
CA GLU B 313 -5.13 -20.71 29.42
C GLU B 313 -5.94 -21.63 30.32
N LEU B 314 -6.39 -21.13 31.48
CA LEU B 314 -7.08 -21.98 32.45
C LEU B 314 -8.42 -22.47 31.90
N ARG B 315 -9.18 -21.59 31.25
CA ARG B 315 -10.48 -21.99 30.72
C ARG B 315 -10.33 -23.06 29.66
N MET B 316 -9.37 -22.88 28.74
CA MET B 316 -9.19 -23.86 27.68
C MET B 316 -8.65 -25.18 28.24
N ARG B 317 -7.76 -25.11 29.22
CA ARG B 317 -7.27 -26.34 29.85
C ARG B 317 -8.40 -27.11 30.51
N GLU B 318 -9.26 -26.42 31.26
CA GLU B 318 -10.32 -27.11 31.96
C GLU B 318 -11.39 -27.61 30.98
N LEU B 319 -11.63 -26.89 29.89
CA LEU B 319 -12.61 -27.37 28.94
C LEU B 319 -12.05 -28.50 28.08
N ALA B 320 -10.71 -28.61 28.01
CA ALA B 320 -10.10 -29.77 27.37
C ALA B 320 -10.18 -31.00 28.25
N ARG B 321 -9.92 -30.84 29.55
CA ARG B 321 -9.87 -32.01 30.43
C ARG B 321 -11.25 -32.64 30.61
N THR B 322 -12.30 -31.82 30.59
CA THR B 322 -13.65 -32.29 30.94
C THR B 322 -14.45 -32.82 29.76
N ILE B 323 -13.96 -32.65 28.53
CA ILE B 323 -14.74 -32.94 27.33
C ILE B 323 -14.04 -34.06 26.57
N PRO B 324 -14.75 -35.13 26.20
CA PRO B 324 -14.14 -36.21 25.42
C PRO B 324 -13.79 -35.75 24.02
N PRO B 325 -12.79 -36.36 23.40
CA PRO B 325 -12.41 -35.94 22.04
C PRO B 325 -13.51 -36.09 21.01
N THR B 326 -14.37 -37.10 21.14
CA THR B 326 -15.38 -37.34 20.12
C THR B 326 -16.34 -36.16 20.00
N ASP B 327 -16.75 -35.58 21.12
CA ASP B 327 -17.59 -34.39 21.08
C ASP B 327 -16.86 -33.25 20.38
N ILE B 328 -15.55 -33.13 20.61
CA ILE B 328 -14.78 -32.07 19.95
C ILE B 328 -14.79 -32.27 18.45
N GLN B 329 -14.57 -33.50 17.97
CA GLN B 329 -14.58 -33.73 16.53
C GLN B 329 -15.96 -33.47 15.94
N LEU B 330 -17.01 -33.92 16.62
CA LEU B 330 -18.36 -33.69 16.11
C LEU B 330 -18.68 -32.19 16.04
N TYR B 331 -18.32 -31.44 17.08
CA TYR B 331 -18.56 -30.01 17.06
C TYR B 331 -17.74 -29.32 15.98
N TYR B 332 -16.49 -29.74 15.78
CA TYR B 332 -15.69 -29.16 14.72
C TYR B 332 -16.31 -29.42 13.35
N GLN B 333 -16.78 -30.65 13.12
CA GLN B 333 -17.42 -30.96 11.85
C GLN B 333 -18.67 -30.11 11.65
N THR B 334 -19.49 -29.99 12.69
CA THR B 334 -20.71 -29.20 12.57
C THR B 334 -20.41 -27.74 12.28
N LEU B 335 -19.43 -27.17 12.98
CA LEU B 335 -19.11 -25.76 12.77
C LEU B 335 -18.46 -25.52 11.40
N LEU B 336 -17.63 -26.46 10.93
CA LEU B 336 -17.06 -26.32 9.61
C LEU B 336 -18.14 -26.38 8.53
N ILE B 337 -19.07 -27.31 8.67
CA ILE B 337 -20.19 -27.38 7.71
C ILE B 337 -21.01 -26.11 7.76
N GLY B 338 -21.25 -25.59 8.96
CA GLY B 338 -22.04 -24.38 9.10
C GLY B 338 -21.34 -23.16 8.50
N ARG B 339 -20.02 -23.08 8.64
CA ARG B 339 -19.29 -21.99 8.00
C ARG B 339 -19.30 -22.15 6.49
N LYS B 340 -19.24 -23.38 6.00
CA LYS B 340 -19.36 -23.61 4.56
C LYS B 340 -20.71 -23.15 4.04
N GLU B 341 -21.77 -23.37 4.81
CA GLU B 341 -23.12 -22.98 4.41
C GLU B 341 -23.49 -21.57 4.85
N LEU B 342 -22.59 -20.87 5.54
CA LEU B 342 -22.93 -19.52 6.04
C LEU B 342 -23.20 -18.51 4.94
N PRO B 343 -22.37 -18.37 3.90
CA PRO B 343 -22.65 -17.33 2.89
C PRO B 343 -23.99 -17.48 2.22
N TYR B 344 -24.46 -18.71 2.05
CA TYR B 344 -25.74 -18.97 1.39
C TYR B 344 -26.84 -19.15 2.45
N ALA B 345 -27.04 -18.10 3.23
CA ALA B 345 -28.02 -18.03 4.30
C ALA B 345 -28.81 -16.75 4.15
N PRO B 346 -30.00 -16.66 4.76
CA PRO B 346 -30.77 -15.40 4.68
C PRO B 346 -29.99 -14.20 5.16
N ASP B 347 -29.22 -14.35 6.23
CA ASP B 347 -28.21 -13.37 6.63
C ASP B 347 -27.20 -14.07 7.52
N ARG B 348 -26.09 -13.38 7.76
CA ARG B 348 -25.00 -14.01 8.52
C ARG B 348 -25.44 -14.35 9.94
N ARG B 349 -26.23 -13.48 10.56
CA ARG B 349 -26.66 -13.71 11.94
C ARG B 349 -27.49 -14.98 12.06
N MET B 350 -28.53 -15.11 11.24
CA MET B 350 -29.36 -16.31 11.31
C MET B 350 -28.58 -17.54 10.85
N GLY B 351 -27.65 -17.37 9.90
CA GLY B 351 -26.85 -18.51 9.47
C GLY B 351 -25.97 -19.06 10.59
N VAL B 352 -25.27 -18.17 11.29
CA VAL B 352 -24.41 -18.63 12.39
C VAL B 352 -25.25 -19.18 13.53
N GLU B 353 -26.41 -18.55 13.80
CA GLU B 353 -27.28 -19.10 14.83
C GLU B 353 -27.78 -20.49 14.45
N MET B 354 -28.10 -20.69 13.17
CA MET B 354 -28.56 -21.99 12.71
C MET B 354 -27.47 -23.03 12.85
N THR B 355 -26.22 -22.65 12.56
CA THR B 355 -25.10 -23.56 12.78
C THR B 355 -24.97 -23.93 14.24
N LEU B 356 -25.10 -22.94 15.13
CA LEU B 356 -25.03 -23.23 16.56
C LEU B 356 -26.17 -24.13 17.01
N LEU B 357 -27.37 -23.93 16.46
CA LEU B 357 -28.49 -24.79 16.79
C LEU B 357 -28.25 -26.21 16.31
N ARG B 358 -27.64 -26.35 15.13
CA ARG B 358 -27.26 -27.68 14.65
C ARG B 358 -26.28 -28.34 15.60
N ALA B 359 -25.29 -27.58 16.09
CA ALA B 359 -24.32 -28.13 17.02
C ALA B 359 -24.96 -28.52 18.34
N LEU B 360 -25.91 -27.72 18.83
CA LEU B 360 -26.51 -27.98 20.13
C LEU B 360 -27.39 -29.23 20.12
N ALA B 361 -27.85 -29.67 18.94
CA ALA B 361 -28.72 -30.85 18.88
C ALA B 361 -27.97 -32.13 19.24
N PHE B 362 -26.64 -32.11 19.23
CA PHE B 362 -25.85 -33.29 19.54
C PHE B 362 -25.62 -33.36 21.04
N HIS B 363 -26.02 -34.46 21.66
CA HIS B 363 -25.90 -34.69 23.09
C HIS B 363 -26.55 -33.56 23.88
N PRO B 364 -27.86 -33.40 23.81
CA PRO B 364 -28.53 -32.31 24.52
C PRO B 364 -28.87 -32.69 25.96
N ARG B 365 -29.28 -31.70 26.72
CA ARG B 365 -29.66 -31.88 28.11
C ARG B 365 -31.17 -32.02 28.24
N MET B 366 -31.59 -32.55 29.39
CA MET B 366 -33.01 -32.78 29.65
C MET B 366 -33.75 -31.47 29.88
N GLY C 1 -43.27 21.58 9.18
CA GLY C 1 -42.15 22.34 9.71
C GLY C 1 -41.46 23.20 8.67
N PRO C 2 -40.34 23.81 9.03
CA PRO C 2 -39.59 24.63 8.07
C PRO C 2 -39.07 23.82 6.90
N HIS C 3 -38.31 22.77 7.19
CA HIS C 3 -37.67 21.89 6.20
C HIS C 3 -37.08 22.69 5.04
N MET C 4 -36.11 23.54 5.38
CA MET C 4 -35.43 24.36 4.38
C MET C 4 -34.67 23.48 3.40
N SER C 5 -35.20 23.35 2.18
CA SER C 5 -34.62 22.57 1.09
C SER C 5 -34.47 21.09 1.41
N TYR C 6 -34.98 20.65 2.56
CA TYR C 6 -34.92 19.25 2.97
C TYR C 6 -33.49 18.72 2.91
N GLN C 7 -32.65 19.30 3.77
CA GLN C 7 -31.21 19.07 3.73
C GLN C 7 -30.85 17.70 4.29
N VAL C 8 -31.43 16.66 3.66
CA VAL C 8 -31.19 15.25 3.98
C VAL C 8 -31.68 14.92 5.39
N LEU C 9 -32.38 13.80 5.52
CA LEU C 9 -32.83 13.36 6.84
C LEU C 9 -31.65 13.04 7.74
N ALA C 10 -30.60 12.42 7.18
CA ALA C 10 -29.46 12.02 7.99
C ALA C 10 -28.76 13.22 8.62
N ARG C 11 -28.48 14.25 7.82
CA ARG C 11 -27.73 15.39 8.31
C ARG C 11 -28.57 16.32 9.17
N LYS C 12 -29.85 16.49 8.82
CA LYS C 12 -30.69 17.45 9.53
C LYS C 12 -30.92 17.05 10.98
N TRP C 13 -31.15 15.76 11.24
CA TRP C 13 -31.53 15.29 12.56
C TRP C 13 -30.34 14.72 13.34
N ARG C 14 -29.15 15.28 13.13
CA ARG C 14 -28.02 14.91 13.97
C ARG C 14 -28.25 15.38 15.40
N PRO C 15 -27.95 14.55 16.39
CA PRO C 15 -28.17 14.96 17.79
C PRO C 15 -27.36 16.20 18.14
N GLN C 16 -27.96 17.06 18.95
CA GLN C 16 -27.31 18.27 19.42
C GLN C 16 -27.21 18.35 20.93
N THR C 17 -27.95 17.53 21.67
CA THR C 17 -27.91 17.52 23.12
C THR C 17 -27.73 16.09 23.61
N PHE C 18 -27.18 15.95 24.82
CA PHE C 18 -26.97 14.62 25.39
C PHE C 18 -28.28 13.93 25.73
N ALA C 19 -29.40 14.65 25.73
CA ALA C 19 -30.71 14.05 25.89
C ALA C 19 -31.34 13.63 24.57
N ASP C 20 -30.71 13.97 23.44
CA ASP C 20 -31.25 13.65 22.12
C ASP C 20 -30.70 12.36 21.55
N VAL C 21 -29.64 11.80 22.12
CA VAL C 21 -29.10 10.54 21.64
C VAL C 21 -30.13 9.43 21.91
N VAL C 22 -30.23 8.49 20.97
CA VAL C 22 -31.37 7.58 20.91
C VAL C 22 -31.23 6.46 21.93
N GLY C 23 -30.19 6.52 22.76
CA GLY C 23 -30.14 5.55 23.85
C GLY C 23 -28.91 4.69 23.99
N GLN C 24 -27.74 5.21 23.60
CA GLN C 24 -26.48 4.56 23.95
C GLN C 24 -26.16 4.83 25.42
N GLU C 25 -27.00 4.26 26.29
CA GLU C 25 -27.00 4.65 27.70
C GLU C 25 -25.67 4.36 28.37
N HIS C 26 -25.04 3.24 28.02
CA HIS C 26 -23.82 2.83 28.70
C HIS C 26 -22.66 3.80 28.48
N VAL C 27 -22.68 4.58 27.41
CA VAL C 27 -21.63 5.55 27.16
C VAL C 27 -22.13 6.94 27.54
N LEU C 28 -23.42 7.19 27.32
CA LEU C 28 -24.00 8.48 27.69
C LEU C 28 -23.87 8.74 29.18
N THR C 29 -24.20 7.73 30.00
CA THR C 29 -24.10 7.89 31.45
C THR C 29 -22.66 8.11 31.87
N ALA C 30 -21.73 7.35 31.31
CA ALA C 30 -20.32 7.48 31.68
C ALA C 30 -19.80 8.87 31.34
N LEU C 31 -20.12 9.36 30.14
CA LEU C 31 -19.64 10.69 29.74
C LEU C 31 -20.26 11.78 30.59
N ALA C 32 -21.58 11.68 30.86
CA ALA C 32 -22.23 12.69 31.68
C ALA C 32 -21.64 12.72 33.08
N ASN C 33 -21.41 11.54 33.67
CA ASN C 33 -20.86 11.50 35.02
C ASN C 33 -19.42 11.97 35.06
N GLY C 34 -18.62 11.64 34.05
CA GLY C 34 -17.26 12.14 33.99
C GLY C 34 -17.20 13.65 33.86
N LEU C 35 -18.08 14.22 33.02
CA LEU C 35 -18.14 15.67 32.89
C LEU C 35 -18.60 16.32 34.18
N SER C 36 -19.57 15.72 34.87
CA SER C 36 -20.09 16.29 36.11
C SER C 36 -19.04 16.24 37.22
N LEU C 37 -18.31 15.13 37.33
CA LEU C 37 -17.33 14.93 38.39
C LEU C 37 -15.97 15.53 38.05
N GLY C 38 -15.79 16.09 36.85
CA GLY C 38 -14.52 16.66 36.48
C GLY C 38 -13.45 15.67 36.08
N ARG C 39 -13.78 14.39 35.99
CA ARG C 39 -12.82 13.36 35.62
C ARG C 39 -12.73 13.29 34.10
N ILE C 40 -12.04 14.27 33.53
CA ILE C 40 -11.95 14.45 32.09
C ILE C 40 -10.65 13.81 31.62
N HIS C 41 -10.74 12.56 31.16
CA HIS C 41 -9.58 11.89 30.59
C HIS C 41 -9.14 12.59 29.31
N HIS C 42 -7.86 12.46 28.98
CA HIS C 42 -7.30 13.17 27.84
C HIS C 42 -7.34 12.37 26.54
N ALA C 43 -7.87 11.14 26.56
CA ALA C 43 -7.91 10.34 25.36
C ALA C 43 -8.88 9.18 25.55
N TYR C 44 -9.83 9.06 24.62
CA TYR C 44 -10.77 7.95 24.63
C TYR C 44 -11.23 7.67 23.21
N LEU C 45 -11.44 6.39 22.93
CA LEU C 45 -11.69 5.89 21.58
C LEU C 45 -13.12 5.36 21.49
N PHE C 46 -13.89 5.90 20.56
CA PHE C 46 -15.23 5.41 20.27
C PHE C 46 -15.15 4.33 19.20
N SER C 47 -15.81 3.21 19.46
CA SER C 47 -15.84 2.10 18.53
C SER C 47 -17.26 1.59 18.41
N GLY C 48 -17.51 0.76 17.40
CA GLY C 48 -18.83 0.21 17.19
C GLY C 48 -19.19 0.14 15.72
N THR C 49 -20.33 -0.48 15.41
CA THR C 49 -20.72 -0.66 14.03
C THR C 49 -21.12 0.68 13.41
N ARG C 50 -21.43 0.64 12.12
CA ARG C 50 -21.71 1.85 11.36
C ARG C 50 -22.99 2.53 11.86
N GLY C 51 -23.01 3.85 11.75
CA GLY C 51 -24.22 4.63 11.98
C GLY C 51 -24.85 4.48 13.34
N VAL C 52 -24.07 4.58 14.40
CA VAL C 52 -24.59 4.44 15.76
C VAL C 52 -24.47 5.73 16.57
N GLY C 53 -23.53 6.61 16.25
CA GLY C 53 -23.47 7.88 16.94
C GLY C 53 -22.11 8.22 17.54
N LYS C 54 -21.07 7.51 17.10
CA LYS C 54 -19.73 7.77 17.62
C LYS C 54 -19.29 9.21 17.33
N THR C 55 -19.37 9.60 16.06
CA THR C 55 -19.01 10.98 15.71
C THR C 55 -19.95 11.97 16.37
N SER C 56 -21.25 11.67 16.41
CA SER C 56 -22.20 12.57 17.06
C SER C 56 -21.88 12.72 18.54
N ILE C 57 -21.55 11.63 19.21
CA ILE C 57 -21.22 11.70 20.63
C ILE C 57 -19.93 12.47 20.84
N ALA C 58 -18.96 12.32 19.92
CA ALA C 58 -17.73 13.10 20.02
C ALA C 58 -18.00 14.59 19.89
N ARG C 59 -18.87 14.97 18.95
CA ARG C 59 -19.25 16.38 18.82
C ARG C 59 -19.97 16.85 20.07
N LEU C 60 -20.80 15.99 20.66
CA LEU C 60 -21.50 16.37 21.90
C LEU C 60 -20.51 16.60 23.04
N LEU C 61 -19.48 15.76 23.14
CA LEU C 61 -18.48 15.95 24.18
C LEU C 61 -17.68 17.22 23.96
N ALA C 62 -17.35 17.52 22.71
CA ALA C 62 -16.68 18.80 22.43
C ALA C 62 -17.57 19.96 22.79
N LYS C 63 -18.88 19.84 22.52
CA LYS C 63 -19.84 20.84 22.98
C LYS C 63 -19.76 21.03 24.48
N GLY C 64 -19.81 19.93 25.23
CA GLY C 64 -19.82 20.02 26.69
C GLY C 64 -18.54 20.60 27.24
N LEU C 65 -17.41 20.29 26.61
CA LEU C 65 -16.12 20.77 27.10
C LEU C 65 -15.77 22.17 26.61
N ASN C 66 -16.49 22.70 25.61
CA ASN C 66 -16.20 24.03 25.10
C ASN C 66 -17.26 25.06 25.46
N CYS C 67 -18.24 24.70 26.28
CA CYS C 67 -19.32 25.62 26.62
C CYS C 67 -18.79 26.79 27.44
N GLU C 68 -19.39 27.97 27.19
CA GLU C 68 -18.94 29.18 27.90
C GLU C 68 -19.17 29.05 29.40
N THR C 69 -20.30 28.47 29.80
CA THR C 69 -20.56 28.23 31.21
C THR C 69 -19.61 27.14 31.72
N GLY C 70 -19.78 26.78 32.99
CA GLY C 70 -18.98 25.71 33.55
C GLY C 70 -19.13 24.42 32.78
N ILE C 71 -18.17 23.53 32.95
CA ILE C 71 -18.18 22.25 32.25
C ILE C 71 -19.39 21.45 32.71
N THR C 72 -20.34 21.27 31.79
CA THR C 72 -21.61 20.62 32.11
C THR C 72 -21.88 19.48 31.15
N ALA C 73 -22.69 18.53 31.60
CA ALA C 73 -23.16 17.44 30.77
C ALA C 73 -24.40 17.79 29.97
N THR C 74 -24.90 19.02 30.12
CA THR C 74 -26.08 19.50 29.39
C THR C 74 -25.68 20.81 28.71
N PRO C 75 -25.04 20.75 27.55
CA PRO C 75 -24.63 21.97 26.86
C PRO C 75 -25.84 22.81 26.44
N CYS C 76 -25.65 24.13 26.47
CA CYS C 76 -26.71 25.05 26.14
C CYS C 76 -26.82 25.24 24.63
N GLY C 77 -28.05 25.46 24.16
CA GLY C 77 -28.30 25.72 22.75
C GLY C 77 -28.16 27.17 22.34
N VAL C 78 -27.81 28.05 23.26
CA VAL C 78 -27.62 29.46 22.96
C VAL C 78 -26.14 29.86 22.96
N CYS C 79 -25.27 29.04 23.54
CA CYS C 79 -23.86 29.37 23.68
C CYS C 79 -23.22 29.63 22.32
N ASP C 80 -22.35 30.63 22.26
CA ASP C 80 -21.66 30.95 21.02
C ASP C 80 -20.80 29.77 20.55
N ASN C 81 -20.06 29.16 21.48
CA ASN C 81 -19.26 28.00 21.13
C ASN C 81 -20.14 26.85 20.67
N CYS C 82 -21.25 26.61 21.38
CA CYS C 82 -22.16 25.53 20.99
C CYS C 82 -22.77 25.78 19.62
N ARG C 83 -23.20 27.02 19.36
CA ARG C 83 -23.75 27.34 18.05
C ARG C 83 -22.71 27.18 16.95
N GLU C 84 -21.49 27.65 17.19
CA GLU C 84 -20.43 27.51 16.19
C GLU C 84 -20.14 26.05 15.90
N ILE C 85 -19.97 25.24 16.94
CA ILE C 85 -19.66 23.82 16.73
C ILE C 85 -20.82 23.12 16.05
N GLU C 86 -22.07 23.53 16.33
CA GLU C 86 -23.20 22.98 15.59
C GLU C 86 -23.12 23.33 14.11
N GLN C 87 -22.75 24.57 13.81
CA GLN C 87 -22.57 24.97 12.41
C GLN C 87 -21.21 24.54 11.85
N GLY C 88 -20.32 24.01 12.67
CA GLY C 88 -19.00 23.64 12.21
C GLY C 88 -18.02 24.79 12.26
N ARG C 89 -16.86 24.55 11.63
CA ARG C 89 -15.77 25.53 11.53
C ARG C 89 -15.44 26.17 12.88
N PHE C 90 -15.64 25.42 13.95
CA PHE C 90 -15.32 25.91 15.28
C PHE C 90 -13.81 26.12 15.43
N VAL C 91 -13.45 27.11 16.24
CA VAL C 91 -12.03 27.44 16.42
C VAL C 91 -11.31 26.31 17.14
N ASP C 92 -11.91 25.77 18.20
CA ASP C 92 -11.21 24.81 19.04
C ASP C 92 -11.25 23.40 18.45
N LEU C 93 -12.45 22.90 18.11
CA LEU C 93 -12.55 21.58 17.51
C LEU C 93 -11.79 21.55 16.20
N ILE C 94 -11.02 20.49 16.00
CA ILE C 94 -10.21 20.32 14.79
C ILE C 94 -10.67 19.02 14.14
N GLU C 95 -11.60 19.13 13.20
CA GLU C 95 -12.03 17.98 12.41
C GLU C 95 -10.86 17.44 11.61
N ILE C 96 -10.37 16.26 11.96
CA ILE C 96 -9.21 15.67 11.30
C ILE C 96 -9.67 14.36 10.67
N ASP C 97 -9.91 14.38 9.36
CA ASP C 97 -10.23 13.17 8.64
C ASP C 97 -8.96 12.33 8.51
N ALA C 98 -8.78 11.38 9.44
CA ALA C 98 -7.52 10.63 9.48
C ALA C 98 -7.29 9.87 8.18
N ALA C 99 -8.35 9.48 7.48
CA ALA C 99 -8.18 8.80 6.20
C ALA C 99 -7.51 9.69 5.17
N SER C 100 -7.67 11.02 5.31
CA SER C 100 -6.97 11.97 4.47
C SER C 100 -5.62 12.39 5.04
N ARG C 101 -5.31 11.99 6.27
CA ARG C 101 -4.05 12.33 6.92
C ARG C 101 -3.38 11.06 7.47
N THR C 102 -3.39 9.99 6.69
CA THR C 102 -2.77 8.75 7.14
C THR C 102 -1.25 8.88 7.25
N LYS C 103 -0.64 9.68 6.38
CA LYS C 103 0.80 9.77 6.34
C LYS C 103 1.35 10.39 7.63
N VAL C 104 2.50 9.87 8.07
CA VAL C 104 3.13 10.39 9.28
C VAL C 104 3.61 11.81 9.10
N GLU C 105 3.84 12.25 7.86
CA GLU C 105 4.28 13.62 7.62
C GLU C 105 3.23 14.63 8.04
N ASP C 106 1.98 14.21 8.18
CA ASP C 106 0.91 15.07 8.69
C ASP C 106 0.69 14.92 10.18
N THR C 107 0.86 13.72 10.73
CA THR C 107 0.77 13.54 12.17
C THR C 107 1.90 14.28 12.89
N ARG C 108 3.09 14.32 12.30
CA ARG C 108 4.18 15.08 12.88
C ARG C 108 3.87 16.57 12.88
N ASP C 109 3.26 17.07 11.79
CA ASP C 109 2.83 18.46 11.77
C ASP C 109 1.77 18.73 12.81
N LEU C 110 0.87 17.77 13.02
CA LEU C 110 -0.12 17.89 14.08
C LEU C 110 0.55 17.99 15.45
N LEU C 111 1.56 17.14 15.69
CA LEU C 111 2.24 17.12 16.98
C LEU C 111 3.06 18.37 17.21
N ASP C 112 3.60 18.95 16.14
CA ASP C 112 4.42 20.15 16.29
C ASP C 112 3.62 21.33 16.83
N ASN C 113 2.32 21.37 16.52
CA ASN C 113 1.47 22.48 16.90
C ASN C 113 0.57 22.18 18.08
N VAL C 114 0.81 21.08 18.79
CA VAL C 114 -0.09 20.72 19.89
C VAL C 114 0.07 21.67 21.06
N GLN C 115 1.25 22.24 21.27
CA GLN C 115 1.53 23.01 22.47
C GLN C 115 0.99 24.44 22.42
N TYR C 116 0.60 24.93 21.24
CA TYR C 116 0.08 26.29 21.15
C TYR C 116 -1.26 26.39 21.87
N ALA C 117 -1.45 27.47 22.62
CA ALA C 117 -2.64 27.64 23.42
C ALA C 117 -3.86 27.85 22.53
N PRO C 118 -5.02 27.34 22.94
CA PRO C 118 -6.24 27.56 22.15
C PRO C 118 -6.65 29.02 22.14
N ALA C 119 -7.22 29.45 21.01
CA ALA C 119 -7.65 30.84 20.87
C ALA C 119 -8.83 31.16 21.79
N ARG C 120 -9.79 30.25 21.88
CA ARG C 120 -10.97 30.43 22.72
C ARG C 120 -11.26 29.13 23.43
N GLY C 121 -12.32 29.11 24.23
CA GLY C 121 -12.70 27.90 24.92
C GLY C 121 -11.67 27.48 25.95
N ARG C 122 -11.76 26.20 26.33
CA ARG C 122 -10.86 25.64 27.33
C ARG C 122 -9.96 24.55 26.77
N PHE C 123 -10.54 23.52 26.13
CA PHE C 123 -9.78 22.39 25.63
C PHE C 123 -9.77 22.44 24.11
N LYS C 124 -8.58 22.43 23.53
CA LYS C 124 -8.44 22.28 22.09
C LYS C 124 -8.76 20.82 21.76
N VAL C 125 -9.99 20.57 21.31
CA VAL C 125 -10.48 19.20 21.14
C VAL C 125 -9.99 18.68 19.79
N TYR C 126 -9.16 17.63 19.83
CA TYR C 126 -8.70 16.95 18.63
C TYR C 126 -9.64 15.80 18.32
N LEU C 127 -10.48 15.97 17.31
CA LEU C 127 -11.42 14.93 16.90
C LEU C 127 -10.84 14.23 15.67
N ILE C 128 -10.34 13.02 15.88
CA ILE C 128 -9.77 12.22 14.81
C ILE C 128 -10.78 11.15 14.45
N ASP C 129 -11.34 11.23 13.24
CA ASP C 129 -12.32 10.27 12.76
C ASP C 129 -11.62 9.23 11.90
N GLU C 130 -12.10 7.99 11.98
CA GLU C 130 -11.49 6.85 11.30
C GLU C 130 -10.02 6.70 11.69
N VAL C 131 -9.81 6.49 12.99
CA VAL C 131 -8.46 6.40 13.53
C VAL C 131 -7.74 5.19 12.97
N HIS C 132 -8.46 4.08 12.79
CA HIS C 132 -7.85 2.84 12.30
C HIS C 132 -7.18 3.00 10.94
N MET C 133 -7.40 4.11 10.26
CA MET C 133 -6.80 4.35 8.95
C MET C 133 -5.39 4.92 9.02
N LEU C 134 -4.95 5.36 10.20
CA LEU C 134 -3.62 5.95 10.31
C LEU C 134 -2.54 4.91 10.10
N SER C 135 -1.44 5.33 9.48
CA SER C 135 -0.32 4.44 9.26
C SER C 135 0.38 4.14 10.58
N ARG C 136 1.20 3.09 10.56
CA ARG C 136 1.84 2.62 11.79
C ARG C 136 2.74 3.68 12.39
N HIS C 137 3.53 4.36 11.55
CA HIS C 137 4.37 5.44 12.05
C HIS C 137 3.54 6.58 12.63
N SER C 138 2.36 6.84 12.05
CA SER C 138 1.48 7.84 12.63
C SER C 138 1.02 7.45 14.03
N PHE C 139 0.66 6.19 14.22
CA PHE C 139 0.27 5.72 15.55
C PHE C 139 1.42 5.85 16.54
N ASN C 140 2.61 5.43 16.13
CA ASN C 140 3.74 5.52 17.04
C ASN C 140 4.09 6.96 17.36
N ALA C 141 3.91 7.87 16.41
CA ALA C 141 4.07 9.29 16.71
C ALA C 141 3.02 9.76 17.71
N LEU C 142 1.77 9.33 17.54
CA LEU C 142 0.71 9.70 18.46
C LEU C 142 0.92 9.13 19.85
N LEU C 143 1.77 8.10 19.98
CA LEU C 143 1.94 7.40 21.25
C LEU C 143 2.29 8.34 22.40
N LYS C 144 3.46 8.99 22.32
CA LYS C 144 3.92 9.79 23.46
C LYS C 144 3.06 11.00 23.69
N THR C 145 2.45 11.55 22.64
CA THR C 145 1.52 12.65 22.82
C THR C 145 0.29 12.20 23.60
N LEU C 146 -0.22 11.00 23.30
CA LEU C 146 -1.37 10.50 24.03
C LEU C 146 -1.00 10.12 25.46
N GLU C 147 0.25 9.69 25.70
CA GLU C 147 0.65 9.30 27.03
C GLU C 147 0.66 10.50 27.98
N GLU C 148 1.32 11.58 27.59
CA GLU C 148 1.44 12.80 28.41
C GLU C 148 1.14 14.03 27.54
N PRO C 149 -0.13 14.30 27.27
CA PRO C 149 -0.48 15.44 26.43
C PRO C 149 -0.43 16.73 27.21
N PRO C 150 -0.48 17.88 26.53
CA PRO C 150 -0.64 19.14 27.25
C PRO C 150 -1.96 19.19 28.01
N GLU C 151 -1.97 19.96 29.09
CA GLU C 151 -3.12 19.99 29.99
C GLU C 151 -4.37 20.55 29.32
N HIS C 152 -4.23 21.26 28.19
CA HIS C 152 -5.37 21.87 27.51
C HIS C 152 -5.63 21.23 26.16
N VAL C 153 -5.35 19.94 26.01
CA VAL C 153 -5.58 19.22 24.77
C VAL C 153 -6.26 17.90 25.09
N LYS C 154 -7.44 17.68 24.51
CA LYS C 154 -8.17 16.44 24.65
C LYS C 154 -8.23 15.75 23.29
N PHE C 155 -8.14 14.43 23.30
CA PHE C 155 -8.14 13.64 22.07
C PHE C 155 -9.47 12.91 21.93
N LEU C 156 -10.07 13.01 20.75
CA LEU C 156 -11.38 12.45 20.45
C LEU C 156 -11.21 11.47 19.30
N LEU C 157 -10.91 10.22 19.63
CA LEU C 157 -10.62 9.20 18.62
C LEU C 157 -11.87 8.38 18.35
N ALA C 158 -12.19 8.17 17.08
CA ALA C 158 -13.35 7.39 16.68
C ALA C 158 -12.97 6.49 15.52
N THR C 159 -13.52 5.27 15.52
CA THR C 159 -13.25 4.30 14.46
C THR C 159 -14.39 3.29 14.43
N THR C 160 -14.25 2.30 13.56
CA THR C 160 -15.22 1.23 13.42
C THR C 160 -14.71 -0.13 13.86
N ASP C 161 -13.42 -0.41 13.68
CA ASP C 161 -12.80 -1.66 14.11
C ASP C 161 -11.59 -1.35 14.97
N PRO C 162 -11.79 -1.21 16.28
CA PRO C 162 -10.67 -0.86 17.17
C PRO C 162 -9.56 -1.90 17.20
N GLN C 163 -9.86 -3.16 16.83
CA GLN C 163 -8.86 -4.20 16.87
C GLN C 163 -7.70 -3.93 15.93
N LYS C 164 -7.89 -3.12 14.90
CA LYS C 164 -6.80 -2.76 14.00
C LYS C 164 -5.82 -1.78 14.61
N LEU C 165 -6.18 -1.15 15.73
CA LEU C 165 -5.26 -0.24 16.39
C LEU C 165 -4.12 -1.02 17.03
N PRO C 166 -2.92 -0.45 17.10
CA PRO C 166 -1.86 -1.05 17.92
C PRO C 166 -2.31 -1.08 19.37
N VAL C 167 -1.89 -2.13 20.07
CA VAL C 167 -2.47 -2.44 21.38
C VAL C 167 -2.11 -1.37 22.40
N THR C 168 -0.92 -0.77 22.27
CA THR C 168 -0.54 0.30 23.18
C THR C 168 -1.44 1.52 23.01
N ILE C 169 -1.89 1.80 21.78
CA ILE C 169 -2.85 2.88 21.57
C ILE C 169 -4.15 2.58 22.30
N LEU C 170 -4.62 1.33 22.22
CA LEU C 170 -5.78 0.92 23.00
C LEU C 170 -5.53 1.09 24.49
N SER C 171 -4.29 0.93 24.93
CA SER C 171 -3.98 1.06 26.34
C SER C 171 -3.99 2.52 26.80
N ARG C 172 -3.52 3.44 25.96
CA ARG C 172 -3.35 4.82 26.40
C ARG C 172 -4.66 5.57 26.58
N CYS C 173 -5.77 5.06 26.05
CA CYS C 173 -7.01 5.79 26.03
C CYS C 173 -8.15 4.93 26.57
N LEU C 174 -9.19 5.60 27.05
CA LEU C 174 -10.41 4.90 27.41
C LEU C 174 -11.04 4.28 26.17
N GLN C 175 -11.96 3.36 26.38
CA GLN C 175 -12.65 2.70 25.27
C GLN C 175 -14.15 2.73 25.51
N PHE C 176 -14.89 3.19 24.50
CA PHE C 176 -16.35 3.22 24.56
C PHE C 176 -16.88 2.47 23.33
N HIS C 177 -17.50 1.31 23.57
CA HIS C 177 -18.12 0.53 22.52
C HIS C 177 -19.60 0.89 22.45
N LEU C 178 -20.04 1.38 21.29
CA LEU C 178 -21.41 1.79 21.09
C LEU C 178 -22.18 0.63 20.47
N LYS C 179 -23.04 0.01 21.27
CA LYS C 179 -23.78 -1.15 20.80
C LYS C 179 -24.76 -0.77 19.70
N ALA C 180 -25.01 -1.71 18.79
CA ALA C 180 -25.99 -1.49 17.74
C ALA C 180 -27.38 -1.33 18.35
N LEU C 181 -28.19 -0.47 17.73
CA LEU C 181 -29.49 -0.13 18.30
C LEU C 181 -30.48 -1.28 18.16
N ASP C 182 -31.39 -1.36 19.14
CA ASP C 182 -32.47 -2.32 19.08
C ASP C 182 -33.54 -1.84 18.10
N VAL C 183 -34.40 -2.78 17.70
CA VAL C 183 -35.45 -2.47 16.72
C VAL C 183 -36.41 -1.43 17.28
N GLU C 184 -36.81 -1.59 18.54
CA GLU C 184 -37.80 -0.68 19.12
C GLU C 184 -37.26 0.74 19.20
N GLN C 185 -35.99 0.90 19.57
CA GLN C 185 -35.40 2.24 19.63
C GLN C 185 -35.40 2.89 18.25
N ILE C 186 -35.03 2.12 17.23
CA ILE C 186 -35.03 2.65 15.86
C ILE C 186 -36.43 3.05 15.46
N ARG C 187 -37.43 2.22 15.77
CA ARG C 187 -38.81 2.54 15.40
C ARG C 187 -39.28 3.81 16.10
N HIS C 188 -38.97 3.95 17.39
CA HIS C 188 -39.38 5.14 18.11
C HIS C 188 -38.70 6.40 17.56
N GLN C 189 -37.41 6.30 17.23
CA GLN C 189 -36.72 7.44 16.65
C GLN C 189 -37.31 7.80 15.29
N LEU C 190 -37.63 6.80 14.47
CA LEU C 190 -38.23 7.07 13.18
C LEU C 190 -39.61 7.72 13.33
N GLU C 191 -40.40 7.26 14.29
CA GLU C 191 -41.68 7.91 14.56
C GLU C 191 -41.49 9.35 14.97
N HIS C 192 -40.51 9.61 15.85
CA HIS C 192 -40.23 10.97 16.27
C HIS C 192 -39.86 11.85 15.08
N ILE C 193 -38.97 11.35 14.22
CA ILE C 193 -38.48 12.15 13.10
C ILE C 193 -39.62 12.45 12.13
N LEU C 194 -40.41 11.43 11.78
CA LEU C 194 -41.50 11.65 10.84
C LEU C 194 -42.57 12.56 11.42
N ASN C 195 -42.87 12.42 12.71
CA ASN C 195 -43.84 13.32 13.33
C ASN C 195 -43.35 14.75 13.34
N GLU C 196 -42.06 14.96 13.64
CA GLU C 196 -41.53 16.31 13.65
C GLU C 196 -41.46 16.90 12.24
N GLU C 197 -41.30 16.06 11.22
CA GLU C 197 -41.29 16.54 9.85
C GLU C 197 -42.67 16.52 9.21
N HIS C 198 -43.70 16.07 9.94
CA HIS C 198 -45.08 16.07 9.47
C HIS C 198 -45.22 15.28 8.17
N ILE C 199 -44.93 13.99 8.25
CA ILE C 199 -45.05 13.06 7.14
C ILE C 199 -45.86 11.86 7.59
N ALA C 200 -46.89 11.51 6.81
CA ALA C 200 -47.75 10.39 7.17
C ALA C 200 -46.95 9.10 7.24
N HIS C 201 -47.30 8.26 8.22
CA HIS C 201 -46.58 7.03 8.44
C HIS C 201 -47.53 5.98 9.01
N GLU C 202 -47.13 4.71 8.86
CA GLU C 202 -47.89 3.59 9.37
C GLU C 202 -46.99 2.71 10.23
N PRO C 203 -47.56 2.05 11.24
CA PRO C 203 -46.71 1.24 12.14
C PRO C 203 -45.97 0.11 11.44
N ARG C 204 -46.64 -0.58 10.50
CA ARG C 204 -46.01 -1.72 9.84
C ARG C 204 -44.83 -1.28 8.98
N ALA C 205 -44.97 -0.16 8.26
CA ALA C 205 -43.88 0.32 7.44
C ALA C 205 -42.67 0.70 8.28
N LEU C 206 -42.90 1.35 9.42
CA LEU C 206 -41.80 1.73 10.29
C LEU C 206 -41.14 0.51 10.92
N GLN C 207 -41.94 -0.50 11.30
CA GLN C 207 -41.35 -1.73 11.81
C GLN C 207 -40.50 -2.41 10.75
N LEU C 208 -40.97 -2.42 9.50
CA LEU C 208 -40.19 -3.01 8.41
C LEU C 208 -38.89 -2.24 8.20
N LEU C 209 -38.95 -0.91 8.25
CA LEU C 209 -37.74 -0.10 8.09
C LEU C 209 -36.75 -0.38 9.22
N ALA C 210 -37.24 -0.49 10.46
CA ALA C 210 -36.37 -0.81 11.58
C ALA C 210 -35.74 -2.18 11.41
N ARG C 211 -36.52 -3.16 10.95
CA ARG C 211 -35.97 -4.49 10.74
C ARG C 211 -34.91 -4.49 9.65
N ALA C 212 -35.13 -3.75 8.57
CA ALA C 212 -34.19 -3.69 7.47
C ALA C 212 -32.99 -2.80 7.77
N ALA C 213 -33.05 -1.99 8.82
CA ALA C 213 -31.91 -1.15 9.18
C ALA C 213 -30.75 -1.95 9.75
N GLU C 214 -31.01 -3.13 10.30
CA GLU C 214 -29.98 -4.00 10.88
C GLU C 214 -29.21 -3.29 11.99
N GLY C 215 -29.93 -2.58 12.85
CA GLY C 215 -29.36 -2.05 14.08
C GLY C 215 -28.54 -0.79 13.94
N SER C 216 -28.49 -0.18 12.76
CA SER C 216 -27.76 1.05 12.55
C SER C 216 -28.75 2.15 12.18
N LEU C 217 -28.72 3.25 12.94
CA LEU C 217 -29.75 4.27 12.77
C LEU C 217 -29.58 5.05 11.48
N ARG C 218 -28.35 5.25 11.01
CA ARG C 218 -28.16 5.96 9.76
C ARG C 218 -28.75 5.19 8.59
N ASP C 219 -28.61 3.86 8.59
CA ASP C 219 -29.28 3.04 7.59
C ASP C 219 -30.79 3.20 7.69
N ALA C 220 -31.34 3.18 8.90
CA ALA C 220 -32.77 3.36 9.07
C ALA C 220 -33.23 4.67 8.49
N LEU C 221 -32.46 5.74 8.71
CA LEU C 221 -32.91 7.07 8.34
C LEU C 221 -32.73 7.31 6.84
N SER C 222 -31.67 6.77 6.25
CA SER C 222 -31.54 6.80 4.79
C SER C 222 -32.63 5.97 4.13
N LEU C 223 -32.97 4.82 4.71
CA LEU C 223 -34.04 4.00 4.16
C LEU C 223 -35.38 4.70 4.29
N THR C 224 -35.60 5.43 5.38
CA THR C 224 -36.83 6.21 5.53
C THR C 224 -36.88 7.32 4.49
N ASP C 225 -35.74 7.97 4.22
CA ASP C 225 -35.71 8.98 3.17
C ASP C 225 -36.03 8.37 1.81
N GLN C 226 -35.46 7.19 1.52
CA GLN C 226 -35.74 6.52 0.25
C GLN C 226 -37.19 6.07 0.16
N ALA C 227 -37.80 5.69 1.28
CA ALA C 227 -39.21 5.32 1.28
C ALA C 227 -40.10 6.54 1.07
N ILE C 228 -39.73 7.67 1.66
CA ILE C 228 -40.44 8.92 1.39
C ILE C 228 -40.36 9.26 -0.08
N ALA C 229 -39.18 9.08 -0.69
CA ALA C 229 -39.04 9.30 -2.12
C ALA C 229 -39.90 8.31 -2.91
N SER C 230 -39.93 7.05 -2.49
CA SER C 230 -40.68 6.04 -3.23
C SER C 230 -42.16 6.34 -3.23
N GLY C 231 -42.71 6.72 -2.08
CA GLY C 231 -44.08 7.18 -2.01
C GLY C 231 -44.21 8.62 -2.47
N ASP C 232 -45.44 9.11 -2.46
CA ASP C 232 -45.69 10.51 -2.80
C ASP C 232 -45.45 11.38 -1.58
N GLY C 233 -44.28 11.28 -0.97
CA GLY C 233 -44.01 11.95 0.28
C GLY C 233 -44.66 11.31 1.49
N GLN C 234 -45.17 10.10 1.35
CA GLN C 234 -45.89 9.41 2.41
C GLN C 234 -45.31 8.02 2.60
N VAL C 235 -45.15 7.61 3.85
CA VAL C 235 -44.62 6.30 4.20
C VAL C 235 -45.80 5.37 4.46
N SER C 236 -45.89 4.29 3.68
CA SER C 236 -46.96 3.32 3.82
C SER C 236 -46.38 1.91 3.75
N THR C 237 -47.18 0.95 4.20
CA THR C 237 -46.73 -0.44 4.19
C THR C 237 -46.43 -0.91 2.77
N GLN C 238 -47.30 -0.57 1.82
CA GLN C 238 -47.10 -0.98 0.44
C GLN C 238 -45.81 -0.39 -0.13
N ALA C 239 -45.58 0.90 0.11
CA ALA C 239 -44.41 1.57 -0.46
C ALA C 239 -43.12 0.97 0.09
N VAL C 240 -43.04 0.82 1.41
CA VAL C 240 -41.83 0.28 2.02
C VAL C 240 -41.62 -1.18 1.64
N SER C 241 -42.71 -1.94 1.58
CA SER C 241 -42.60 -3.35 1.18
C SER C 241 -42.08 -3.47 -0.25
N ALA C 242 -42.56 -2.61 -1.15
CA ALA C 242 -42.06 -2.64 -2.52
C ALA C 242 -40.60 -2.18 -2.59
N MET C 243 -40.24 -1.15 -1.83
CA MET C 243 -38.89 -0.62 -1.89
C MET C 243 -37.87 -1.61 -1.37
N LEU C 244 -38.16 -2.25 -0.23
CA LEU C 244 -37.21 -3.19 0.37
C LEU C 244 -37.05 -4.45 -0.46
N GLY C 245 -37.92 -4.68 -1.45
CA GLY C 245 -37.85 -5.86 -2.28
C GLY C 245 -38.11 -7.13 -1.49
N THR C 246 -39.16 -7.14 -0.66
CA THR C 246 -39.47 -8.29 0.17
C THR C 246 -40.96 -8.36 0.40
N LEU C 247 -41.41 -9.51 0.87
CA LEU C 247 -42.79 -9.73 1.27
C LEU C 247 -42.91 -9.65 2.78
N ASP C 248 -44.07 -9.19 3.25
CA ASP C 248 -44.31 -8.99 4.68
C ASP C 248 -44.74 -10.31 5.30
N ASP C 249 -43.77 -11.22 5.44
CA ASP C 249 -44.00 -12.55 5.99
C ASP C 249 -45.24 -13.20 5.36
N ASP C 250 -46.23 -13.51 6.21
CA ASP C 250 -47.55 -13.99 5.80
C ASP C 250 -47.53 -14.87 4.56
N GLN C 251 -47.32 -14.26 3.40
CA GLN C 251 -47.21 -14.98 2.13
C GLN C 251 -46.16 -16.08 2.24
N ALA C 252 -45.01 -15.75 2.83
CA ALA C 252 -43.98 -16.75 3.05
C ALA C 252 -44.40 -17.75 4.10
N LEU C 253 -45.17 -17.32 5.10
CA LEU C 253 -45.72 -18.27 6.07
C LEU C 253 -46.67 -19.25 5.39
N SER C 254 -47.51 -18.74 4.48
CA SER C 254 -48.35 -19.64 3.69
C SER C 254 -47.51 -20.59 2.85
N LEU C 255 -46.41 -20.08 2.28
CA LEU C 255 -45.51 -20.93 1.51
C LEU C 255 -44.97 -22.07 2.37
N VAL C 256 -44.44 -21.76 3.55
CA VAL C 256 -43.84 -22.79 4.38
C VAL C 256 -44.90 -23.72 4.94
N GLU C 257 -46.12 -23.23 5.20
CA GLU C 257 -47.18 -24.10 5.66
C GLU C 257 -47.61 -25.08 4.58
N ALA C 258 -47.73 -24.62 3.34
CA ALA C 258 -48.00 -25.53 2.24
C ALA C 258 -46.85 -26.49 2.01
N MET C 259 -45.62 -26.06 2.32
CA MET C 259 -44.47 -26.94 2.21
C MET C 259 -44.55 -28.08 3.22
N VAL C 260 -44.80 -27.74 4.50
CA VAL C 260 -44.80 -28.76 5.54
C VAL C 260 -46.02 -29.67 5.46
N GLU C 261 -47.08 -29.23 4.79
CA GLU C 261 -48.29 -30.03 4.66
C GLU C 261 -48.31 -30.88 3.40
N ALA C 262 -47.23 -30.86 2.61
CA ALA C 262 -47.13 -31.60 1.36
C ALA C 262 -48.27 -31.26 0.40
N ASN C 263 -48.72 -30.01 0.44
CA ASN C 263 -49.76 -29.52 -0.45
C ASN C 263 -49.08 -28.86 -1.65
N GLY C 264 -48.59 -29.71 -2.56
CA GLY C 264 -47.84 -29.20 -3.70
C GLY C 264 -48.66 -28.30 -4.60
N GLU C 265 -49.95 -28.57 -4.74
CA GLU C 265 -50.81 -27.71 -5.54
C GLU C 265 -50.86 -26.30 -4.96
N ARG C 266 -51.00 -26.18 -3.63
CA ARG C 266 -51.00 -24.87 -3.01
C ARG C 266 -49.64 -24.20 -3.14
N VAL C 267 -48.56 -24.98 -3.06
CA VAL C 267 -47.22 -24.42 -3.26
C VAL C 267 -47.11 -23.80 -4.65
N MET C 268 -47.54 -24.54 -5.66
CA MET C 268 -47.48 -24.03 -7.03
C MET C 268 -48.37 -22.81 -7.21
N ALA C 269 -49.56 -22.83 -6.61
CA ALA C 269 -50.47 -21.69 -6.72
C ALA C 269 -49.87 -20.44 -6.08
N LEU C 270 -49.27 -20.59 -4.91
CA LEU C 270 -48.63 -19.45 -4.26
C LEU C 270 -47.42 -18.95 -5.05
N ILE C 271 -46.68 -19.86 -5.67
CA ILE C 271 -45.57 -19.46 -6.54
C ILE C 271 -46.11 -18.65 -7.73
N ASN C 272 -47.23 -19.10 -8.30
CA ASN C 272 -47.85 -18.35 -9.39
C ASN C 272 -48.29 -16.97 -8.93
N GLU C 273 -48.85 -16.88 -7.72
CA GLU C 273 -49.26 -15.59 -7.19
C GLU C 273 -48.06 -14.66 -7.00
N ALA C 274 -46.96 -15.21 -6.47
CA ALA C 274 -45.75 -14.40 -6.31
C ALA C 274 -45.20 -13.94 -7.65
N ALA C 275 -45.28 -14.81 -8.67
CA ALA C 275 -44.88 -14.41 -10.01
C ALA C 275 -45.77 -13.30 -10.54
N ALA C 276 -47.08 -13.38 -10.27
CA ALA C 276 -47.99 -12.31 -10.67
C ALA C 276 -47.62 -11.00 -10.01
N ARG C 277 -47.26 -11.04 -8.72
CA ARG C 277 -46.70 -9.86 -8.07
C ARG C 277 -45.31 -9.53 -8.61
N GLY C 278 -44.60 -10.52 -9.14
CA GLY C 278 -43.27 -10.28 -9.68
C GLY C 278 -42.21 -9.99 -8.65
N ILE C 279 -42.20 -10.74 -7.54
CA ILE C 279 -41.16 -10.56 -6.52
C ILE C 279 -39.92 -11.35 -6.94
N GLU C 280 -38.78 -10.94 -6.38
CA GLU C 280 -37.53 -11.67 -6.60
C GLU C 280 -37.67 -13.10 -6.12
N TRP C 281 -37.26 -14.05 -6.96
CA TRP C 281 -37.41 -15.45 -6.58
C TRP C 281 -36.45 -15.84 -5.46
N GLU C 282 -35.24 -15.27 -5.46
CA GLU C 282 -34.33 -15.50 -4.35
C GLU C 282 -34.90 -14.94 -3.06
N ALA C 283 -35.70 -13.88 -3.14
CA ALA C 283 -36.33 -13.35 -1.93
C ALA C 283 -37.30 -14.35 -1.33
N LEU C 284 -38.00 -15.12 -2.17
CA LEU C 284 -38.89 -16.15 -1.66
C LEU C 284 -38.12 -17.17 -0.83
N LEU C 285 -37.02 -17.68 -1.37
CA LEU C 285 -36.23 -18.67 -0.64
C LEU C 285 -35.61 -18.07 0.61
N VAL C 286 -35.15 -16.82 0.53
CA VAL C 286 -34.56 -16.18 1.71
C VAL C 286 -35.60 -16.03 2.81
N GLU C 287 -36.80 -15.59 2.47
CA GLU C 287 -37.85 -15.41 3.47
C GLU C 287 -38.30 -16.76 4.04
N MET C 288 -38.41 -17.78 3.20
CA MET C 288 -38.78 -19.10 3.70
C MET C 288 -37.71 -19.65 4.64
N LEU C 289 -36.44 -19.46 4.29
CA LEU C 289 -35.35 -19.88 5.17
C LEU C 289 -35.38 -19.11 6.48
N GLY C 290 -35.66 -17.81 6.42
CA GLY C 290 -35.78 -17.02 7.64
C GLY C 290 -36.90 -17.50 8.54
N LEU C 291 -38.05 -17.84 7.94
CA LEU C 291 -39.16 -18.32 8.76
C LEU C 291 -38.86 -19.68 9.35
N LEU C 292 -38.21 -20.55 8.58
CA LEU C 292 -37.81 -21.85 9.14
C LEU C 292 -36.83 -21.67 10.28
N HIS C 293 -35.89 -20.73 10.13
CA HIS C 293 -34.94 -20.44 11.18
C HIS C 293 -35.64 -19.89 12.43
N ARG C 294 -36.65 -19.05 12.24
CA ARG C 294 -37.41 -18.55 13.38
C ARG C 294 -38.21 -19.65 14.05
N ILE C 295 -38.74 -20.60 13.27
CA ILE C 295 -39.43 -21.73 13.87
C ILE C 295 -38.45 -22.59 14.66
N ALA C 296 -37.21 -22.72 14.16
CA ALA C 296 -36.18 -23.40 14.94
C ALA C 296 -35.87 -22.65 16.23
N MET C 297 -35.83 -21.31 16.16
CA MET C 297 -35.70 -20.49 17.35
C MET C 297 -36.78 -20.84 18.38
N VAL C 298 -38.02 -20.86 17.93
CA VAL C 298 -39.13 -21.16 18.84
C VAL C 298 -39.01 -22.59 19.38
N GLN C 299 -38.56 -23.52 18.53
CA GLN C 299 -38.37 -24.90 18.96
C GLN C 299 -37.35 -24.99 20.09
N LEU C 300 -36.24 -24.25 19.98
CA LEU C 300 -35.24 -24.28 21.04
C LEU C 300 -35.77 -23.66 22.32
N SER C 301 -36.34 -22.46 22.22
CA SER C 301 -36.84 -21.74 23.39
C SER C 301 -38.13 -21.00 23.03
N PRO C 302 -39.13 -21.04 23.90
CA PRO C 302 -40.39 -20.33 23.60
C PRO C 302 -40.23 -18.84 23.46
N ALA C 303 -39.34 -18.22 24.24
CA ALA C 303 -39.16 -16.78 24.19
C ALA C 303 -38.20 -16.38 23.07
N ALA C 304 -38.49 -16.82 21.85
CA ALA C 304 -37.64 -16.53 20.70
C ALA C 304 -38.39 -15.79 19.59
N LEU C 305 -39.49 -15.14 19.93
CA LEU C 305 -40.26 -14.35 18.98
C LEU C 305 -40.42 -12.93 19.51
N GLY C 306 -40.01 -11.95 18.72
CA GLY C 306 -40.20 -10.57 19.06
C GLY C 306 -41.57 -10.06 18.65
N ASN C 307 -41.82 -8.79 18.98
CA ASN C 307 -43.08 -8.17 18.60
C ASN C 307 -43.24 -8.03 17.10
N ASP C 308 -42.12 -7.99 16.36
CA ASP C 308 -42.19 -7.77 14.92
C ASP C 308 -43.01 -8.86 14.23
N MET C 309 -42.82 -10.12 14.64
CA MET C 309 -43.57 -11.23 14.09
C MET C 309 -44.86 -11.51 14.85
N ALA C 310 -45.20 -10.66 15.82
CA ALA C 310 -46.39 -10.89 16.63
C ALA C 310 -47.65 -11.06 15.78
N ALA C 311 -47.70 -10.40 14.63
CA ALA C 311 -48.87 -10.47 13.76
C ALA C 311 -49.16 -11.91 13.33
N ILE C 312 -48.15 -12.77 13.32
CA ILE C 312 -48.32 -14.18 13.00
C ILE C 312 -47.92 -15.08 14.16
N GLU C 313 -47.68 -14.50 15.34
CA GLU C 313 -47.10 -15.26 16.45
C GLU C 313 -47.92 -16.50 16.76
N LEU C 314 -49.24 -16.33 16.98
CA LEU C 314 -50.09 -17.46 17.31
C LEU C 314 -49.99 -18.55 16.25
N ARG C 315 -49.88 -18.16 14.98
CA ARG C 315 -49.67 -19.14 13.93
C ARG C 315 -48.32 -19.81 14.06
N MET C 316 -47.26 -19.00 14.21
CA MET C 316 -45.90 -19.52 14.19
C MET C 316 -45.67 -20.55 15.28
N ARG C 317 -46.16 -20.26 16.49
CA ARG C 317 -46.03 -21.21 17.59
C ARG C 317 -46.56 -22.58 17.21
N GLU C 318 -47.72 -22.61 16.54
CA GLU C 318 -48.32 -23.89 16.17
C GLU C 318 -47.40 -24.68 15.26
N LEU C 319 -46.62 -24.00 14.42
CA LEU C 319 -45.65 -24.70 13.59
C LEU C 319 -44.60 -25.41 14.44
N ALA C 320 -44.11 -24.73 15.48
CA ALA C 320 -43.12 -25.34 16.35
C ALA C 320 -43.71 -26.44 17.22
N ARG C 321 -45.04 -26.52 17.32
CA ARG C 321 -45.69 -27.54 18.12
C ARG C 321 -45.89 -28.85 17.39
N THR C 322 -45.67 -28.89 16.08
CA THR C 322 -45.93 -30.07 15.28
C THR C 322 -44.75 -30.60 14.48
N ILE C 323 -43.78 -29.76 14.12
CA ILE C 323 -42.67 -30.16 13.27
C ILE C 323 -41.54 -30.66 14.17
N PRO C 324 -41.14 -31.92 14.07
CA PRO C 324 -39.99 -32.38 14.83
C PRO C 324 -38.73 -31.67 14.36
N PRO C 325 -37.76 -31.47 15.26
CA PRO C 325 -36.56 -30.71 14.88
C PRO C 325 -35.79 -31.30 13.71
N THR C 326 -35.73 -32.63 13.57
CA THR C 326 -35.02 -33.21 12.43
C THR C 326 -35.70 -32.86 11.12
N ASP C 327 -37.04 -32.77 11.13
CA ASP C 327 -37.75 -32.38 9.90
C ASP C 327 -37.43 -30.94 9.52
N ILE C 328 -37.37 -30.04 10.49
CA ILE C 328 -36.99 -28.66 10.17
C ILE C 328 -35.54 -28.60 9.74
N GLN C 329 -34.69 -29.47 10.28
CA GLN C 329 -33.31 -29.54 9.81
C GLN C 329 -33.27 -29.91 8.34
N LEU C 330 -34.04 -30.93 7.95
CA LEU C 330 -34.09 -31.35 6.55
C LEU C 330 -34.64 -30.24 5.67
N TYR C 331 -35.71 -29.57 6.12
CA TYR C 331 -36.29 -28.48 5.34
C TYR C 331 -35.29 -27.35 5.13
N TYR C 332 -34.63 -26.92 6.21
CA TYR C 332 -33.66 -25.83 6.11
C TYR C 332 -32.50 -26.21 5.21
N GLN C 333 -31.99 -27.43 5.35
CA GLN C 333 -30.88 -27.86 4.51
C GLN C 333 -31.28 -27.92 3.05
N THR C 334 -32.47 -28.44 2.75
CA THR C 334 -32.92 -28.52 1.37
C THR C 334 -33.10 -27.12 0.76
N LEU C 335 -33.71 -26.21 1.51
CA LEU C 335 -33.88 -24.85 0.99
C LEU C 335 -32.55 -24.15 0.82
N LEU C 336 -31.60 -24.38 1.74
CA LEU C 336 -30.28 -23.78 1.60
C LEU C 336 -29.56 -24.32 0.37
N ILE C 337 -29.64 -25.62 0.12
CA ILE C 337 -29.03 -26.19 -1.08
C ILE C 337 -29.70 -25.62 -2.33
N GLY C 338 -31.02 -25.44 -2.28
CA GLY C 338 -31.71 -24.82 -3.41
C GLY C 338 -31.23 -23.41 -3.67
N ARG C 339 -31.02 -22.63 -2.61
CA ARG C 339 -30.48 -21.29 -2.79
C ARG C 339 -29.05 -21.33 -3.31
N LYS C 340 -28.27 -22.33 -2.89
CA LYS C 340 -26.92 -22.50 -3.43
C LYS C 340 -26.95 -22.74 -4.93
N GLU C 341 -27.88 -23.59 -5.38
CA GLU C 341 -27.94 -24.01 -6.77
C GLU C 341 -28.77 -23.09 -7.65
N LEU C 342 -29.49 -22.14 -7.07
CA LEU C 342 -30.37 -21.27 -7.85
C LEU C 342 -29.67 -20.53 -8.99
N PRO C 343 -28.52 -19.89 -8.80
CA PRO C 343 -27.93 -19.14 -9.93
C PRO C 343 -27.58 -19.99 -11.13
N TYR C 344 -27.41 -21.30 -10.97
CA TYR C 344 -27.06 -22.19 -12.07
C TYR C 344 -28.26 -22.95 -12.61
N ALA C 345 -29.46 -22.62 -12.16
CA ALA C 345 -30.66 -23.24 -12.68
C ALA C 345 -30.98 -22.71 -14.08
N PRO C 346 -31.73 -23.47 -14.89
CA PRO C 346 -32.11 -22.96 -16.21
C PRO C 346 -32.87 -21.65 -16.15
N ASP C 347 -33.73 -21.48 -15.14
CA ASP C 347 -34.38 -20.22 -14.87
C ASP C 347 -34.56 -20.10 -13.37
N ARG C 348 -34.59 -18.86 -12.88
CA ARG C 348 -34.70 -18.65 -11.44
C ARG C 348 -36.01 -19.21 -10.91
N ARG C 349 -37.10 -19.01 -11.65
CA ARG C 349 -38.37 -19.66 -11.28
C ARG C 349 -38.24 -21.17 -11.33
N MET C 350 -37.54 -21.70 -12.33
CA MET C 350 -37.33 -23.14 -12.40
C MET C 350 -36.57 -23.64 -11.17
N GLY C 351 -35.53 -22.91 -10.77
CA GLY C 351 -34.76 -23.31 -9.60
C GLY C 351 -35.57 -23.28 -8.32
N VAL C 352 -36.34 -22.20 -8.12
CA VAL C 352 -37.18 -22.12 -6.91
C VAL C 352 -38.20 -23.24 -6.90
N GLU C 353 -38.85 -23.49 -8.04
CA GLU C 353 -39.84 -24.55 -8.11
C GLU C 353 -39.22 -25.90 -7.80
N MET C 354 -38.04 -26.18 -8.38
CA MET C 354 -37.39 -27.46 -8.11
C MET C 354 -36.99 -27.58 -6.66
N THR C 355 -36.57 -26.47 -6.03
CA THR C 355 -36.25 -26.50 -4.61
C THR C 355 -37.46 -26.86 -3.77
N LEU C 356 -38.61 -26.25 -4.08
CA LEU C 356 -39.84 -26.59 -3.36
C LEU C 356 -40.24 -28.04 -3.60
N LEU C 357 -40.10 -28.51 -4.84
CA LEU C 357 -40.41 -29.91 -5.16
C LEU C 357 -39.52 -30.86 -4.37
N ARG C 358 -38.24 -30.56 -4.27
CA ARG C 358 -37.34 -31.40 -3.47
C ARG C 358 -37.70 -31.36 -2.00
N ALA C 359 -38.06 -30.18 -1.50
CA ALA C 359 -38.42 -30.06 -0.09
C ALA C 359 -39.65 -30.88 0.24
N LEU C 360 -40.67 -30.84 -0.62
CA LEU C 360 -41.89 -31.59 -0.34
C LEU C 360 -41.74 -33.08 -0.65
N ALA C 361 -40.95 -33.44 -1.66
CA ALA C 361 -40.80 -34.84 -2.02
C ALA C 361 -39.98 -35.62 -1.00
N PHE C 362 -39.03 -34.96 -0.35
CA PHE C 362 -38.21 -35.60 0.68
C PHE C 362 -38.82 -35.47 2.06
N HIS C 363 -40.05 -34.99 2.16
CA HIS C 363 -40.74 -34.88 3.44
C HIS C 363 -40.90 -36.27 4.06
N PRO C 364 -40.38 -36.50 5.28
CA PRO C 364 -40.51 -37.85 5.85
C PRO C 364 -41.93 -38.18 6.26
N ARG C 365 -42.66 -37.24 6.84
CA ARG C 365 -44.01 -37.54 7.33
C ARG C 365 -44.98 -37.75 6.17
N MET C 366 -44.90 -36.92 5.13
CA MET C 366 -45.76 -37.03 3.95
C MET C 366 -44.89 -37.02 2.70
N PRO C 367 -44.23 -38.14 2.38
CA PRO C 367 -43.43 -38.19 1.16
C PRO C 367 -44.30 -38.32 -0.07
N LEU C 368 -43.72 -37.94 -1.21
CA LEU C 368 -44.41 -38.10 -2.48
C LEU C 368 -44.42 -39.58 -2.84
N PRO C 369 -45.59 -40.19 -3.04
CA PRO C 369 -45.64 -41.64 -3.25
C PRO C 369 -44.95 -42.05 -4.54
N GLU C 370 -44.34 -43.23 -4.51
CA GLU C 370 -43.78 -43.81 -5.72
C GLU C 370 -44.91 -44.13 -6.70
N PRO C 371 -44.76 -43.81 -7.99
CA PRO C 371 -45.91 -43.85 -8.90
C PRO C 371 -46.61 -45.19 -9.00
N GLU C 372 -45.93 -46.22 -9.49
CA GLU C 372 -46.55 -47.55 -9.57
C GLU C 372 -45.76 -48.63 -8.87
N VAL C 373 -44.46 -48.76 -9.16
CA VAL C 373 -43.66 -49.86 -8.65
C VAL C 373 -42.17 -49.61 -8.92
N GLY D 1 -18.64 14.88 -38.42
CA GLY D 1 -18.73 13.49 -38.00
C GLY D 1 -19.44 13.31 -36.67
N PRO D 2 -20.67 12.79 -36.72
CA PRO D 2 -21.47 12.57 -35.50
C PRO D 2 -21.09 11.29 -34.75
N HIS D 3 -19.79 11.13 -34.50
CA HIS D 3 -19.26 9.95 -33.82
C HIS D 3 -19.70 8.67 -34.53
N MET D 4 -19.16 8.50 -35.75
CA MET D 4 -19.45 7.31 -36.54
C MET D 4 -19.28 6.04 -35.72
N SER D 5 -18.27 6.01 -34.83
CA SER D 5 -18.02 4.85 -33.98
C SER D 5 -19.23 4.47 -33.13
N TYR D 6 -20.25 5.33 -33.06
CA TYR D 6 -21.48 4.98 -32.36
C TYR D 6 -22.36 4.00 -33.13
N GLN D 7 -21.87 3.41 -34.23
CA GLN D 7 -22.74 2.49 -34.98
C GLN D 7 -23.10 1.27 -34.17
N VAL D 8 -22.32 0.95 -33.12
CA VAL D 8 -22.66 -0.14 -32.22
C VAL D 8 -23.96 0.19 -31.50
N LEU D 9 -24.85 -0.79 -31.41
CA LEU D 9 -26.17 -0.55 -30.81
C LEU D 9 -26.04 -0.21 -29.33
N ALA D 10 -25.10 -0.84 -28.63
CA ALA D 10 -24.96 -0.62 -27.19
C ALA D 10 -24.51 0.81 -26.85
N ARG D 11 -23.94 1.53 -27.81
CA ARG D 11 -23.53 2.90 -27.59
C ARG D 11 -24.52 3.93 -28.15
N LYS D 12 -25.37 3.53 -29.09
CA LYS D 12 -26.30 4.45 -29.72
C LYS D 12 -27.66 4.48 -29.04
N TRP D 13 -28.09 3.36 -28.45
CA TRP D 13 -29.45 3.22 -27.98
C TRP D 13 -29.59 3.40 -26.47
N ARG D 14 -28.56 3.91 -25.80
CA ARG D 14 -28.71 4.22 -24.38
C ARG D 14 -29.69 5.38 -24.22
N PRO D 15 -30.61 5.30 -23.25
CA PRO D 15 -31.66 6.31 -23.15
C PRO D 15 -31.10 7.67 -22.78
N GLN D 16 -31.76 8.71 -23.29
CA GLN D 16 -31.41 10.09 -22.99
C GLN D 16 -32.50 10.82 -22.21
N THR D 17 -33.61 10.16 -21.92
CA THR D 17 -34.71 10.76 -21.17
C THR D 17 -35.31 9.69 -20.27
N PHE D 18 -35.90 10.13 -19.16
CA PHE D 18 -36.49 9.21 -18.20
C PHE D 18 -37.55 8.32 -18.85
N ALA D 19 -38.30 8.88 -19.81
CA ALA D 19 -39.31 8.09 -20.49
C ALA D 19 -38.70 7.00 -21.37
N ASP D 20 -37.50 7.23 -21.89
CA ASP D 20 -36.85 6.25 -22.76
C ASP D 20 -36.39 5.02 -21.99
N VAL D 21 -36.33 5.10 -20.66
CA VAL D 21 -35.82 3.98 -19.87
C VAL D 21 -36.85 2.87 -19.85
N VAL D 22 -36.40 1.65 -20.14
CA VAL D 22 -37.26 0.47 -20.15
C VAL D 22 -37.13 -0.25 -18.81
N GLY D 23 -38.27 -0.60 -18.22
CA GLY D 23 -38.24 -1.27 -16.93
C GLY D 23 -37.75 -0.33 -15.84
N GLN D 24 -37.32 -0.95 -14.73
CA GLN D 24 -36.81 -0.21 -13.57
C GLN D 24 -37.79 0.85 -13.11
N GLU D 25 -39.08 0.50 -13.07
CA GLU D 25 -40.11 1.48 -12.77
C GLU D 25 -40.00 2.00 -11.34
N HIS D 26 -39.59 1.16 -10.39
CA HIS D 26 -39.54 1.61 -9.00
C HIS D 26 -38.47 2.69 -8.79
N VAL D 27 -37.27 2.45 -9.30
CA VAL D 27 -36.19 3.43 -9.14
C VAL D 27 -36.50 4.70 -9.93
N LEU D 28 -37.10 4.55 -11.11
CA LEU D 28 -37.48 5.72 -11.90
C LEU D 28 -38.52 6.55 -11.16
N THR D 29 -39.52 5.90 -10.57
CA THR D 29 -40.51 6.62 -9.79
C THR D 29 -39.90 7.31 -8.59
N ALA D 30 -38.98 6.62 -7.89
CA ALA D 30 -38.33 7.24 -6.73
C ALA D 30 -37.52 8.46 -7.14
N LEU D 31 -36.76 8.35 -8.25
CA LEU D 31 -35.98 9.49 -8.71
C LEU D 31 -36.88 10.65 -9.12
N ALA D 32 -37.97 10.37 -9.84
CA ALA D 32 -38.87 11.43 -10.27
C ALA D 32 -39.51 12.12 -9.08
N ASN D 33 -39.95 11.35 -8.09
CA ASN D 33 -40.55 11.95 -6.90
C ASN D 33 -39.53 12.77 -6.12
N GLY D 34 -38.30 12.27 -6.01
CA GLY D 34 -37.26 13.04 -5.33
C GLY D 34 -36.96 14.36 -6.02
N LEU D 35 -36.86 14.34 -7.35
CA LEU D 35 -36.59 15.57 -8.08
C LEU D 35 -37.76 16.54 -7.98
N SER D 36 -38.99 16.04 -8.13
CA SER D 36 -40.15 16.94 -8.13
C SER D 36 -40.41 17.51 -6.75
N LEU D 37 -40.42 16.67 -5.72
CA LEU D 37 -40.75 17.11 -4.38
C LEU D 37 -39.64 17.97 -3.76
N GLY D 38 -38.43 17.91 -4.31
CA GLY D 38 -37.30 18.60 -3.73
C GLY D 38 -36.49 17.78 -2.75
N ARG D 39 -36.93 16.55 -2.45
CA ARG D 39 -36.21 15.66 -1.54
C ARG D 39 -34.99 15.12 -2.27
N ILE D 40 -33.96 15.96 -2.35
CA ILE D 40 -32.74 15.64 -3.09
C ILE D 40 -31.68 15.17 -2.11
N HIS D 41 -31.04 14.06 -2.45
CA HIS D 41 -29.96 13.49 -1.65
C HIS D 41 -28.62 13.75 -2.32
N HIS D 42 -27.55 13.45 -1.60
CA HIS D 42 -26.19 13.74 -2.07
C HIS D 42 -25.37 12.48 -2.32
N ALA D 43 -25.96 11.30 -2.23
CA ALA D 43 -25.21 10.06 -2.45
C ALA D 43 -26.20 8.99 -2.90
N TYR D 44 -26.22 8.72 -4.20
CA TYR D 44 -27.05 7.68 -4.78
C TYR D 44 -26.17 6.51 -5.20
N LEU D 45 -26.57 5.30 -4.85
CA LEU D 45 -25.82 4.09 -5.17
C LEU D 45 -26.75 3.14 -5.91
N PHE D 46 -26.61 3.09 -7.23
CA PHE D 46 -27.42 2.20 -8.06
C PHE D 46 -26.70 0.87 -8.17
N SER D 47 -27.23 -0.15 -7.51
CA SER D 47 -26.61 -1.47 -7.46
C SER D 47 -27.50 -2.49 -8.16
N GLY D 48 -26.88 -3.35 -8.95
CA GLY D 48 -27.61 -4.39 -9.65
C GLY D 48 -26.69 -5.18 -10.53
N THR D 49 -27.26 -6.21 -11.16
CA THR D 49 -26.46 -7.04 -12.05
C THR D 49 -26.10 -6.28 -13.32
N ARG D 50 -25.13 -6.83 -14.05
CA ARG D 50 -24.56 -6.12 -15.19
C ARG D 50 -25.57 -5.97 -16.32
N GLY D 51 -25.40 -4.91 -17.10
CA GLY D 51 -26.24 -4.65 -18.26
C GLY D 51 -27.70 -4.42 -17.91
N VAL D 52 -27.96 -3.60 -16.90
CA VAL D 52 -29.33 -3.32 -16.47
C VAL D 52 -29.61 -1.83 -16.65
N GLY D 53 -28.57 -1.01 -16.56
CA GLY D 53 -28.72 0.39 -16.90
C GLY D 53 -28.43 1.39 -15.79
N LYS D 54 -27.60 1.02 -14.82
CA LYS D 54 -27.36 1.93 -13.71
C LYS D 54 -26.48 3.11 -14.12
N THR D 55 -25.52 2.89 -15.02
CA THR D 55 -24.74 4.01 -15.53
C THR D 55 -25.62 4.97 -16.31
N SER D 56 -26.49 4.45 -17.18
CA SER D 56 -27.39 5.31 -17.93
C SER D 56 -28.37 6.03 -17.00
N ILE D 57 -28.89 5.32 -15.99
CA ILE D 57 -29.80 5.96 -15.05
C ILE D 57 -29.09 7.08 -14.30
N ALA D 58 -27.86 6.84 -13.88
CA ALA D 58 -27.10 7.87 -13.18
C ALA D 58 -26.82 9.07 -14.08
N ARG D 59 -26.49 8.83 -15.35
CA ARG D 59 -26.27 9.94 -16.27
C ARG D 59 -27.55 10.73 -16.50
N LEU D 60 -28.70 10.04 -16.57
CA LEU D 60 -29.97 10.74 -16.70
C LEU D 60 -30.26 11.56 -15.44
N LEU D 61 -29.94 11.03 -14.27
CA LEU D 61 -30.10 11.79 -13.04
C LEU D 61 -29.22 13.04 -13.05
N ALA D 62 -27.98 12.90 -13.52
CA ALA D 62 -27.10 14.06 -13.62
C ALA D 62 -27.65 15.09 -14.61
N LYS D 63 -28.20 14.61 -15.73
CA LYS D 63 -28.81 15.53 -16.69
C LYS D 63 -29.97 16.29 -16.05
N GLY D 64 -30.82 15.58 -15.31
CA GLY D 64 -31.92 16.24 -14.64
C GLY D 64 -31.47 17.21 -13.57
N LEU D 65 -30.36 16.91 -12.90
CA LEU D 65 -29.90 17.77 -11.81
C LEU D 65 -29.26 19.05 -12.33
N ASN D 66 -28.60 19.01 -13.49
CA ASN D 66 -27.79 20.12 -13.98
C ASN D 66 -28.41 20.80 -15.19
N CYS D 67 -29.73 20.72 -15.35
CA CYS D 67 -30.42 21.35 -16.46
C CYS D 67 -30.75 22.80 -16.14
N GLU D 68 -30.60 23.68 -17.13
CA GLU D 68 -30.91 25.09 -16.91
C GLU D 68 -32.39 25.33 -16.68
N THR D 69 -33.25 24.37 -17.06
CA THR D 69 -34.67 24.52 -16.77
C THR D 69 -34.94 24.50 -15.27
N GLY D 70 -34.08 23.85 -14.49
CA GLY D 70 -34.22 23.73 -13.07
C GLY D 70 -33.95 22.30 -12.64
N ILE D 71 -34.34 21.97 -11.42
CA ILE D 71 -34.23 20.61 -10.91
C ILE D 71 -35.48 19.88 -11.41
N THR D 72 -35.41 19.36 -12.63
CA THR D 72 -36.56 18.77 -13.29
C THR D 72 -36.45 17.24 -13.30
N ALA D 73 -37.60 16.59 -13.20
CA ALA D 73 -37.65 15.13 -13.27
C ALA D 73 -37.48 14.61 -14.69
N THR D 74 -37.68 15.45 -15.70
CA THR D 74 -37.52 15.07 -17.09
C THR D 74 -36.60 16.07 -17.78
N PRO D 75 -35.35 15.70 -18.03
CA PRO D 75 -34.42 16.63 -18.69
C PRO D 75 -34.92 17.02 -20.08
N CYS D 76 -34.66 18.27 -20.45
CA CYS D 76 -35.08 18.76 -21.77
C CYS D 76 -34.38 18.02 -22.88
N GLY D 77 -33.08 17.78 -22.75
CA GLY D 77 -32.30 17.12 -23.77
C GLY D 77 -31.81 18.03 -24.88
N VAL D 78 -32.16 19.30 -24.86
CA VAL D 78 -31.74 20.25 -25.89
C VAL D 78 -31.03 21.48 -25.32
N CYS D 79 -31.04 21.66 -24.00
CA CYS D 79 -30.38 22.82 -23.41
C CYS D 79 -28.86 22.70 -23.57
N ASP D 80 -28.16 23.80 -23.28
CA ASP D 80 -26.72 23.81 -23.41
C ASP D 80 -26.07 22.78 -22.50
N ASN D 81 -26.52 22.71 -21.25
CA ASN D 81 -25.95 21.75 -20.31
C ASN D 81 -26.23 20.32 -20.75
N CYS D 82 -27.47 20.04 -21.20
CA CYS D 82 -27.79 18.69 -21.66
C CYS D 82 -26.96 18.30 -22.88
N ARG D 83 -26.80 19.22 -23.83
CA ARG D 83 -25.98 18.92 -25.00
C ARG D 83 -24.53 18.68 -24.60
N GLU D 84 -24.00 19.49 -23.70
CA GLU D 84 -22.60 19.34 -23.28
C GLU D 84 -22.39 18.02 -22.56
N ILE D 85 -23.30 17.66 -21.65
CA ILE D 85 -23.14 16.40 -20.93
C ILE D 85 -23.33 15.20 -21.85
N GLU D 86 -24.14 15.36 -22.91
CA GLU D 86 -24.18 14.33 -23.94
C GLU D 86 -22.85 14.23 -24.66
N GLN D 87 -22.24 15.37 -24.97
CA GLN D 87 -20.93 15.36 -25.62
C GLN D 87 -19.83 14.81 -24.71
N GLY D 88 -20.04 14.84 -23.40
CA GLY D 88 -19.02 14.42 -22.45
C GLY D 88 -18.02 15.49 -22.06
N ARG D 89 -18.19 16.72 -22.54
CA ARG D 89 -17.27 17.81 -22.26
C ARG D 89 -17.64 18.59 -21.00
N PHE D 90 -18.67 18.18 -20.28
CA PHE D 90 -19.16 18.95 -19.14
C PHE D 90 -18.17 18.88 -17.99
N VAL D 91 -17.66 20.03 -17.55
CA VAL D 91 -16.69 20.08 -16.47
C VAL D 91 -17.35 19.71 -15.14
N ASP D 92 -18.56 20.21 -14.90
CA ASP D 92 -19.18 20.04 -13.59
C ASP D 92 -19.51 18.58 -13.28
N LEU D 93 -19.56 17.72 -14.29
CA LEU D 93 -19.78 16.29 -14.10
C LEU D 93 -18.44 15.58 -14.25
N ILE D 94 -18.06 14.81 -13.23
CA ILE D 94 -16.79 14.10 -13.20
C ILE D 94 -17.09 12.61 -13.18
N GLU D 95 -16.71 11.91 -14.24
CA GLU D 95 -16.88 10.47 -14.32
C GLU D 95 -15.57 9.81 -13.93
N ILE D 96 -15.58 9.07 -12.83
CA ILE D 96 -14.39 8.41 -12.30
C ILE D 96 -14.49 6.93 -12.63
N ASP D 97 -13.58 6.45 -13.48
CA ASP D 97 -13.47 5.02 -13.75
C ASP D 97 -12.72 4.40 -12.58
N ALA D 98 -13.45 4.17 -11.48
CA ALA D 98 -12.82 3.74 -10.24
C ALA D 98 -12.10 2.41 -10.37
N ALA D 99 -12.41 1.62 -11.40
CA ALA D 99 -11.64 0.42 -11.67
C ALA D 99 -10.25 0.72 -12.21
N SER D 100 -9.99 1.97 -12.60
CA SER D 100 -8.68 2.40 -13.06
C SER D 100 -8.00 3.37 -12.11
N ARG D 101 -8.73 4.35 -11.59
CA ARG D 101 -8.19 5.28 -10.59
C ARG D 101 -8.54 4.80 -9.19
N THR D 102 -8.08 3.60 -8.87
CA THR D 102 -8.37 2.96 -7.59
C THR D 102 -7.40 3.37 -6.49
N LYS D 103 -6.34 4.10 -6.81
CA LYS D 103 -5.36 4.49 -5.81
C LYS D 103 -5.93 5.55 -4.88
N VAL D 104 -5.34 5.64 -3.69
CA VAL D 104 -5.81 6.60 -2.70
C VAL D 104 -5.29 8.01 -2.97
N GLU D 105 -4.16 8.14 -3.66
CA GLU D 105 -3.64 9.47 -3.97
C GLU D 105 -4.63 10.25 -4.82
N ASP D 106 -5.17 9.62 -5.86
CA ASP D 106 -6.14 10.28 -6.72
C ASP D 106 -7.42 10.62 -5.97
N THR D 107 -7.88 9.71 -5.10
CA THR D 107 -9.09 9.97 -4.34
C THR D 107 -8.91 11.16 -3.40
N ARG D 108 -7.78 11.22 -2.71
CA ARG D 108 -7.52 12.35 -1.82
C ARG D 108 -7.39 13.65 -2.60
N ASP D 109 -6.71 13.60 -3.75
CA ASP D 109 -6.58 14.80 -4.57
C ASP D 109 -7.94 15.29 -5.04
N LEU D 110 -8.82 14.36 -5.44
CA LEU D 110 -10.17 14.76 -5.87
C LEU D 110 -10.97 15.34 -4.71
N LEU D 111 -10.89 14.72 -3.53
CA LEU D 111 -11.68 15.19 -2.40
C LEU D 111 -11.17 16.51 -1.85
N ASP D 112 -9.90 16.84 -2.06
CA ASP D 112 -9.41 18.14 -1.63
C ASP D 112 -9.96 19.28 -2.46
N ASN D 113 -10.58 18.99 -3.61
CA ASN D 113 -11.10 20.02 -4.50
C ASN D 113 -12.62 20.12 -4.49
N VAL D 114 -13.27 19.53 -3.47
CA VAL D 114 -14.72 19.54 -3.43
C VAL D 114 -15.27 20.91 -3.01
N GLN D 115 -14.48 21.69 -2.28
CA GLN D 115 -14.97 22.96 -1.74
C GLN D 115 -15.21 24.01 -2.82
N TYR D 116 -14.57 23.88 -3.97
CA TYR D 116 -14.66 24.92 -4.99
C TYR D 116 -16.03 24.94 -5.65
N ALA D 117 -16.33 26.05 -6.30
CA ALA D 117 -17.63 26.25 -6.93
C ALA D 117 -17.70 25.49 -8.26
N PRO D 118 -18.90 25.03 -8.63
CA PRO D 118 -19.08 24.48 -9.98
C PRO D 118 -18.94 25.55 -11.03
N ALA D 119 -18.49 25.14 -12.22
CA ALA D 119 -18.26 26.10 -13.30
C ALA D 119 -19.57 26.65 -13.85
N ARG D 120 -20.41 25.77 -14.38
CA ARG D 120 -21.65 26.18 -15.02
C ARG D 120 -22.89 25.67 -14.30
N GLY D 121 -22.99 24.36 -14.10
CA GLY D 121 -24.21 23.78 -13.55
C GLY D 121 -24.38 24.05 -12.07
N ARG D 122 -25.58 23.73 -11.59
CA ARG D 122 -25.88 23.93 -10.17
C ARG D 122 -25.05 23.01 -9.30
N PHE D 123 -24.90 21.75 -9.69
CA PHE D 123 -24.29 20.74 -8.84
C PHE D 123 -23.06 20.14 -9.52
N LYS D 124 -22.09 19.75 -8.69
CA LYS D 124 -20.84 19.14 -9.16
C LYS D 124 -20.98 17.62 -8.97
N VAL D 125 -21.64 16.99 -9.94
CA VAL D 125 -21.99 15.58 -9.83
C VAL D 125 -20.75 14.71 -10.02
N TYR D 126 -20.59 13.71 -9.16
CA TYR D 126 -19.48 12.77 -9.21
C TYR D 126 -20.03 11.40 -9.59
N LEU D 127 -19.71 10.93 -10.79
CA LEU D 127 -20.16 9.64 -11.27
C LEU D 127 -19.01 8.65 -11.09
N ILE D 128 -18.98 7.98 -9.94
CA ILE D 128 -17.96 6.99 -9.64
C ILE D 128 -18.48 5.65 -10.13
N ASP D 129 -17.91 5.15 -11.22
CA ASP D 129 -18.32 3.90 -11.83
C ASP D 129 -17.43 2.76 -11.36
N GLU D 130 -18.03 1.60 -11.12
CA GLU D 130 -17.32 0.43 -10.60
C GLU D 130 -16.64 0.76 -9.27
N VAL D 131 -17.47 1.13 -8.29
CA VAL D 131 -16.95 1.59 -7.01
C VAL D 131 -16.21 0.48 -6.28
N HIS D 132 -16.67 -0.77 -6.43
CA HIS D 132 -16.14 -1.86 -5.63
C HIS D 132 -14.66 -2.12 -5.91
N MET D 133 -14.13 -1.58 -7.00
CA MET D 133 -12.71 -1.78 -7.33
C MET D 133 -11.80 -0.77 -6.63
N LEU D 134 -12.34 0.18 -5.89
CA LEU D 134 -11.50 1.09 -5.14
C LEU D 134 -10.76 0.35 -4.03
N SER D 135 -9.60 0.87 -3.66
CA SER D 135 -8.87 0.31 -2.54
C SER D 135 -9.56 0.65 -1.23
N ARG D 136 -9.28 -0.14 -0.20
CA ARG D 136 -9.92 0.07 1.09
C ARG D 136 -9.60 1.46 1.63
N HIS D 137 -8.37 1.93 1.44
CA HIS D 137 -8.01 3.29 1.83
C HIS D 137 -8.85 4.30 1.05
N SER D 138 -9.08 4.04 -0.24
CA SER D 138 -9.92 4.93 -1.03
C SER D 138 -11.35 4.96 -0.51
N PHE D 139 -11.88 3.81 -0.10
CA PHE D 139 -13.21 3.78 0.52
C PHE D 139 -13.23 4.63 1.78
N ASN D 140 -12.28 4.38 2.68
CA ASN D 140 -12.28 5.08 3.96
C ASN D 140 -12.03 6.57 3.80
N ALA D 141 -11.39 6.99 2.70
CA ALA D 141 -11.21 8.41 2.45
C ALA D 141 -12.52 9.11 2.09
N LEU D 142 -13.51 8.35 1.62
CA LEU D 142 -14.78 8.92 1.16
C LEU D 142 -15.80 9.12 2.26
N LEU D 143 -15.53 8.63 3.48
CA LEU D 143 -16.56 8.59 4.51
C LEU D 143 -16.98 9.99 4.94
N LYS D 144 -16.01 10.84 5.28
CA LYS D 144 -16.35 12.19 5.75
C LYS D 144 -17.03 13.00 4.66
N THR D 145 -16.57 12.88 3.42
CA THR D 145 -17.19 13.63 2.33
C THR D 145 -18.61 13.14 2.06
N LEU D 146 -18.83 11.82 2.10
CA LEU D 146 -20.17 11.31 1.83
C LEU D 146 -21.13 11.63 2.98
N GLU D 147 -20.64 11.68 4.21
CA GLU D 147 -21.51 12.00 5.33
C GLU D 147 -22.07 13.41 5.22
N GLU D 148 -21.18 14.39 5.04
CA GLU D 148 -21.56 15.80 5.03
C GLU D 148 -20.83 16.52 3.89
N PRO D 149 -21.25 16.28 2.65
CA PRO D 149 -20.66 17.01 1.53
C PRO D 149 -21.21 18.42 1.47
N PRO D 150 -20.53 19.33 0.77
CA PRO D 150 -21.10 20.66 0.53
C PRO D 150 -22.40 20.57 -0.27
N GLU D 151 -23.15 21.67 -0.25
CA GLU D 151 -24.47 21.69 -0.86
C GLU D 151 -24.43 21.70 -2.39
N HIS D 152 -23.24 21.83 -2.99
CA HIS D 152 -23.12 21.94 -4.44
C HIS D 152 -22.51 20.70 -5.09
N VAL D 153 -22.30 19.64 -4.33
CA VAL D 153 -21.65 18.43 -4.84
C VAL D 153 -22.54 17.23 -4.54
N LYS D 154 -22.61 16.29 -5.48
CA LYS D 154 -23.39 15.07 -5.31
C LYS D 154 -22.62 13.90 -5.88
N PHE D 155 -22.65 12.78 -5.16
CA PHE D 155 -21.97 11.56 -5.56
C PHE D 155 -22.99 10.58 -6.11
N LEU D 156 -22.75 10.09 -7.32
CA LEU D 156 -23.60 9.08 -7.94
C LEU D 156 -22.75 7.83 -8.14
N LEU D 157 -22.68 7.00 -7.11
CA LEU D 157 -21.97 5.74 -7.22
C LEU D 157 -22.77 4.76 -8.08
N ALA D 158 -22.07 3.80 -8.67
CA ALA D 158 -22.71 2.80 -9.52
C ALA D 158 -21.85 1.55 -9.50
N THR D 159 -22.28 0.55 -8.73
CA THR D 159 -21.57 -0.71 -8.63
C THR D 159 -22.43 -1.85 -9.12
N THR D 160 -21.78 -2.87 -9.65
CA THR D 160 -22.44 -4.11 -10.03
C THR D 160 -22.36 -5.18 -8.95
N ASP D 161 -21.81 -4.84 -7.78
CA ASP D 161 -21.57 -5.81 -6.72
C ASP D 161 -21.56 -5.08 -5.38
N PRO D 162 -22.73 -4.76 -4.85
CA PRO D 162 -22.80 -3.90 -3.66
C PRO D 162 -22.19 -4.51 -2.41
N GLN D 163 -22.12 -5.84 -2.30
CA GLN D 163 -21.68 -6.44 -1.04
C GLN D 163 -20.20 -6.22 -0.76
N LYS D 164 -19.40 -5.93 -1.78
CA LYS D 164 -17.98 -5.68 -1.55
C LYS D 164 -17.71 -4.28 -1.00
N LEU D 165 -18.66 -3.36 -1.11
CA LEU D 165 -18.49 -2.06 -0.49
C LEU D 165 -18.50 -2.21 1.03
N PRO D 166 -17.64 -1.47 1.74
CA PRO D 166 -17.72 -1.49 3.20
C PRO D 166 -19.07 -0.98 3.67
N VAL D 167 -19.55 -1.55 4.79
CA VAL D 167 -20.86 -1.17 5.31
C VAL D 167 -20.91 0.33 5.61
N THR D 168 -19.76 0.93 5.95
CA THR D 168 -19.72 2.37 6.18
C THR D 168 -19.99 3.17 4.91
N ILE D 169 -19.78 2.59 3.74
CA ILE D 169 -20.10 3.26 2.48
C ILE D 169 -21.55 3.02 2.09
N LEU D 170 -22.04 1.79 2.24
CA LEU D 170 -23.45 1.51 1.99
C LEU D 170 -24.34 2.30 2.94
N SER D 171 -23.82 2.68 4.11
CA SER D 171 -24.64 3.33 5.12
C SER D 171 -24.95 4.77 4.77
N ARG D 172 -24.08 5.43 4.00
CA ARG D 172 -24.23 6.85 3.70
C ARG D 172 -25.00 7.11 2.42
N CYS D 173 -25.45 6.07 1.72
CA CYS D 173 -26.00 6.23 0.38
C CYS D 173 -27.43 5.70 0.31
N LEU D 174 -28.18 6.25 -0.65
CA LEU D 174 -29.49 5.73 -1.01
C LEU D 174 -29.28 4.58 -1.98
N GLN D 175 -29.60 3.36 -1.55
CA GLN D 175 -29.37 2.16 -2.34
C GLN D 175 -30.58 1.93 -3.25
N PHE D 176 -30.36 2.01 -4.56
CA PHE D 176 -31.37 1.72 -5.56
C PHE D 176 -31.04 0.38 -6.20
N HIS D 177 -31.87 -0.62 -5.92
CA HIS D 177 -31.67 -1.95 -6.49
C HIS D 177 -32.27 -1.96 -7.89
N LEU D 178 -31.42 -2.10 -8.89
CA LEU D 178 -31.85 -2.14 -10.29
C LEU D 178 -32.29 -3.58 -10.60
N LYS D 179 -33.59 -3.79 -10.65
CA LYS D 179 -34.12 -5.13 -10.89
C LYS D 179 -33.76 -5.62 -12.28
N ALA D 180 -33.43 -6.91 -12.39
CA ALA D 180 -33.09 -7.49 -13.67
C ALA D 180 -34.30 -7.47 -14.61
N LEU D 181 -34.07 -7.11 -15.86
CA LEU D 181 -35.16 -6.97 -16.82
C LEU D 181 -35.75 -8.33 -17.15
N ASP D 182 -37.08 -8.37 -17.26
CA ASP D 182 -37.78 -9.60 -17.60
C ASP D 182 -37.64 -9.91 -19.09
N VAL D 183 -38.10 -11.11 -19.47
CA VAL D 183 -38.02 -11.53 -20.86
C VAL D 183 -38.86 -10.61 -21.75
N GLU D 184 -40.08 -10.28 -21.29
CA GLU D 184 -40.98 -9.47 -22.08
C GLU D 184 -40.41 -8.08 -22.33
N GLN D 185 -39.82 -7.46 -21.30
CA GLN D 185 -39.26 -6.13 -21.44
C GLN D 185 -38.12 -6.13 -22.46
N ILE D 186 -37.23 -7.13 -22.37
CA ILE D 186 -36.12 -7.22 -23.29
C ILE D 186 -36.63 -7.42 -24.71
N ARG D 187 -37.60 -8.32 -24.88
CA ARG D 187 -38.13 -8.57 -26.22
C ARG D 187 -38.76 -7.32 -26.81
N HIS D 188 -39.55 -6.60 -26.01
CA HIS D 188 -40.20 -5.39 -26.52
C HIS D 188 -39.19 -4.33 -26.88
N GLN D 189 -38.17 -4.12 -26.03
CA GLN D 189 -37.15 -3.12 -26.33
C GLN D 189 -36.38 -3.48 -27.59
N LEU D 190 -36.01 -4.75 -27.75
CA LEU D 190 -35.30 -5.18 -28.95
C LEU D 190 -36.15 -4.96 -30.19
N GLU D 191 -37.44 -5.32 -30.11
CA GLU D 191 -38.32 -5.10 -31.25
C GLU D 191 -38.43 -3.63 -31.60
N HIS D 192 -38.57 -2.78 -30.58
CA HIS D 192 -38.72 -1.35 -30.82
C HIS D 192 -37.48 -0.78 -31.51
N ILE D 193 -36.29 -1.11 -31.00
CA ILE D 193 -35.08 -0.54 -31.58
C ILE D 193 -34.83 -1.09 -32.98
N LEU D 194 -35.06 -2.40 -33.19
CA LEU D 194 -34.84 -2.96 -34.51
C LEU D 194 -35.81 -2.37 -35.53
N ASN D 195 -37.07 -2.19 -35.16
CA ASN D 195 -38.01 -1.54 -36.06
C ASN D 195 -37.66 -0.07 -36.29
N GLU D 196 -37.04 0.56 -35.30
CA GLU D 196 -36.57 1.93 -35.50
C GLU D 196 -35.46 1.98 -36.55
N GLU D 197 -34.53 1.03 -36.50
CA GLU D 197 -33.43 1.02 -37.45
C GLU D 197 -33.74 0.27 -38.73
N HIS D 198 -34.97 -0.22 -38.91
CA HIS D 198 -35.39 -0.90 -40.13
C HIS D 198 -34.51 -2.11 -40.43
N ILE D 199 -34.54 -3.07 -39.52
CA ILE D 199 -33.76 -4.30 -39.63
C ILE D 199 -34.71 -5.48 -39.67
N ALA D 200 -34.52 -6.36 -40.63
CA ALA D 200 -35.37 -7.54 -40.76
C ALA D 200 -35.20 -8.45 -39.54
N HIS D 201 -36.31 -9.02 -39.07
CA HIS D 201 -36.30 -9.83 -37.87
C HIS D 201 -37.52 -10.72 -37.86
N GLU D 202 -37.52 -11.69 -36.95
CA GLU D 202 -38.64 -12.58 -36.70
C GLU D 202 -38.94 -12.60 -35.21
N PRO D 203 -40.22 -12.58 -34.83
CA PRO D 203 -40.54 -12.56 -33.38
C PRO D 203 -39.96 -13.73 -32.61
N ARG D 204 -39.88 -14.91 -33.23
CA ARG D 204 -39.28 -16.06 -32.57
C ARG D 204 -37.80 -15.81 -32.26
N ALA D 205 -37.08 -15.21 -33.20
CA ALA D 205 -35.68 -14.90 -32.95
C ALA D 205 -35.52 -13.93 -31.79
N LEU D 206 -36.40 -12.94 -31.71
CA LEU D 206 -36.36 -11.99 -30.59
C LEU D 206 -36.67 -12.70 -29.27
N GLN D 207 -37.61 -13.63 -29.28
CA GLN D 207 -37.91 -14.41 -28.08
C GLN D 207 -36.68 -15.20 -27.64
N LEU D 208 -35.99 -15.84 -28.59
CA LEU D 208 -34.79 -16.58 -28.26
C LEU D 208 -33.71 -15.67 -27.69
N LEU D 209 -33.52 -14.49 -28.30
CA LEU D 209 -32.53 -13.55 -27.79
C LEU D 209 -32.86 -13.11 -26.37
N ALA D 210 -34.12 -12.79 -26.11
CA ALA D 210 -34.53 -12.36 -24.78
C ALA D 210 -34.32 -13.47 -23.75
N ARG D 211 -34.67 -14.71 -24.11
CA ARG D 211 -34.50 -15.81 -23.16
C ARG D 211 -33.03 -16.10 -22.90
N ALA D 212 -32.19 -16.05 -23.94
CA ALA D 212 -30.79 -16.40 -23.81
C ALA D 212 -29.93 -15.23 -23.34
N ALA D 213 -30.50 -14.04 -23.17
CA ALA D 213 -29.74 -12.91 -22.68
C ALA D 213 -29.51 -12.94 -21.17
N GLU D 214 -30.27 -13.77 -20.44
CA GLU D 214 -30.15 -13.89 -18.98
C GLU D 214 -30.39 -12.54 -18.31
N GLY D 215 -31.55 -11.96 -18.59
CA GLY D 215 -32.02 -10.77 -17.89
C GLY D 215 -31.11 -9.56 -17.97
N SER D 216 -30.62 -9.24 -19.17
CA SER D 216 -29.76 -8.07 -19.34
C SER D 216 -30.00 -7.48 -20.72
N LEU D 217 -30.21 -6.16 -20.77
CA LEU D 217 -30.43 -5.51 -22.06
C LEU D 217 -29.14 -5.41 -22.86
N ARG D 218 -28.00 -5.20 -22.18
CA ARG D 218 -26.74 -5.11 -22.91
C ARG D 218 -26.35 -6.44 -23.52
N ASP D 219 -26.58 -7.54 -22.79
CA ASP D 219 -26.30 -8.86 -23.36
C ASP D 219 -27.19 -9.13 -24.55
N ALA D 220 -28.48 -8.81 -24.44
CA ALA D 220 -29.39 -9.02 -25.56
C ALA D 220 -28.97 -8.16 -26.75
N LEU D 221 -28.54 -6.93 -26.50
CA LEU D 221 -28.15 -6.04 -27.58
C LEU D 221 -26.87 -6.51 -28.26
N SER D 222 -25.90 -6.99 -27.48
CA SER D 222 -24.68 -7.53 -28.06
C SER D 222 -24.98 -8.78 -28.88
N LEU D 223 -25.87 -9.64 -28.38
CA LEU D 223 -26.26 -10.82 -29.13
C LEU D 223 -26.99 -10.43 -30.41
N THR D 224 -27.81 -9.38 -30.35
CA THR D 224 -28.49 -8.89 -31.55
C THR D 224 -27.48 -8.38 -32.58
N ASP D 225 -26.47 -7.65 -32.13
CA ASP D 225 -25.45 -7.18 -33.06
C ASP D 225 -24.67 -8.35 -33.65
N GLN D 226 -24.38 -9.36 -32.83
CA GLN D 226 -23.71 -10.56 -33.34
C GLN D 226 -24.57 -11.26 -34.39
N ALA D 227 -25.87 -11.36 -34.14
CA ALA D 227 -26.77 -11.99 -35.10
C ALA D 227 -26.84 -11.17 -36.39
N ILE D 228 -26.84 -9.84 -36.27
CA ILE D 228 -26.86 -8.99 -37.45
C ILE D 228 -25.60 -9.20 -38.27
N ALA D 229 -24.44 -9.26 -37.62
CA ALA D 229 -23.19 -9.50 -38.33
C ALA D 229 -23.18 -10.88 -38.98
N SER D 230 -23.72 -11.89 -38.30
CA SER D 230 -23.68 -13.24 -38.82
C SER D 230 -24.65 -13.46 -39.97
N GLY D 231 -25.86 -12.93 -39.87
CA GLY D 231 -26.93 -13.17 -40.82
C GLY D 231 -27.06 -12.18 -41.95
N ASP D 232 -26.08 -11.29 -42.13
CA ASP D 232 -26.05 -10.34 -43.24
C ASP D 232 -27.24 -9.38 -43.19
N GLY D 233 -27.35 -8.69 -42.06
CA GLY D 233 -28.30 -7.61 -41.91
C GLY D 233 -29.70 -7.99 -41.50
N GLN D 234 -29.97 -9.29 -41.32
CA GLN D 234 -31.30 -9.74 -40.91
C GLN D 234 -31.18 -10.63 -39.69
N VAL D 235 -32.11 -10.45 -38.75
CA VAL D 235 -32.16 -11.30 -37.54
C VAL D 235 -33.08 -12.46 -37.89
N SER D 236 -32.49 -13.48 -38.53
CA SER D 236 -33.24 -14.65 -38.94
C SER D 236 -33.21 -15.72 -37.84
N THR D 237 -34.30 -16.49 -37.77
CA THR D 237 -34.42 -17.48 -36.70
C THR D 237 -33.36 -18.56 -36.81
N GLN D 238 -33.08 -19.04 -38.02
CA GLN D 238 -32.11 -20.11 -38.18
C GLN D 238 -30.70 -19.66 -37.78
N ALA D 239 -30.32 -18.44 -38.16
CA ALA D 239 -28.97 -17.97 -37.84
C ALA D 239 -28.79 -17.77 -36.35
N VAL D 240 -29.74 -17.10 -35.70
CA VAL D 240 -29.63 -16.88 -34.26
C VAL D 240 -29.76 -18.20 -33.51
N SER D 241 -30.52 -19.16 -34.06
CA SER D 241 -30.64 -20.45 -33.41
C SER D 241 -29.32 -21.22 -33.46
N ALA D 242 -28.67 -21.23 -34.62
CA ALA D 242 -27.36 -21.87 -34.73
C ALA D 242 -26.29 -21.11 -33.96
N MET D 243 -26.49 -19.81 -33.72
CA MET D 243 -25.50 -19.01 -33.01
C MET D 243 -25.61 -19.18 -31.51
N LEU D 244 -26.77 -18.84 -30.93
CA LEU D 244 -26.92 -18.92 -29.49
C LEU D 244 -26.79 -20.35 -28.99
N GLY D 245 -27.34 -21.31 -29.73
CA GLY D 245 -27.32 -22.70 -29.33
C GLY D 245 -28.69 -23.20 -28.96
N THR D 246 -29.33 -23.93 -29.88
CA THR D 246 -30.69 -24.39 -29.69
C THR D 246 -30.76 -25.89 -29.97
N LEU D 247 -31.79 -26.51 -29.41
CA LEU D 247 -32.05 -27.94 -29.59
C LEU D 247 -33.40 -28.09 -30.29
N ASP D 248 -33.38 -28.01 -31.62
CA ASP D 248 -34.60 -28.20 -32.38
C ASP D 248 -35.01 -29.66 -32.45
N ASP D 249 -34.02 -30.55 -32.51
CA ASP D 249 -34.29 -31.98 -32.46
C ASP D 249 -34.63 -32.41 -31.04
N ASP D 250 -35.12 -33.63 -30.90
CA ASP D 250 -35.48 -34.19 -29.59
C ASP D 250 -34.35 -35.01 -28.99
N GLN D 251 -33.10 -34.67 -29.28
CA GLN D 251 -31.98 -35.44 -28.74
C GLN D 251 -31.84 -35.24 -27.24
N ALA D 252 -32.33 -34.12 -26.70
CA ALA D 252 -32.30 -33.92 -25.26
C ALA D 252 -33.19 -34.93 -24.55
N LEU D 253 -34.41 -35.13 -25.07
CA LEU D 253 -35.32 -36.09 -24.44
C LEU D 253 -34.81 -37.52 -24.62
N SER D 254 -34.21 -37.83 -25.77
CA SER D 254 -33.62 -39.14 -25.95
C SER D 254 -32.47 -39.36 -24.98
N LEU D 255 -31.64 -38.34 -24.77
CA LEU D 255 -30.56 -38.45 -23.79
C LEU D 255 -31.11 -38.68 -22.39
N VAL D 256 -32.16 -37.94 -22.02
CA VAL D 256 -32.76 -38.10 -20.70
C VAL D 256 -33.31 -39.52 -20.54
N GLU D 257 -34.04 -40.00 -21.56
CA GLU D 257 -34.64 -41.33 -21.46
C GLU D 257 -33.59 -42.43 -21.47
N ALA D 258 -32.43 -42.19 -22.09
CA ALA D 258 -31.36 -43.16 -22.05
C ALA D 258 -30.64 -43.15 -20.70
N MET D 259 -30.45 -41.96 -20.12
CA MET D 259 -29.75 -41.87 -18.84
C MET D 259 -30.60 -42.40 -17.70
N VAL D 260 -31.89 -42.05 -17.67
CA VAL D 260 -32.75 -42.49 -16.59
C VAL D 260 -32.97 -43.99 -16.64
N GLU D 261 -32.78 -44.61 -17.81
CA GLU D 261 -32.80 -46.06 -17.95
C GLU D 261 -31.45 -46.67 -17.65
N ALA D 262 -30.45 -45.87 -17.29
CA ALA D 262 -29.10 -46.33 -17.00
C ALA D 262 -28.47 -47.01 -18.21
N ASN D 263 -28.83 -46.56 -19.41
CA ASN D 263 -28.30 -47.12 -20.65
C ASN D 263 -27.08 -46.30 -21.05
N GLY D 264 -25.92 -46.71 -20.55
CA GLY D 264 -24.69 -46.00 -20.88
C GLY D 264 -24.35 -46.07 -22.36
N GLU D 265 -24.66 -47.20 -23.00
CA GLU D 265 -24.40 -47.33 -24.43
C GLU D 265 -25.15 -46.27 -25.22
N ARG D 266 -26.45 -46.15 -24.99
CA ARG D 266 -27.25 -45.16 -25.71
C ARG D 266 -26.83 -43.74 -25.34
N VAL D 267 -26.51 -43.51 -24.07
CA VAL D 267 -26.09 -42.17 -23.64
C VAL D 267 -24.84 -41.73 -24.38
N MET D 268 -23.84 -42.62 -24.43
CA MET D 268 -22.60 -42.26 -25.10
C MET D 268 -22.76 -42.18 -26.61
N ALA D 269 -23.61 -43.03 -27.20
CA ALA D 269 -23.88 -42.91 -28.62
C ALA D 269 -24.54 -41.58 -28.95
N LEU D 270 -25.49 -41.15 -28.12
CA LEU D 270 -26.15 -39.86 -28.33
C LEU D 270 -25.17 -38.70 -28.14
N ILE D 271 -24.27 -38.81 -27.15
CA ILE D 271 -23.26 -37.77 -26.97
C ILE D 271 -22.36 -37.69 -28.20
N ASN D 272 -21.94 -38.84 -28.72
CA ASN D 272 -21.11 -38.85 -29.92
C ASN D 272 -21.83 -38.23 -31.10
N GLU D 273 -23.11 -38.57 -31.29
CA GLU D 273 -23.88 -38.00 -32.39
C GLU D 273 -24.03 -36.50 -32.23
N ALA D 274 -24.33 -36.03 -31.02
CA ALA D 274 -24.50 -34.60 -30.78
C ALA D 274 -23.20 -33.84 -31.02
N ALA D 275 -22.06 -34.41 -30.58
CA ALA D 275 -20.78 -33.78 -30.84
C ALA D 275 -20.48 -33.76 -32.34
N ALA D 276 -20.87 -34.80 -33.06
CA ALA D 276 -20.69 -34.82 -34.51
C ALA D 276 -21.48 -33.72 -35.18
N ARG D 277 -22.56 -33.26 -34.56
CA ARG D 277 -23.36 -32.15 -35.05
C ARG D 277 -22.92 -30.81 -34.49
N GLY D 278 -21.83 -30.77 -33.74
CA GLY D 278 -21.35 -29.53 -33.16
C GLY D 278 -22.28 -28.94 -32.13
N ILE D 279 -22.81 -29.76 -31.22
CA ILE D 279 -23.75 -29.28 -30.22
C ILE D 279 -23.04 -28.37 -29.23
N GLU D 280 -23.77 -27.39 -28.71
CA GLU D 280 -23.30 -26.54 -27.63
C GLU D 280 -23.69 -27.17 -26.31
N TRP D 281 -22.69 -27.55 -25.51
CA TRP D 281 -22.93 -28.44 -24.37
C TRP D 281 -23.72 -27.75 -23.26
N GLU D 282 -23.46 -26.47 -23.03
CA GLU D 282 -24.18 -25.77 -21.96
C GLU D 282 -25.66 -25.67 -22.26
N ALA D 283 -26.02 -25.36 -23.50
CA ALA D 283 -27.43 -25.32 -23.88
C ALA D 283 -28.06 -26.70 -23.76
N LEU D 284 -27.30 -27.74 -24.09
CA LEU D 284 -27.79 -29.11 -23.92
C LEU D 284 -28.12 -29.39 -22.47
N LEU D 285 -27.20 -29.06 -21.56
CA LEU D 285 -27.46 -29.29 -20.14
C LEU D 285 -28.63 -28.46 -19.65
N VAL D 286 -28.78 -27.24 -20.14
CA VAL D 286 -29.93 -26.41 -19.78
C VAL D 286 -31.22 -27.10 -20.22
N GLU D 287 -31.23 -27.66 -21.43
CA GLU D 287 -32.43 -28.35 -21.90
C GLU D 287 -32.74 -29.58 -21.05
N MET D 288 -31.72 -30.35 -20.65
CA MET D 288 -32.00 -31.48 -19.76
C MET D 288 -32.55 -30.99 -18.42
N LEU D 289 -32.01 -29.89 -17.90
CA LEU D 289 -32.54 -29.35 -16.65
C LEU D 289 -34.00 -28.98 -16.79
N GLY D 290 -34.35 -28.32 -17.90
CA GLY D 290 -35.75 -27.96 -18.13
C GLY D 290 -36.65 -29.18 -18.26
N LEU D 291 -36.18 -30.20 -18.99
CA LEU D 291 -36.98 -31.41 -19.16
C LEU D 291 -37.21 -32.10 -17.82
N LEU D 292 -36.18 -32.21 -17.00
CA LEU D 292 -36.35 -32.84 -15.69
C LEU D 292 -37.26 -32.01 -14.79
N HIS D 293 -37.17 -30.68 -14.87
CA HIS D 293 -38.07 -29.84 -14.09
C HIS D 293 -39.51 -30.07 -14.49
N ARG D 294 -39.79 -30.13 -15.79
CA ARG D 294 -41.15 -30.38 -16.24
C ARG D 294 -41.62 -31.76 -15.83
N ILE D 295 -40.71 -32.75 -15.86
CA ILE D 295 -41.07 -34.10 -15.45
C ILE D 295 -41.49 -34.13 -14.00
N ALA D 296 -40.71 -33.48 -13.13
CA ALA D 296 -41.07 -33.43 -11.71
C ALA D 296 -42.37 -32.65 -11.51
N MET D 297 -42.52 -31.53 -12.23
CA MET D 297 -43.72 -30.71 -12.09
C MET D 297 -44.97 -31.49 -12.44
N VAL D 298 -44.91 -32.31 -13.49
CA VAL D 298 -46.07 -33.11 -13.85
C VAL D 298 -46.21 -34.33 -12.96
N GLN D 299 -45.12 -34.79 -12.35
CA GLN D 299 -45.21 -35.87 -11.38
C GLN D 299 -46.00 -35.43 -10.16
N LEU D 300 -45.79 -34.19 -9.70
CA LEU D 300 -46.60 -33.68 -8.60
C LEU D 300 -48.05 -33.52 -9.03
N SER D 301 -48.30 -32.65 -10.01
CA SER D 301 -49.65 -32.33 -10.44
C SER D 301 -49.90 -32.91 -11.83
N PRO D 302 -50.90 -33.76 -12.01
CA PRO D 302 -51.24 -34.24 -13.35
C PRO D 302 -51.63 -33.08 -14.26
N ALA D 303 -51.53 -33.33 -15.55
CA ALA D 303 -51.64 -32.28 -16.59
C ALA D 303 -50.60 -31.22 -16.25
N ALA D 304 -50.86 -29.94 -16.52
CA ALA D 304 -49.93 -28.85 -16.23
C ALA D 304 -48.53 -29.19 -16.74
N LEU D 305 -48.50 -29.64 -17.99
CA LEU D 305 -47.36 -30.31 -18.58
C LEU D 305 -46.76 -29.54 -19.74
N GLY D 306 -45.78 -30.12 -20.43
CA GLY D 306 -45.22 -29.49 -21.61
C GLY D 306 -46.21 -29.54 -22.77
N ASN D 307 -47.41 -29.01 -22.54
CA ASN D 307 -48.47 -29.03 -23.55
C ASN D 307 -48.07 -28.24 -24.77
N ASP D 308 -47.20 -27.25 -24.59
CA ASP D 308 -46.59 -26.50 -25.68
C ASP D 308 -46.07 -27.44 -26.76
N MET D 309 -45.31 -28.45 -26.36
CA MET D 309 -44.81 -29.47 -27.27
C MET D 309 -45.43 -30.81 -26.89
N ALA D 310 -46.58 -31.09 -27.49
CA ALA D 310 -47.39 -32.27 -27.16
C ALA D 310 -46.63 -33.57 -27.45
N ALA D 311 -45.93 -33.58 -28.59
CA ALA D 311 -45.21 -34.76 -29.05
C ALA D 311 -44.31 -35.33 -27.97
N ILE D 312 -43.36 -34.53 -27.48
CA ILE D 312 -42.43 -35.06 -26.48
C ILE D 312 -43.13 -35.28 -25.15
N GLU D 313 -44.14 -34.45 -24.83
CA GLU D 313 -44.73 -34.54 -23.51
C GLU D 313 -45.51 -35.84 -23.33
N LEU D 314 -45.95 -36.47 -24.41
CA LEU D 314 -46.56 -37.79 -24.24
C LEU D 314 -45.57 -38.78 -23.65
N ARG D 315 -44.39 -38.88 -24.27
CA ARG D 315 -43.33 -39.73 -23.74
C ARG D 315 -42.88 -39.23 -22.37
N MET D 316 -43.00 -37.92 -22.13
CA MET D 316 -42.73 -37.36 -20.81
C MET D 316 -43.72 -37.87 -19.78
N ARG D 317 -44.98 -38.02 -20.17
CA ARG D 317 -45.97 -38.62 -19.29
C ARG D 317 -45.60 -40.05 -18.96
N GLU D 318 -45.10 -40.79 -19.95
CA GLU D 318 -44.59 -42.13 -19.66
C GLU D 318 -43.45 -42.09 -18.64
N LEU D 319 -42.49 -41.17 -18.85
CA LEU D 319 -41.34 -41.06 -17.94
C LEU D 319 -41.80 -40.72 -16.52
N ALA D 320 -42.70 -39.74 -16.39
CA ALA D 320 -43.27 -39.39 -15.10
C ALA D 320 -44.09 -40.52 -14.52
N ARG D 321 -44.64 -41.39 -15.36
CA ARG D 321 -45.35 -42.57 -14.91
C ARG D 321 -44.43 -43.62 -14.30
N THR D 322 -43.18 -43.68 -14.74
CA THR D 322 -42.30 -44.73 -14.24
C THR D 322 -41.32 -44.27 -13.16
N ILE D 323 -40.69 -43.11 -13.29
CA ILE D 323 -39.50 -42.79 -12.51
C ILE D 323 -39.92 -42.22 -11.16
N PRO D 324 -39.34 -42.70 -10.05
CA PRO D 324 -39.68 -42.13 -8.74
C PRO D 324 -39.15 -40.71 -8.62
N PRO D 325 -39.78 -39.87 -7.79
CA PRO D 325 -39.36 -38.47 -7.69
C PRO D 325 -37.94 -38.28 -7.16
N THR D 326 -37.49 -39.15 -6.26
CA THR D 326 -36.15 -38.98 -5.69
C THR D 326 -35.08 -39.13 -6.77
N ASP D 327 -35.25 -40.11 -7.67
CA ASP D 327 -34.29 -40.28 -8.76
C ASP D 327 -34.25 -39.05 -9.66
N ILE D 328 -35.42 -38.48 -9.96
CA ILE D 328 -35.48 -37.26 -10.77
C ILE D 328 -34.76 -36.12 -10.06
N GLN D 329 -34.98 -35.98 -8.75
CA GLN D 329 -34.35 -34.89 -8.01
C GLN D 329 -32.83 -35.03 -8.01
N LEU D 330 -32.33 -36.25 -7.77
CA LEU D 330 -30.88 -36.43 -7.74
C LEU D 330 -30.29 -36.27 -9.13
N TYR D 331 -30.99 -36.71 -10.18
CA TYR D 331 -30.52 -36.49 -11.54
C TYR D 331 -30.41 -35.00 -11.84
N TYR D 332 -31.44 -34.23 -11.46
CA TYR D 332 -31.40 -32.79 -11.69
C TYR D 332 -30.26 -32.14 -10.93
N GLN D 333 -30.05 -32.54 -9.67
CA GLN D 333 -28.97 -31.96 -8.88
C GLN D 333 -27.61 -32.25 -9.51
N THR D 334 -27.41 -33.50 -9.97
CA THR D 334 -26.13 -33.84 -10.58
C THR D 334 -25.92 -33.10 -11.89
N LEU D 335 -26.96 -32.97 -12.72
CA LEU D 335 -26.84 -32.20 -13.95
C LEU D 335 -26.50 -30.75 -13.65
N LEU D 336 -27.13 -30.18 -12.63
CA LEU D 336 -26.85 -28.80 -12.27
C LEU D 336 -25.42 -28.63 -11.78
N ILE D 337 -24.93 -29.56 -10.97
CA ILE D 337 -23.55 -29.48 -10.49
C ILE D 337 -22.58 -29.60 -11.66
N GLY D 338 -22.91 -30.47 -12.62
CA GLY D 338 -22.09 -30.56 -13.82
C GLY D 338 -22.06 -29.28 -14.62
N ARG D 339 -23.20 -28.61 -14.72
CA ARG D 339 -23.23 -27.30 -15.37
C ARG D 339 -22.38 -26.29 -14.62
N LYS D 340 -22.45 -26.33 -13.28
CA LYS D 340 -21.64 -25.41 -12.47
C LYS D 340 -20.15 -25.64 -12.71
N GLU D 341 -19.72 -26.89 -12.72
CA GLU D 341 -18.32 -27.24 -12.89
C GLU D 341 -17.93 -27.43 -14.35
N LEU D 342 -18.85 -27.15 -15.29
CA LEU D 342 -18.49 -27.23 -16.70
C LEU D 342 -17.34 -26.32 -17.09
N PRO D 343 -17.26 -25.05 -16.65
CA PRO D 343 -16.06 -24.26 -16.96
C PRO D 343 -14.79 -24.87 -16.40
N TYR D 344 -14.84 -25.49 -15.23
CA TYR D 344 -13.66 -26.09 -14.60
C TYR D 344 -13.40 -27.49 -15.14
N ALA D 345 -13.34 -27.61 -16.46
CA ALA D 345 -13.09 -28.89 -17.11
C ALA D 345 -12.10 -28.68 -18.24
N PRO D 346 -11.29 -29.69 -18.56
CA PRO D 346 -10.38 -29.56 -19.71
C PRO D 346 -11.10 -29.42 -21.03
N ASP D 347 -12.36 -29.86 -21.11
CA ASP D 347 -13.16 -29.74 -22.32
C ASP D 347 -14.63 -29.78 -21.93
N ARG D 348 -15.44 -29.03 -22.67
CA ARG D 348 -16.87 -29.00 -22.39
C ARG D 348 -17.50 -30.38 -22.61
N ARG D 349 -17.09 -31.07 -23.68
CA ARG D 349 -17.58 -32.43 -23.91
C ARG D 349 -17.18 -33.35 -22.77
N MET D 350 -15.94 -33.22 -22.29
CA MET D 350 -15.52 -34.03 -21.14
C MET D 350 -16.32 -33.67 -19.89
N GLY D 351 -16.67 -32.40 -19.71
CA GLY D 351 -17.50 -32.03 -18.57
C GLY D 351 -18.88 -32.66 -18.64
N VAL D 352 -19.50 -32.64 -19.81
CA VAL D 352 -20.80 -33.28 -19.97
C VAL D 352 -20.68 -34.78 -19.75
N GLU D 353 -19.57 -35.38 -20.20
CA GLU D 353 -19.36 -36.80 -19.96
C GLU D 353 -19.21 -37.10 -18.48
N MET D 354 -18.49 -36.24 -17.75
CA MET D 354 -18.41 -36.38 -16.30
C MET D 354 -19.80 -36.35 -15.68
N THR D 355 -20.60 -35.36 -16.08
CA THR D 355 -21.92 -35.19 -15.49
C THR D 355 -22.80 -36.42 -15.75
N LEU D 356 -22.79 -36.92 -16.98
CA LEU D 356 -23.63 -38.06 -17.32
C LEU D 356 -23.12 -39.34 -16.68
N LEU D 357 -21.81 -39.52 -16.55
CA LEU D 357 -21.28 -40.69 -15.85
C LEU D 357 -21.64 -40.66 -14.37
N ARG D 358 -21.58 -39.48 -13.75
CA ARG D 358 -22.02 -39.35 -12.37
C ARG D 358 -23.50 -39.67 -12.24
N ALA D 359 -24.31 -39.20 -13.20
CA ALA D 359 -25.73 -39.52 -13.18
C ALA D 359 -25.96 -41.03 -13.32
N LEU D 360 -25.21 -41.68 -14.20
CA LEU D 360 -25.35 -43.12 -14.41
C LEU D 360 -24.95 -43.90 -13.16
N ALA D 361 -23.93 -43.44 -12.44
CA ALA D 361 -23.39 -44.19 -11.32
C ALA D 361 -24.37 -44.32 -10.15
N PHE D 362 -25.46 -43.54 -10.13
CA PHE D 362 -26.41 -43.64 -9.03
C PHE D 362 -27.16 -44.96 -9.07
N HIS D 363 -27.63 -45.37 -10.24
CA HIS D 363 -28.34 -46.63 -10.43
C HIS D 363 -27.76 -47.35 -11.64
N PRO D 364 -26.51 -47.80 -11.58
CA PRO D 364 -25.92 -48.49 -12.73
C PRO D 364 -26.51 -49.86 -12.97
N ARG D 365 -26.88 -50.58 -11.91
CA ARG D 365 -27.50 -51.89 -12.07
C ARG D 365 -28.95 -51.77 -12.54
N MET D 366 -29.68 -50.79 -12.01
CA MET D 366 -31.07 -50.60 -12.38
C MET D 366 -31.32 -49.17 -12.89
N GLY E 1 10.48 -17.41 -35.57
CA GLY E 1 9.79 -18.41 -34.78
C GLY E 1 8.30 -18.50 -35.09
N PRO E 2 7.50 -18.89 -34.11
CA PRO E 2 6.05 -18.95 -34.31
C PRO E 2 5.49 -17.58 -34.70
N HIS E 3 4.70 -17.56 -35.77
CA HIS E 3 4.16 -16.33 -36.33
C HIS E 3 2.81 -16.66 -36.97
N MET E 4 2.36 -15.79 -37.88
CA MET E 4 1.01 -15.88 -38.41
C MET E 4 0.83 -17.09 -39.33
N ARG E 5 0.93 -18.29 -38.75
CA ARG E 5 0.71 -19.50 -39.53
C ARG E 5 -0.77 -19.65 -39.84
N TRP E 6 -1.18 -19.15 -41.00
CA TRP E 6 -2.60 -19.16 -41.37
C TRP E 6 -3.08 -20.59 -41.58
N TYR E 7 -4.29 -20.86 -41.12
CA TYR E 7 -4.87 -22.19 -41.20
C TYR E 7 -6.07 -22.19 -42.14
N PRO E 8 -6.30 -23.28 -42.87
CA PRO E 8 -7.43 -23.29 -43.82
C PRO E 8 -8.78 -23.09 -43.17
N TRP E 9 -9.01 -23.64 -41.98
CA TRP E 9 -10.33 -23.54 -41.37
C TRP E 9 -10.65 -22.13 -40.89
N LEU E 10 -9.69 -21.23 -40.87
CA LEU E 10 -9.95 -19.82 -40.60
C LEU E 10 -10.46 -19.08 -41.82
N ARG E 11 -10.33 -19.66 -43.02
CA ARG E 11 -10.72 -18.95 -44.24
C ARG E 11 -12.19 -18.57 -44.28
N PRO E 12 -13.15 -19.46 -44.03
CA PRO E 12 -14.56 -19.03 -44.06
C PRO E 12 -14.89 -17.95 -43.04
N ASP E 13 -14.23 -17.97 -41.87
CA ASP E 13 -14.56 -17.01 -40.83
C ASP E 13 -13.88 -15.67 -41.07
N PHE E 14 -12.59 -15.68 -41.41
CA PHE E 14 -11.86 -14.45 -41.62
C PHE E 14 -12.54 -13.58 -42.68
N GLU E 15 -12.81 -14.16 -43.85
CA GLU E 15 -13.51 -13.43 -44.90
C GLU E 15 -14.83 -12.86 -44.40
N LYS E 16 -15.51 -13.59 -43.51
CA LYS E 16 -16.72 -13.04 -42.89
C LYS E 16 -16.39 -11.85 -42.00
N LEU E 17 -15.43 -12.02 -41.09
CA LEU E 17 -15.17 -11.01 -40.07
C LEU E 17 -14.71 -9.70 -40.69
N VAL E 18 -13.81 -9.77 -41.67
CA VAL E 18 -13.36 -8.56 -42.34
C VAL E 18 -14.54 -7.85 -42.99
N ALA E 19 -15.51 -8.62 -43.50
CA ALA E 19 -16.70 -8.00 -44.05
C ALA E 19 -17.39 -7.11 -43.01
N SER E 20 -17.51 -7.60 -41.78
CA SER E 20 -18.12 -6.81 -40.72
C SER E 20 -17.36 -5.51 -40.48
N TYR E 21 -16.05 -5.51 -40.77
CA TYR E 21 -15.27 -4.29 -40.70
C TYR E 21 -15.22 -3.54 -42.02
N GLN E 22 -15.46 -4.22 -43.14
CA GLN E 22 -15.45 -3.52 -44.43
C GLN E 22 -16.61 -2.54 -44.54
N ALA E 23 -17.79 -2.94 -44.06
CA ALA E 23 -18.93 -2.03 -44.05
C ALA E 23 -18.82 -0.96 -42.97
N GLY E 24 -17.87 -1.09 -42.05
CA GLY E 24 -17.69 -0.12 -40.99
C GLY E 24 -18.65 -0.26 -39.84
N ARG E 25 -19.49 -1.29 -39.83
CA ARG E 25 -20.48 -1.50 -38.78
C ARG E 25 -20.03 -2.51 -37.74
N GLY E 26 -18.76 -2.92 -37.77
CA GLY E 26 -18.30 -3.95 -36.87
C GLY E 26 -18.21 -3.48 -35.42
N HIS E 27 -18.28 -4.44 -34.53
CA HIS E 27 -18.12 -4.15 -33.10
C HIS E 27 -16.66 -3.83 -32.80
N HIS E 28 -16.45 -2.87 -31.89
CA HIS E 28 -15.10 -2.52 -31.49
C HIS E 28 -14.44 -3.65 -30.70
N ALA E 29 -15.24 -4.51 -30.09
CA ALA E 29 -14.73 -5.57 -29.21
C ALA E 29 -15.17 -6.92 -29.75
N LEU E 30 -14.21 -7.75 -30.12
CA LEU E 30 -14.47 -9.07 -30.68
C LEU E 30 -13.74 -10.10 -29.83
N LEU E 31 -14.49 -10.83 -29.00
CA LEU E 31 -13.92 -11.90 -28.17
C LEU E 31 -13.97 -13.20 -28.94
N ILE E 32 -12.81 -13.80 -29.19
CA ILE E 32 -12.70 -15.03 -29.95
C ILE E 32 -12.68 -16.20 -28.99
N GLN E 33 -13.70 -17.06 -29.08
CA GLN E 33 -13.70 -18.32 -28.33
C GLN E 33 -13.07 -19.37 -29.23
N ALA E 34 -11.77 -19.56 -29.06
CA ALA E 34 -11.02 -20.53 -29.85
C ALA E 34 -10.14 -21.35 -28.92
N LEU E 35 -10.02 -22.63 -29.23
CA LEU E 35 -9.18 -23.51 -28.43
C LEU E 35 -7.72 -23.06 -28.54
N PRO E 36 -6.93 -23.26 -27.49
CA PRO E 36 -5.55 -22.75 -27.52
C PRO E 36 -4.76 -23.35 -28.67
N GLY E 37 -3.99 -22.49 -29.33
CA GLY E 37 -3.19 -22.91 -30.46
C GLY E 37 -3.96 -23.28 -31.70
N MET E 38 -5.29 -23.08 -31.71
CA MET E 38 -6.09 -23.44 -32.87
C MET E 38 -5.99 -22.40 -33.99
N GLY E 39 -5.61 -21.17 -33.67
CA GLY E 39 -5.43 -20.17 -34.71
C GLY E 39 -6.08 -18.82 -34.41
N ASP E 40 -6.51 -18.61 -33.17
CA ASP E 40 -7.11 -17.33 -32.82
C ASP E 40 -6.09 -16.19 -32.95
N ASP E 41 -4.84 -16.44 -32.54
CA ASP E 41 -3.82 -15.40 -32.62
C ASP E 41 -3.57 -14.98 -34.05
N ALA E 42 -3.48 -15.94 -34.97
CA ALA E 42 -3.23 -15.60 -36.37
C ALA E 42 -4.40 -14.82 -36.97
N LEU E 43 -5.62 -15.23 -36.65
CA LEU E 43 -6.79 -14.51 -37.16
C LEU E 43 -6.83 -13.09 -36.62
N ILE E 44 -6.57 -12.91 -35.33
CA ILE E 44 -6.57 -11.58 -34.75
C ILE E 44 -5.46 -10.73 -35.37
N TYR E 45 -4.29 -11.33 -35.60
CA TYR E 45 -3.19 -10.62 -36.23
C TYR E 45 -3.56 -10.16 -37.63
N ALA E 46 -4.18 -11.03 -38.42
CA ALA E 46 -4.57 -10.65 -39.78
C ALA E 46 -5.64 -9.56 -39.75
N LEU E 47 -6.59 -9.67 -38.82
CA LEU E 47 -7.60 -8.63 -38.71
C LEU E 47 -6.98 -7.28 -38.36
N SER E 48 -6.00 -7.29 -37.45
CA SER E 48 -5.31 -6.05 -37.11
C SER E 48 -4.51 -5.51 -38.30
N ARG E 49 -3.92 -6.41 -39.09
CA ARG E 49 -3.24 -5.99 -40.30
C ARG E 49 -4.18 -5.26 -41.24
N TYR E 50 -5.40 -5.80 -41.41
CA TYR E 50 -6.39 -5.11 -42.23
C TYR E 50 -6.77 -3.77 -41.62
N LEU E 51 -6.96 -3.74 -40.29
CA LEU E 51 -7.49 -2.53 -39.65
C LEU E 51 -6.50 -1.38 -39.74
N LEU E 52 -5.24 -1.63 -39.37
CA LEU E 52 -4.25 -0.57 -39.32
C LEU E 52 -3.73 -0.15 -40.69
N CYS E 53 -4.06 -0.89 -41.74
CA CYS E 53 -3.57 -0.56 -43.07
C CYS E 53 -4.23 0.71 -43.57
N GLN E 54 -3.40 1.65 -44.06
CA GLN E 54 -3.93 2.91 -44.57
C GLN E 54 -4.55 2.73 -45.95
N GLN E 55 -3.98 1.87 -46.77
CA GLN E 55 -4.47 1.62 -48.14
C GLN E 55 -4.64 0.12 -48.31
N PRO E 56 -5.72 -0.44 -47.80
CA PRO E 56 -5.97 -1.88 -47.96
C PRO E 56 -6.77 -2.18 -49.21
N GLN E 57 -6.81 -3.47 -49.57
CA GLN E 57 -7.57 -3.93 -50.71
C GLN E 57 -8.18 -5.29 -50.40
N GLY E 58 -9.44 -5.47 -50.79
CA GLY E 58 -10.12 -6.74 -50.65
C GLY E 58 -10.12 -7.30 -49.23
N HIS E 59 -9.43 -8.42 -49.04
CA HIS E 59 -9.41 -9.12 -47.76
C HIS E 59 -7.98 -9.32 -47.26
N LYS E 60 -7.05 -8.44 -47.63
CA LYS E 60 -5.67 -8.58 -47.21
C LYS E 60 -5.02 -7.21 -47.19
N SER E 61 -3.93 -7.11 -46.44
CA SER E 61 -3.17 -5.87 -46.35
C SER E 61 -2.36 -5.65 -47.61
N CYS E 62 -2.12 -4.37 -47.94
CA CYS E 62 -1.31 -4.05 -49.11
C CYS E 62 0.13 -4.53 -48.93
N GLY E 63 0.68 -4.35 -47.73
CA GLY E 63 2.08 -4.66 -47.50
C GLY E 63 3.05 -3.60 -47.98
N HIS E 64 2.55 -2.47 -48.49
CA HIS E 64 3.39 -1.41 -49.03
C HIS E 64 3.37 -0.15 -48.18
N CYS E 65 2.23 0.19 -47.58
CA CYS E 65 2.13 1.40 -46.79
C CYS E 65 3.00 1.31 -45.55
N ARG E 66 3.35 2.48 -45.00
CA ARG E 66 4.23 2.52 -43.85
C ARG E 66 3.63 1.82 -42.64
N GLY E 67 2.30 1.84 -42.52
CA GLY E 67 1.66 1.09 -41.44
C GLY E 67 1.96 -0.40 -41.53
N CYS E 68 1.88 -0.96 -42.75
CA CYS E 68 2.20 -2.37 -42.93
C CYS E 68 3.65 -2.66 -42.57
N GLN E 69 4.57 -1.79 -43.00
CA GLN E 69 5.99 -2.00 -42.70
C GLN E 69 6.25 -1.97 -41.20
N LEU E 70 5.67 -0.97 -40.50
CA LEU E 70 5.87 -0.89 -39.06
C LEU E 70 5.25 -2.08 -38.35
N MET E 71 4.06 -2.51 -38.78
CA MET E 71 3.43 -3.68 -38.20
C MET E 71 4.30 -4.93 -38.39
N GLN E 72 4.89 -5.09 -39.57
CA GLN E 72 5.76 -6.22 -39.82
C GLN E 72 7.01 -6.16 -38.94
N ALA E 73 7.56 -4.95 -38.75
CA ALA E 73 8.74 -4.80 -37.92
C ALA E 73 8.46 -5.08 -36.45
N GLY E 74 7.20 -5.12 -36.05
CA GLY E 74 6.85 -5.35 -34.67
C GLY E 74 6.74 -4.12 -33.80
N THR E 75 6.91 -2.93 -34.38
CA THR E 75 6.76 -1.68 -33.64
C THR E 75 5.74 -0.79 -34.35
N HIS E 76 4.80 -0.26 -33.58
CA HIS E 76 3.74 0.57 -34.14
C HIS E 76 3.10 1.40 -33.04
N PRO E 77 2.97 2.71 -33.22
CA PRO E 77 2.38 3.55 -32.17
C PRO E 77 0.88 3.33 -31.98
N ASP E 78 0.23 2.60 -32.88
CA ASP E 78 -1.21 2.37 -32.81
C ASP E 78 -1.55 0.87 -32.80
N TYR E 79 -0.65 0.06 -32.22
CA TYR E 79 -0.85 -1.39 -32.13
C TYR E 79 -0.33 -1.83 -30.77
N TYR E 80 -1.22 -1.89 -29.79
CA TYR E 80 -0.87 -2.26 -28.43
C TYR E 80 -1.20 -3.72 -28.19
N THR E 81 -0.27 -4.44 -27.59
CA THR E 81 -0.46 -5.83 -27.21
C THR E 81 -0.41 -5.95 -25.69
N LEU E 82 -1.31 -6.75 -25.14
CA LEU E 82 -1.38 -7.01 -23.71
C LEU E 82 -1.05 -8.49 -23.51
N ALA E 83 0.18 -8.77 -23.12
CA ALA E 83 0.66 -10.12 -22.94
C ALA E 83 1.23 -10.28 -21.55
N PRO E 84 1.20 -11.49 -21.00
CA PRO E 84 1.82 -11.71 -19.68
C PRO E 84 3.30 -11.37 -19.71
N GLU E 85 3.78 -10.79 -18.61
CA GLU E 85 5.18 -10.43 -18.50
C GLU E 85 6.05 -11.68 -18.52
N LYS E 86 7.29 -11.51 -18.98
CA LYS E 86 8.20 -12.65 -19.13
C LYS E 86 8.40 -13.36 -17.80
N GLY E 87 8.09 -14.65 -17.77
CA GLY E 87 8.24 -15.45 -16.58
C GLY E 87 7.05 -15.47 -15.64
N LYS E 88 6.00 -14.71 -15.93
CA LYS E 88 4.81 -14.68 -15.11
C LYS E 88 3.59 -14.90 -16.00
N ASN E 89 2.73 -15.83 -15.61
CA ASN E 89 1.55 -16.18 -16.40
C ASN E 89 0.32 -15.39 -15.98
N THR E 90 0.43 -14.07 -15.94
CA THR E 90 -0.70 -13.22 -15.61
C THR E 90 -0.51 -11.87 -16.27
N LEU E 91 -1.62 -11.14 -16.43
CA LEU E 91 -1.62 -9.82 -17.04
C LEU E 91 -1.95 -8.80 -15.97
N GLY E 92 -0.95 -8.04 -15.55
CA GLY E 92 -1.14 -7.11 -14.45
C GLY E 92 -2.05 -5.95 -14.81
N VAL E 93 -2.62 -5.34 -13.77
CA VAL E 93 -3.45 -4.16 -13.97
C VAL E 93 -2.62 -2.97 -14.42
N ASP E 94 -1.32 -2.97 -14.14
CA ASP E 94 -0.49 -1.83 -14.52
C ASP E 94 -0.36 -1.71 -16.03
N ALA E 95 -0.17 -2.84 -16.73
CA ALA E 95 -0.08 -2.79 -18.18
C ALA E 95 -1.39 -2.34 -18.81
N VAL E 96 -2.51 -2.85 -18.31
CA VAL E 96 -3.81 -2.44 -18.82
C VAL E 96 -4.05 -0.95 -18.57
N ARG E 97 -3.66 -0.48 -17.38
CA ARG E 97 -3.82 0.94 -17.06
C ARG E 97 -2.97 1.81 -17.98
N GLU E 98 -1.72 1.40 -18.22
CA GLU E 98 -0.86 2.15 -19.12
C GLU E 98 -1.44 2.21 -20.52
N VAL E 99 -1.93 1.07 -21.02
CA VAL E 99 -2.53 1.04 -22.36
C VAL E 99 -3.76 1.95 -22.41
N THR E 100 -4.63 1.84 -21.41
CA THR E 100 -5.84 2.65 -21.39
C THR E 100 -5.53 4.14 -21.36
N GLU E 101 -4.54 4.53 -20.55
CA GLU E 101 -4.13 5.92 -20.53
C GLU E 101 -3.53 6.36 -21.86
N LYS E 102 -2.83 5.46 -22.56
CA LYS E 102 -2.32 5.81 -23.89
C LYS E 102 -3.44 5.98 -24.90
N LEU E 103 -4.53 5.23 -24.76
CA LEU E 103 -5.64 5.35 -25.72
C LEU E 103 -6.25 6.75 -25.75
N ASN E 104 -6.04 7.56 -24.71
CA ASN E 104 -6.63 8.90 -24.70
C ASN E 104 -6.10 9.74 -25.85
N GLU E 105 -4.80 9.68 -26.11
CA GLU E 105 -4.23 10.44 -27.21
C GLU E 105 -4.63 9.84 -28.55
N HIS E 106 -4.57 10.68 -29.59
CA HIS E 106 -4.96 10.27 -30.93
C HIS E 106 -4.01 9.20 -31.45
N ALA E 107 -4.45 8.54 -32.53
CA ALA E 107 -3.58 7.63 -33.25
C ALA E 107 -2.51 8.42 -33.99
N ARG E 108 -1.27 7.96 -33.90
CA ARG E 108 -0.16 8.73 -34.45
C ARG E 108 -0.18 8.75 -35.96
N LEU E 109 -0.37 7.58 -36.58
CA LEU E 109 -0.30 7.47 -38.03
C LEU E 109 -1.55 7.99 -38.74
N GLY E 110 -2.50 8.56 -38.00
CA GLY E 110 -3.71 9.08 -38.60
C GLY E 110 -4.77 8.04 -38.90
N GLY E 111 -4.52 6.77 -38.59
CA GLY E 111 -5.45 5.69 -38.80
C GLY E 111 -6.23 5.34 -37.55
N ALA E 112 -6.59 4.08 -37.44
CA ALA E 112 -7.32 3.60 -36.28
C ALA E 112 -6.34 3.08 -35.21
N LYS E 113 -6.90 2.51 -34.15
CA LYS E 113 -6.11 1.98 -33.06
C LYS E 113 -6.54 0.54 -32.78
N VAL E 114 -5.57 -0.28 -32.39
CA VAL E 114 -5.82 -1.68 -32.08
C VAL E 114 -5.22 -1.99 -30.72
N VAL E 115 -6.02 -2.61 -29.85
CA VAL E 115 -5.57 -3.13 -28.56
C VAL E 115 -5.92 -4.61 -28.55
N TRP E 116 -4.90 -5.47 -28.55
CA TRP E 116 -5.09 -6.90 -28.62
C TRP E 116 -4.56 -7.53 -27.35
N VAL E 117 -5.41 -8.26 -26.64
CA VAL E 117 -5.01 -9.00 -25.46
C VAL E 117 -4.77 -10.45 -25.87
N THR E 118 -3.60 -10.97 -25.50
CA THR E 118 -3.22 -12.31 -25.95
C THR E 118 -4.18 -13.38 -25.43
N ASP E 119 -4.58 -13.28 -24.16
CA ASP E 119 -5.46 -14.26 -23.57
C ASP E 119 -6.26 -13.58 -22.46
N ALA E 120 -7.57 -13.41 -22.69
CA ALA E 120 -8.41 -12.77 -21.69
C ALA E 120 -8.60 -13.63 -20.45
N ALA E 121 -8.40 -14.94 -20.55
CA ALA E 121 -8.54 -15.81 -19.38
C ALA E 121 -7.45 -15.58 -18.35
N LEU E 122 -6.34 -14.96 -18.74
CA LEU E 122 -5.24 -14.66 -17.83
C LEU E 122 -5.37 -13.29 -17.18
N LEU E 123 -6.48 -12.60 -17.41
CA LEU E 123 -6.68 -11.28 -16.81
C LEU E 123 -6.87 -11.42 -15.31
N THR E 124 -6.12 -10.62 -14.55
CA THR E 124 -6.41 -10.45 -13.14
C THR E 124 -7.70 -9.67 -12.98
N ASP E 125 -8.41 -9.93 -11.88
CA ASP E 125 -9.70 -9.26 -11.67
C ASP E 125 -9.54 -7.74 -11.72
N ALA E 126 -8.47 -7.22 -11.11
CA ALA E 126 -8.21 -5.78 -11.19
C ALA E 126 -7.97 -5.33 -12.61
N ALA E 127 -7.20 -6.11 -13.38
CA ALA E 127 -6.92 -5.72 -14.76
C ALA E 127 -8.16 -5.79 -15.63
N ALA E 128 -8.94 -6.86 -15.51
CA ALA E 128 -10.18 -6.96 -16.28
C ALA E 128 -11.14 -5.84 -15.93
N ASN E 129 -11.21 -5.48 -14.65
CA ASN E 129 -12.08 -4.38 -14.27
C ASN E 129 -11.57 -3.05 -14.80
N ALA E 130 -10.25 -2.84 -14.80
CA ALA E 130 -9.69 -1.64 -15.42
C ALA E 130 -9.96 -1.61 -16.91
N LEU E 131 -10.16 -2.76 -17.54
CA LEU E 131 -10.48 -2.82 -18.97
C LEU E 131 -11.98 -2.73 -19.24
N LEU E 132 -12.82 -2.90 -18.22
CA LEU E 132 -14.27 -2.88 -18.41
C LEU E 132 -14.73 -1.64 -19.20
N LYS E 133 -14.54 -0.46 -18.62
CA LYS E 133 -15.10 0.74 -19.24
C LYS E 133 -14.43 1.03 -20.58
N THR E 134 -13.11 0.82 -20.67
CA THR E 134 -12.41 0.99 -21.93
C THR E 134 -13.04 0.11 -23.01
N LEU E 135 -13.48 -1.09 -22.62
CA LEU E 135 -14.19 -1.96 -23.54
C LEU E 135 -15.55 -1.38 -23.89
N GLU E 136 -16.23 -0.77 -22.91
CA GLU E 136 -17.60 -0.32 -23.12
C GLU E 136 -17.69 0.77 -24.17
N GLU E 137 -17.04 1.91 -23.93
CA GLU E 137 -17.16 3.09 -24.79
C GLU E 137 -15.78 3.60 -25.18
N PRO E 138 -15.12 2.95 -26.13
CA PRO E 138 -13.80 3.38 -26.55
C PRO E 138 -13.88 4.63 -27.39
N PRO E 139 -12.76 5.34 -27.59
CA PRO E 139 -12.78 6.55 -28.44
C PRO E 139 -13.05 6.23 -29.89
N ALA E 140 -13.12 7.26 -30.74
CA ALA E 140 -13.40 7.06 -32.15
C ALA E 140 -12.30 6.22 -32.80
N GLU E 141 -12.71 5.23 -33.58
CA GLU E 141 -11.82 4.34 -34.32
C GLU E 141 -10.84 3.64 -33.37
N THR E 142 -11.41 2.84 -32.46
CA THR E 142 -10.64 2.01 -31.55
C THR E 142 -11.18 0.59 -31.62
N TRP E 143 -10.27 -0.38 -31.71
CA TRP E 143 -10.65 -1.78 -31.92
C TRP E 143 -10.00 -2.65 -30.85
N PHE E 144 -10.80 -3.51 -30.24
CA PHE E 144 -10.34 -4.42 -29.20
C PHE E 144 -10.50 -5.87 -29.67
N PHE E 145 -9.49 -6.68 -29.37
CA PHE E 145 -9.52 -8.10 -29.70
C PHE E 145 -9.14 -8.92 -28.47
N LEU E 146 -9.96 -9.91 -28.15
CA LEU E 146 -9.75 -10.76 -26.99
C LEU E 146 -9.84 -12.22 -27.41
N ALA E 147 -9.02 -13.05 -26.78
CA ALA E 147 -9.05 -14.49 -27.01
C ALA E 147 -9.22 -15.20 -25.68
N THR E 148 -9.99 -16.29 -25.69
CA THR E 148 -10.27 -17.01 -24.45
C THR E 148 -10.40 -18.50 -24.73
N ARG E 149 -10.02 -19.30 -23.73
CA ARG E 149 -10.34 -20.72 -23.74
C ARG E 149 -11.84 -20.93 -23.59
N GLU E 150 -12.44 -20.29 -22.58
CA GLU E 150 -13.87 -20.35 -22.34
C GLU E 150 -14.39 -18.94 -22.03
N PRO E 151 -15.36 -18.44 -22.79
CA PRO E 151 -15.89 -17.09 -22.49
C PRO E 151 -16.52 -16.99 -21.11
N GLU E 152 -17.17 -18.06 -20.64
CA GLU E 152 -17.83 -18.02 -19.34
C GLU E 152 -16.82 -17.99 -18.20
N ARG E 153 -15.57 -18.37 -18.46
CA ARG E 153 -14.54 -18.26 -17.45
C ARG E 153 -14.16 -16.80 -17.18
N LEU E 154 -14.39 -15.91 -18.14
CA LEU E 154 -14.08 -14.50 -17.97
C LEU E 154 -15.00 -13.89 -16.91
N LEU E 155 -14.74 -12.62 -16.61
CA LEU E 155 -15.61 -11.90 -15.69
C LEU E 155 -16.99 -11.72 -16.32
N ALA E 156 -18.03 -11.84 -15.49
CA ALA E 156 -19.40 -11.71 -15.99
C ALA E 156 -19.70 -10.31 -16.48
N THR E 157 -18.90 -9.33 -16.12
CA THR E 157 -19.11 -7.94 -16.54
C THR E 157 -18.36 -7.61 -17.82
N LEU E 158 -17.14 -8.13 -17.98
CA LEU E 158 -16.36 -7.84 -19.17
C LEU E 158 -16.97 -8.50 -20.40
N ARG E 159 -17.31 -9.78 -20.30
CA ARG E 159 -17.84 -10.52 -21.44
C ARG E 159 -19.13 -9.91 -21.97
N SER E 160 -19.87 -9.20 -21.12
CA SER E 160 -21.11 -8.57 -21.57
C SER E 160 -20.85 -7.53 -22.64
N ARG E 161 -19.76 -6.77 -22.52
CA ARG E 161 -19.46 -5.67 -23.44
C ARG E 161 -18.60 -6.13 -24.62
N CYS E 162 -19.00 -7.19 -25.32
CA CYS E 162 -18.13 -7.68 -26.39
C CYS E 162 -18.92 -8.59 -27.33
N ARG E 163 -18.81 -8.32 -28.63
CA ARG E 163 -19.33 -9.26 -29.61
C ARG E 163 -18.48 -10.52 -29.60
N LEU E 164 -19.12 -11.67 -29.46
CA LEU E 164 -18.43 -12.94 -29.25
C LEU E 164 -18.47 -13.73 -30.55
N HIS E 165 -17.29 -14.06 -31.08
CA HIS E 165 -17.18 -14.91 -32.26
C HIS E 165 -16.61 -16.26 -31.86
N TYR E 166 -17.28 -17.33 -32.27
CA TYR E 166 -16.86 -18.68 -31.97
C TYR E 166 -16.23 -19.31 -33.21
N LEU E 167 -15.01 -19.80 -33.06
CA LEU E 167 -14.31 -20.47 -34.15
C LEU E 167 -14.58 -21.97 -34.04
N ALA E 168 -15.39 -22.49 -34.94
CA ALA E 168 -15.76 -23.90 -34.89
C ALA E 168 -14.58 -24.77 -35.31
N PRO E 169 -14.20 -25.77 -34.50
CA PRO E 169 -13.12 -26.65 -34.92
C PRO E 169 -13.52 -27.48 -36.12
N PRO E 170 -12.58 -27.89 -36.96
CA PRO E 170 -12.91 -28.65 -38.16
C PRO E 170 -13.44 -30.03 -37.81
N PRO E 171 -14.21 -30.64 -38.71
CA PRO E 171 -14.65 -32.03 -38.48
C PRO E 171 -13.46 -32.96 -38.37
N GLU E 172 -13.65 -34.05 -37.60
CA GLU E 172 -12.54 -34.91 -37.23
C GLU E 172 -11.83 -35.48 -38.45
N GLN E 173 -12.58 -35.84 -39.49
CA GLN E 173 -11.96 -36.38 -40.69
C GLN E 173 -11.09 -35.33 -41.38
N TYR E 174 -11.59 -34.09 -41.48
CA TYR E 174 -10.80 -33.02 -42.08
C TYR E 174 -9.53 -32.77 -41.25
N ALA E 175 -9.66 -32.77 -39.93
CA ALA E 175 -8.50 -32.54 -39.07
C ALA E 175 -7.47 -33.66 -39.20
N VAL E 176 -7.93 -34.91 -39.24
CA VAL E 176 -6.98 -36.02 -39.36
C VAL E 176 -6.30 -36.00 -40.72
N THR E 177 -7.03 -35.61 -41.77
CA THR E 177 -6.40 -35.43 -43.08
C THR E 177 -5.34 -34.34 -43.04
N TRP E 178 -5.65 -33.20 -42.41
CA TRP E 178 -4.70 -32.10 -42.33
C TRP E 178 -3.45 -32.50 -41.58
N LEU E 179 -3.62 -33.18 -40.44
CA LEU E 179 -2.44 -33.58 -39.66
C LEU E 179 -1.67 -34.71 -40.34
N SER E 180 -2.35 -35.60 -41.06
CA SER E 180 -1.64 -36.61 -41.85
C SER E 180 -0.79 -35.96 -42.92
N ARG E 181 -1.31 -34.90 -43.55
CA ARG E 181 -0.48 -34.11 -44.46
C ARG E 181 0.69 -33.48 -43.72
N GLU E 182 0.44 -32.93 -42.53
CA GLU E 182 1.49 -32.27 -41.76
C GLU E 182 2.45 -33.26 -41.12
N VAL E 183 1.93 -34.33 -40.53
CA VAL E 183 2.73 -35.30 -39.79
C VAL E 183 2.51 -36.68 -40.38
N THR E 184 3.60 -37.42 -40.60
CA THR E 184 3.54 -38.76 -41.17
C THR E 184 3.67 -39.78 -40.05
N MET E 185 2.54 -40.04 -39.39
CA MET E 185 2.47 -41.05 -38.34
C MET E 185 1.16 -41.82 -38.48
N SER E 186 0.93 -42.74 -37.54
CA SER E 186 -0.21 -43.64 -37.63
C SER E 186 -1.53 -42.89 -37.46
N GLN E 187 -2.59 -43.45 -38.05
CA GLN E 187 -3.91 -42.83 -37.97
C GLN E 187 -4.49 -42.94 -36.56
N ASP E 188 -4.25 -44.07 -35.89
CA ASP E 188 -4.79 -44.26 -34.54
C ASP E 188 -4.24 -43.21 -33.57
N ALA E 189 -2.92 -43.03 -33.56
CA ALA E 189 -2.31 -42.05 -32.67
C ALA E 189 -2.77 -40.64 -33.04
N LEU E 190 -2.91 -40.36 -34.33
CA LEU E 190 -3.34 -39.03 -34.76
C LEU E 190 -4.75 -38.73 -34.29
N LEU E 191 -5.66 -39.71 -34.44
CA LEU E 191 -7.03 -39.51 -33.97
C LEU E 191 -7.07 -39.37 -32.45
N ALA E 192 -6.24 -40.15 -31.74
CA ALA E 192 -6.16 -40.02 -30.30
C ALA E 192 -5.68 -38.64 -29.89
N ALA E 193 -4.69 -38.10 -30.61
CA ALA E 193 -4.21 -36.76 -30.31
C ALA E 193 -5.27 -35.71 -30.59
N LEU E 194 -6.01 -35.86 -31.70
CA LEU E 194 -7.07 -34.90 -32.01
C LEU E 194 -8.15 -34.92 -30.93
N ARG E 195 -8.54 -36.11 -30.47
CA ARG E 195 -9.53 -36.21 -29.40
C ARG E 195 -8.98 -35.65 -28.10
N LEU E 196 -7.69 -35.86 -27.84
CA LEU E 196 -7.07 -35.29 -26.66
C LEU E 196 -7.09 -33.77 -26.70
N SER E 197 -6.85 -33.19 -27.86
CA SER E 197 -6.86 -31.75 -28.04
C SER E 197 -8.27 -31.19 -28.22
N ALA E 198 -9.29 -31.95 -27.83
CA ALA E 198 -10.69 -31.55 -27.95
C ALA E 198 -11.06 -31.20 -29.38
N GLY E 199 -10.45 -31.91 -30.34
CA GLY E 199 -10.71 -31.69 -31.74
C GLY E 199 -9.94 -30.55 -32.37
N SER E 200 -9.12 -29.83 -31.61
CA SER E 200 -8.38 -28.73 -32.18
C SER E 200 -7.12 -29.24 -32.86
N PRO E 201 -7.03 -29.12 -34.18
CA PRO E 201 -5.85 -29.64 -34.89
C PRO E 201 -4.55 -28.97 -34.47
N GLY E 202 -4.59 -27.68 -34.17
CA GLY E 202 -3.36 -26.98 -33.80
C GLY E 202 -2.74 -27.51 -32.52
N ALA E 203 -3.57 -27.78 -31.51
CA ALA E 203 -3.05 -28.29 -30.25
C ALA E 203 -2.47 -29.69 -30.41
N ALA E 204 -3.11 -30.55 -31.20
CA ALA E 204 -2.56 -31.88 -31.45
C ALA E 204 -1.25 -31.80 -32.21
N LEU E 205 -1.17 -30.91 -33.21
CA LEU E 205 0.08 -30.74 -33.94
C LEU E 205 1.18 -30.24 -33.02
N ALA E 206 0.87 -29.29 -32.13
CA ALA E 206 1.86 -28.81 -31.18
C ALA E 206 2.27 -29.91 -30.21
N LEU E 207 1.33 -30.77 -29.83
CA LEU E 207 1.65 -31.90 -28.96
C LEU E 207 2.64 -32.83 -29.64
N PHE E 208 2.42 -33.11 -30.92
CA PHE E 208 3.34 -34.00 -31.64
C PHE E 208 4.70 -33.34 -31.87
N GLN E 209 4.71 -32.04 -32.16
CA GLN E 209 5.97 -31.35 -32.43
C GLN E 209 6.86 -31.31 -31.19
N GLY E 210 6.27 -31.07 -30.03
CA GLY E 210 7.02 -31.05 -28.79
C GLY E 210 7.30 -32.45 -28.28
N ASP E 211 7.89 -32.51 -27.09
CA ASP E 211 8.19 -33.78 -26.45
C ASP E 211 7.00 -34.37 -25.72
N ASN E 212 5.82 -33.76 -25.83
CA ASN E 212 4.66 -34.22 -25.07
C ASN E 212 4.24 -35.63 -25.49
N TRP E 213 4.48 -36.02 -26.74
CA TRP E 213 4.12 -37.36 -27.17
C TRP E 213 4.97 -38.41 -26.47
N GLN E 214 6.28 -38.15 -26.34
CA GLN E 214 7.14 -39.06 -25.61
C GLN E 214 6.72 -39.15 -24.15
N ALA E 215 6.35 -38.02 -23.55
CA ALA E 215 5.88 -38.02 -22.17
C ALA E 215 4.59 -38.83 -22.04
N ARG E 216 3.69 -38.70 -23.01
CA ARG E 216 2.45 -39.49 -22.96
C ARG E 216 2.74 -40.98 -23.08
N GLU E 217 3.67 -41.35 -23.96
CA GLU E 217 4.04 -42.76 -24.08
C GLU E 217 4.64 -43.28 -22.77
N THR E 218 5.51 -42.49 -22.14
CA THR E 218 6.10 -42.89 -20.87
C THR E 218 5.03 -43.02 -19.79
N LEU E 219 4.07 -42.09 -19.76
CA LEU E 219 2.99 -42.16 -18.78
C LEU E 219 2.12 -43.39 -19.01
N CYS E 220 1.85 -43.72 -20.28
CA CYS E 220 1.09 -44.93 -20.59
C CYS E 220 1.82 -46.17 -20.12
N GLN E 221 3.14 -46.23 -20.34
CA GLN E 221 3.91 -47.37 -19.87
C GLN E 221 3.89 -47.45 -18.34
N ALA E 222 4.02 -46.31 -17.66
CA ALA E 222 3.98 -46.30 -16.21
C ALA E 222 2.63 -46.77 -15.68
N LEU E 223 1.54 -46.33 -16.33
CA LEU E 223 0.22 -46.82 -15.96
C LEU E 223 0.10 -48.32 -16.20
N ALA E 224 0.64 -48.80 -17.32
CA ALA E 224 0.60 -50.23 -17.58
C ALA E 224 1.31 -51.01 -16.47
N TYR E 225 2.44 -50.50 -16.01
CA TYR E 225 3.15 -51.16 -14.91
C TYR E 225 2.34 -51.08 -13.61
N SER E 226 1.71 -49.93 -13.34
CA SER E 226 1.15 -49.68 -12.02
C SER E 226 -0.27 -50.21 -11.81
N VAL E 227 -1.05 -50.37 -12.88
CA VAL E 227 -2.45 -50.80 -12.71
C VAL E 227 -2.56 -52.15 -12.02
N PRO E 228 -1.87 -53.21 -12.45
CA PRO E 228 -2.04 -54.49 -11.75
C PRO E 228 -1.46 -54.50 -10.34
N SER E 229 -0.42 -53.71 -10.08
CA SER E 229 0.28 -53.76 -8.80
C SER E 229 -0.15 -52.67 -7.82
N GLY E 230 -0.77 -51.60 -8.30
CA GLY E 230 -1.10 -50.49 -7.44
C GLY E 230 0.05 -49.57 -7.10
N ASP E 231 1.17 -49.69 -7.82
CA ASP E 231 2.34 -48.84 -7.59
C ASP E 231 2.17 -47.50 -8.31
N TRP E 232 1.11 -46.79 -7.92
CA TRP E 232 0.80 -45.51 -8.55
C TRP E 232 1.80 -44.43 -8.19
N TYR E 233 2.56 -44.60 -7.11
CA TYR E 233 3.53 -43.59 -6.72
C TYR E 233 4.57 -43.36 -7.80
N SER E 234 4.96 -44.43 -8.51
CA SER E 234 5.93 -44.28 -9.60
C SER E 234 5.43 -43.32 -10.67
N LEU E 235 4.12 -43.17 -10.79
CA LEU E 235 3.55 -42.23 -11.76
C LEU E 235 4.08 -40.81 -11.53
N LEU E 236 4.48 -40.51 -10.29
CA LEU E 236 5.05 -39.19 -10.00
C LEU E 236 6.21 -38.88 -10.94
N ALA E 237 7.08 -39.88 -11.17
CA ALA E 237 8.22 -39.66 -12.05
C ALA E 237 7.79 -39.18 -13.43
N ALA E 238 6.63 -39.62 -13.90
CA ALA E 238 6.12 -39.18 -15.18
C ALA E 238 5.16 -38.01 -15.07
N LEU E 239 4.62 -37.74 -13.89
CA LEU E 239 3.59 -36.72 -13.76
C LEU E 239 4.15 -35.35 -13.37
N ASN E 240 5.24 -35.31 -12.62
CA ASN E 240 5.77 -34.04 -12.12
C ASN E 240 6.59 -33.37 -13.21
N HIS E 241 6.06 -32.26 -13.75
CA HIS E 241 6.75 -31.49 -14.76
C HIS E 241 6.08 -30.12 -14.84
N GLU E 242 6.70 -29.22 -15.61
CA GLU E 242 6.12 -27.90 -15.81
C GLU E 242 4.81 -27.95 -16.61
N GLN E 243 4.56 -29.07 -17.31
CA GLN E 243 3.33 -29.28 -18.05
C GLN E 243 2.48 -30.37 -17.38
N ALA E 244 2.47 -30.37 -16.05
CA ALA E 244 1.69 -31.36 -15.32
C ALA E 244 0.19 -31.35 -15.63
N PRO E 245 -0.48 -30.20 -15.79
CA PRO E 245 -1.92 -30.27 -16.11
C PRO E 245 -2.23 -31.06 -17.38
N ALA E 246 -1.38 -30.96 -18.41
CA ALA E 246 -1.63 -31.73 -19.63
C ALA E 246 -1.58 -33.23 -19.36
N ARG E 247 -0.60 -33.67 -18.57
CA ARG E 247 -0.48 -35.10 -18.29
C ARG E 247 -1.61 -35.57 -17.38
N LEU E 248 -2.04 -34.72 -16.44
CA LEU E 248 -3.22 -35.05 -15.64
C LEU E 248 -4.45 -35.18 -16.53
N HIS E 249 -4.58 -34.31 -17.53
CA HIS E 249 -5.70 -34.42 -18.47
C HIS E 249 -5.61 -35.70 -19.28
N TRP E 250 -4.39 -36.11 -19.66
CA TRP E 250 -4.22 -37.38 -20.36
C TRP E 250 -4.68 -38.55 -19.49
N LEU E 251 -4.30 -38.54 -18.21
CA LEU E 251 -4.76 -39.59 -17.31
C LEU E 251 -6.28 -39.56 -17.16
N ALA E 252 -6.86 -38.36 -17.09
CA ALA E 252 -8.31 -38.23 -16.99
C ALA E 252 -9.00 -38.79 -18.23
N THR E 253 -8.43 -38.54 -19.42
CA THR E 253 -9.00 -39.10 -20.64
C THR E 253 -8.90 -40.62 -20.65
N LEU E 254 -7.78 -41.16 -20.15
CA LEU E 254 -7.66 -42.61 -20.05
C LEU E 254 -8.71 -43.20 -19.13
N LEU E 255 -8.97 -42.54 -18.00
CA LEU E 255 -10.03 -43.01 -17.11
C LEU E 255 -11.41 -42.87 -17.75
N MET E 256 -11.62 -41.78 -18.50
CA MET E 256 -12.83 -41.62 -19.29
C MET E 256 -13.05 -42.82 -20.18
N ASP E 257 -12.01 -43.22 -20.91
CA ASP E 257 -12.15 -44.31 -21.86
C ASP E 257 -12.31 -45.64 -21.14
N ALA E 258 -11.72 -45.80 -19.96
CA ALA E 258 -11.95 -47.01 -19.19
C ALA E 258 -13.42 -47.12 -18.76
N LEU E 259 -13.99 -46.01 -18.28
CA LEU E 259 -15.40 -46.03 -17.92
C LEU E 259 -16.28 -46.27 -19.15
N LYS E 260 -15.90 -45.68 -20.29
CA LYS E 260 -16.64 -45.92 -21.52
C LYS E 260 -16.59 -47.38 -21.93
N ARG E 261 -15.41 -48.00 -21.83
CA ARG E 261 -15.26 -49.41 -22.19
C ARG E 261 -16.08 -50.29 -21.27
N HIS E 262 -16.12 -49.96 -19.97
CA HIS E 262 -17.02 -50.69 -19.08
C HIS E 262 -18.47 -50.51 -19.49
N HIS E 263 -18.85 -49.29 -19.88
CA HIS E 263 -20.18 -49.06 -20.42
C HIS E 263 -20.29 -49.43 -21.90
N GLY E 264 -19.18 -49.71 -22.56
CA GLY E 264 -19.22 -50.19 -23.93
C GLY E 264 -19.35 -49.14 -25.01
N ALA E 265 -18.96 -47.89 -24.73
CA ALA E 265 -19.11 -46.83 -25.71
C ALA E 265 -18.35 -47.17 -27.00
N ALA E 266 -18.96 -46.81 -28.13
CA ALA E 266 -18.42 -47.22 -29.42
C ALA E 266 -17.05 -46.61 -29.69
N GLN E 267 -16.91 -45.31 -29.43
CA GLN E 267 -15.67 -44.59 -29.69
C GLN E 267 -15.06 -44.11 -28.38
N VAL E 268 -13.73 -44.05 -28.36
CA VAL E 268 -12.99 -43.67 -27.17
C VAL E 268 -11.97 -42.59 -27.52
N THR E 269 -11.60 -41.81 -26.51
CA THR E 269 -10.60 -40.76 -26.74
C THR E 269 -9.22 -41.34 -26.98
N ASN E 270 -8.86 -42.40 -26.24
CA ASN E 270 -7.57 -43.07 -26.39
C ASN E 270 -7.79 -44.33 -27.21
N VAL E 271 -7.77 -44.18 -28.53
CA VAL E 271 -7.90 -45.33 -29.42
C VAL E 271 -6.54 -45.97 -29.73
N ASP E 272 -5.45 -45.21 -29.60
CA ASP E 272 -4.13 -45.75 -29.91
C ASP E 272 -3.63 -46.72 -28.85
N VAL E 273 -4.19 -46.69 -27.65
CA VAL E 273 -3.69 -47.51 -26.55
C VAL E 273 -4.84 -48.36 -26.00
N PRO E 274 -5.15 -49.49 -26.64
CA PRO E 274 -6.26 -50.32 -26.16
C PRO E 274 -5.89 -51.21 -24.97
N GLY E 275 -4.62 -51.61 -24.91
CA GLY E 275 -4.20 -52.50 -23.82
C GLY E 275 -4.33 -51.85 -22.46
N LEU E 276 -3.85 -50.62 -22.35
CA LEU E 276 -3.90 -49.92 -21.06
C LEU E 276 -5.33 -49.66 -20.62
N VAL E 277 -6.20 -49.23 -21.54
CA VAL E 277 -7.57 -48.94 -21.17
C VAL E 277 -8.31 -50.23 -20.80
N ALA E 278 -8.01 -51.33 -21.50
CA ALA E 278 -8.59 -52.62 -21.13
C ALA E 278 -8.13 -53.06 -19.75
N GLU E 279 -6.84 -52.88 -19.45
CA GLU E 279 -6.33 -53.24 -18.14
C GLU E 279 -6.99 -52.41 -17.05
N LEU E 280 -7.14 -51.11 -17.28
CA LEU E 280 -7.81 -50.24 -16.32
C LEU E 280 -9.25 -50.65 -16.13
N ALA E 281 -9.94 -51.00 -17.22
CA ALA E 281 -11.35 -51.37 -17.12
C ALA E 281 -11.53 -52.65 -16.32
N ASN E 282 -10.72 -53.68 -16.59
CA ASN E 282 -10.91 -54.95 -15.91
C ASN E 282 -10.40 -54.92 -14.48
N HIS E 283 -9.27 -54.24 -14.23
CA HIS E 283 -8.65 -54.30 -12.91
C HIS E 283 -9.40 -53.44 -11.89
N LEU E 284 -9.86 -52.25 -12.29
CA LEU E 284 -10.46 -51.30 -11.38
C LEU E 284 -11.98 -51.29 -11.56
N SER E 285 -12.70 -51.37 -10.44
CA SER E 285 -14.15 -51.28 -10.49
C SER E 285 -14.58 -49.88 -10.91
N PRO E 286 -15.72 -49.76 -11.60
CA PRO E 286 -16.20 -48.43 -12.00
C PRO E 286 -16.44 -47.49 -10.82
N SER E 287 -16.86 -48.02 -9.67
CA SER E 287 -17.14 -47.15 -8.52
C SER E 287 -15.89 -46.43 -8.06
N ARG E 288 -14.77 -47.15 -7.94
CA ARG E 288 -13.51 -46.52 -7.57
C ARG E 288 -12.89 -45.76 -8.74
N LEU E 289 -13.16 -46.20 -9.97
CA LEU E 289 -12.66 -45.50 -11.13
C LEU E 289 -13.23 -44.09 -11.21
N GLN E 290 -14.52 -43.94 -10.91
CA GLN E 290 -15.14 -42.62 -10.90
C GLN E 290 -14.50 -41.71 -9.86
N ALA E 291 -14.24 -42.25 -8.66
CA ALA E 291 -13.60 -41.46 -7.62
C ALA E 291 -12.20 -41.03 -8.02
N ILE E 292 -11.42 -41.95 -8.61
CA ILE E 292 -10.07 -41.61 -9.05
C ILE E 292 -10.12 -40.54 -10.13
N LEU E 293 -11.05 -40.69 -11.08
CA LEU E 293 -11.20 -39.70 -12.15
C LEU E 293 -11.54 -38.32 -11.58
N GLY E 294 -12.51 -38.29 -10.65
CA GLY E 294 -12.89 -37.01 -10.06
C GLY E 294 -11.76 -36.36 -9.30
N ASP E 295 -11.01 -37.16 -8.52
CA ASP E 295 -9.89 -36.60 -7.78
C ASP E 295 -8.80 -36.10 -8.71
N VAL E 296 -8.52 -36.83 -9.80
CA VAL E 296 -7.50 -36.39 -10.75
C VAL E 296 -7.90 -35.07 -11.39
N CYS E 297 -9.15 -34.96 -11.82
CA CYS E 297 -9.59 -33.71 -12.44
C CYS E 297 -9.63 -32.57 -11.43
N HIS E 298 -10.00 -32.84 -10.18
CA HIS E 298 -9.96 -31.82 -9.15
C HIS E 298 -8.55 -31.32 -8.90
N ILE E 299 -7.58 -32.25 -8.85
CA ILE E 299 -6.19 -31.86 -8.68
C ILE E 299 -5.71 -31.04 -9.87
N ARG E 300 -6.13 -31.42 -11.07
CA ARG E 300 -5.76 -30.64 -12.26
C ARG E 300 -6.29 -29.23 -12.17
N GLU E 301 -7.56 -29.08 -11.77
CA GLU E 301 -8.14 -27.75 -11.67
C GLU E 301 -7.45 -26.92 -10.59
N GLN E 302 -7.15 -27.54 -9.45
CA GLN E 302 -6.44 -26.83 -8.38
C GLN E 302 -5.06 -26.40 -8.84
N LEU E 303 -4.35 -27.27 -9.56
CA LEU E 303 -3.02 -26.95 -10.04
C LEU E 303 -3.04 -25.81 -11.04
N MET E 304 -4.05 -25.79 -11.92
CA MET E 304 -4.15 -24.71 -12.89
C MET E 304 -4.55 -23.40 -12.25
N SER E 305 -5.52 -23.43 -11.33
CA SER E 305 -6.16 -22.20 -10.88
C SER E 305 -5.26 -21.38 -9.98
N VAL E 306 -4.91 -21.92 -8.81
CA VAL E 306 -4.15 -21.15 -7.83
C VAL E 306 -2.68 -21.09 -8.25
N THR E 307 -2.19 -19.88 -8.50
CA THR E 307 -0.81 -19.71 -8.89
C THR E 307 0.10 -19.81 -7.67
N GLY E 308 1.30 -20.35 -7.87
CA GLY E 308 2.24 -20.55 -6.80
C GLY E 308 2.07 -21.85 -6.04
N ILE E 309 1.06 -22.65 -6.38
CA ILE E 309 0.88 -23.94 -5.73
C ILE E 309 2.03 -24.86 -6.11
N ASN E 310 2.36 -25.78 -5.20
CA ASN E 310 3.51 -26.66 -5.37
C ASN E 310 3.04 -27.95 -6.04
N ARG E 311 3.62 -28.26 -7.20
CA ARG E 311 3.22 -29.44 -7.95
C ARG E 311 3.57 -30.72 -7.20
N GLU E 312 4.72 -30.73 -6.51
CA GLU E 312 5.18 -31.94 -5.85
C GLU E 312 4.18 -32.44 -4.82
N LEU E 313 3.76 -31.56 -3.92
CA LEU E 313 2.84 -31.96 -2.85
C LEU E 313 1.52 -32.43 -3.41
N LEU E 314 0.96 -31.66 -4.36
CA LEU E 314 -0.35 -32.00 -4.89
C LEU E 314 -0.34 -33.32 -5.63
N ILE E 315 0.66 -33.52 -6.49
CA ILE E 315 0.71 -34.77 -7.26
C ILE E 315 0.98 -35.95 -6.34
N THR E 316 1.89 -35.79 -5.37
CA THR E 316 2.17 -36.89 -4.46
C THR E 316 0.93 -37.25 -3.63
N ASP E 317 0.22 -36.25 -3.13
CA ASP E 317 -0.99 -36.53 -2.35
C ASP E 317 -2.07 -37.16 -3.21
N LEU E 318 -2.20 -36.73 -4.47
CA LEU E 318 -3.15 -37.36 -5.36
C LEU E 318 -2.82 -38.84 -5.57
N LEU E 319 -1.54 -39.14 -5.78
CA LEU E 319 -1.15 -40.54 -5.98
C LEU E 319 -1.39 -41.37 -4.71
N LEU E 320 -1.04 -40.82 -3.54
CA LEU E 320 -1.26 -41.56 -2.30
C LEU E 320 -2.74 -41.78 -2.04
N ARG E 321 -3.58 -40.77 -2.31
CA ARG E 321 -5.01 -40.94 -2.11
C ARG E 321 -5.58 -41.94 -3.10
N ILE E 322 -5.07 -41.97 -4.33
CA ILE E 322 -5.50 -42.99 -5.28
C ILE E 322 -5.14 -44.38 -4.78
N GLU E 323 -3.92 -44.54 -4.28
CA GLU E 323 -3.51 -45.84 -3.75
C GLU E 323 -4.38 -46.25 -2.56
N HIS E 324 -4.73 -45.28 -1.71
CA HIS E 324 -5.63 -45.56 -0.60
C HIS E 324 -7.02 -45.96 -1.09
N TYR E 325 -7.52 -45.29 -2.14
CA TYR E 325 -8.80 -45.66 -2.71
C TYR E 325 -8.79 -47.06 -3.28
N LEU E 326 -7.65 -47.50 -3.82
CA LEU E 326 -7.55 -48.84 -4.38
C LEU E 326 -7.83 -49.90 -3.32
N GLN E 327 -7.35 -49.67 -2.10
CA GLN E 327 -7.57 -50.65 -1.04
C GLN E 327 -9.05 -50.78 -0.73
N PRO E 328 -9.55 -51.99 -0.51
CA PRO E 328 -10.97 -52.17 -0.21
C PRO E 328 -11.33 -51.65 1.18
N GLY E 329 -12.61 -51.34 1.35
CA GLY E 329 -13.11 -50.91 2.64
C GLY E 329 -12.83 -49.47 2.99
N VAL E 330 -12.65 -48.61 2.01
CA VAL E 330 -12.37 -47.19 2.22
C VAL E 330 -13.50 -46.38 1.62
N VAL E 331 -14.04 -45.43 2.40
CA VAL E 331 -15.12 -44.59 1.91
C VAL E 331 -14.63 -43.74 0.75
N LEU E 332 -15.54 -43.44 -0.18
CA LEU E 332 -15.21 -42.68 -1.37
C LEU E 332 -15.85 -41.29 -1.32
N PRO E 333 -15.21 -40.29 -1.93
CA PRO E 333 -15.80 -38.95 -1.95
C PRO E 333 -17.05 -38.89 -2.82
N VAL E 334 -17.94 -37.96 -2.47
CA VAL E 334 -19.18 -37.73 -3.21
C VAL E 334 -19.19 -36.26 -3.63
N PRO E 335 -19.62 -35.95 -4.86
CA PRO E 335 -19.66 -34.54 -5.29
C PRO E 335 -20.54 -33.71 -4.36
N HIS E 336 -20.10 -32.49 -4.10
CA HIS E 336 -20.75 -31.59 -3.16
C HIS E 336 -21.63 -30.59 -3.91
N LEU E 337 -22.83 -30.37 -3.39
CA LEU E 337 -23.77 -29.42 -3.99
C LEU E 337 -23.35 -27.98 -3.72
N GLY F 1 4.48 39.84 31.01
CA GLY F 1 3.64 39.14 30.06
C GLY F 1 2.99 40.06 29.06
N PRO F 2 1.69 40.33 29.24
CA PRO F 2 1.00 41.25 28.34
C PRO F 2 1.57 42.68 28.43
N HIS F 3 1.00 43.56 27.60
CA HIS F 3 1.32 44.98 27.50
C HIS F 3 2.60 45.28 26.73
N MET F 4 3.37 44.26 26.34
CA MET F 4 4.63 44.52 25.64
C MET F 4 4.36 45.08 24.25
N LYS F 5 5.17 46.05 23.83
CA LYS F 5 4.94 46.75 22.58
C LYS F 5 6.25 47.08 21.87
N PHE F 6 6.22 47.03 20.54
CA PHE F 6 7.31 47.49 19.69
C PHE F 6 6.79 48.58 18.76
N THR F 7 7.69 49.45 18.32
CA THR F 7 7.42 50.32 17.17
C THR F 7 8.77 50.52 16.47
N VAL F 8 9.03 49.71 15.46
CA VAL F 8 10.36 49.63 14.86
C VAL F 8 10.27 49.76 13.35
N GLU F 9 11.31 50.33 12.76
CA GLU F 9 11.39 50.43 11.31
C GLU F 9 11.93 49.13 10.72
N ARG F 10 11.55 48.87 9.47
CA ARG F 10 11.99 47.65 8.80
C ARG F 10 13.50 47.62 8.61
N GLU F 11 14.09 48.76 8.26
CA GLU F 11 15.53 48.81 8.03
C GLU F 11 16.30 48.47 9.29
N HIS F 12 15.83 48.93 10.44
CA HIS F 12 16.48 48.65 11.72
C HIS F 12 16.14 47.28 12.27
N LEU F 13 15.26 46.53 11.60
CA LEU F 13 14.80 45.23 12.09
C LEU F 13 15.15 44.07 11.17
N LEU F 14 15.23 44.28 9.86
CA LEU F 14 15.40 43.17 8.94
C LEU F 14 16.73 42.45 9.17
N LYS F 15 17.83 43.19 9.22
CA LYS F 15 19.15 42.57 9.36
C LYS F 15 19.30 41.77 10.64
N PRO F 16 18.93 42.27 11.82
CA PRO F 16 19.02 41.43 13.02
C PRO F 16 18.17 40.16 12.93
N LEU F 17 17.03 40.22 12.24
CA LEU F 17 16.23 39.02 12.04
C LEU F 17 16.97 37.99 11.21
N GLN F 18 17.66 38.44 10.15
CA GLN F 18 18.48 37.51 9.37
C GLN F 18 19.61 36.94 10.21
N GLN F 19 20.22 37.76 11.05
CA GLN F 19 21.30 37.28 11.92
C GLN F 19 20.80 36.24 12.91
N VAL F 20 19.61 36.45 13.49
CA VAL F 20 19.11 35.57 14.52
C VAL F 20 18.38 34.36 13.97
N SER F 21 18.04 34.35 12.68
CA SER F 21 17.40 33.18 12.09
C SER F 21 18.30 31.96 12.19
N GLY F 22 19.53 32.08 11.71
CA GLY F 22 20.54 31.04 11.85
C GLY F 22 20.08 29.67 11.44
N PRO F 23 20.04 28.75 12.40
CA PRO F 23 19.58 27.38 12.13
C PRO F 23 18.09 27.14 12.38
N LEU F 24 17.37 28.15 12.89
CA LEU F 24 15.97 27.96 13.21
C LEU F 24 15.12 27.83 11.95
N GLY F 25 13.98 27.18 12.10
CA GLY F 25 13.10 26.92 10.98
C GLY F 25 12.90 25.44 10.73
N GLY F 26 13.97 24.66 10.85
CA GLY F 26 13.88 23.23 10.70
C GLY F 26 13.20 22.59 11.89
N ARG F 27 13.01 21.28 11.80
CA ARG F 27 12.34 20.55 12.87
C ARG F 27 13.21 20.56 14.12
N PRO F 28 12.75 21.12 15.22
CA PRO F 28 13.58 21.24 16.41
C PRO F 28 13.37 20.09 17.39
N THR F 29 14.29 20.01 18.35
CA THR F 29 14.17 19.00 19.40
C THR F 29 12.94 19.25 20.27
N LEU F 30 12.64 20.52 20.54
CA LEU F 30 11.48 20.93 21.33
C LEU F 30 10.66 21.93 20.52
N PRO F 31 9.33 21.90 20.67
CA PRO F 31 8.51 22.83 19.87
C PRO F 31 8.84 24.29 20.11
N ILE F 32 9.34 24.65 21.30
CA ILE F 32 9.65 26.04 21.59
C ILE F 32 10.83 26.52 20.74
N LEU F 33 11.75 25.63 20.39
CA LEU F 33 12.97 26.06 19.69
C LEU F 33 12.73 26.26 18.21
N GLY F 34 11.68 27.01 17.88
CA GLY F 34 11.44 27.47 16.53
C GLY F 34 11.00 28.91 16.60
N ASN F 35 10.88 29.40 17.84
CA ASN F 35 10.41 30.74 18.13
C ASN F 35 11.58 31.60 18.57
N LEU F 36 11.72 32.76 17.94
CA LEU F 36 12.60 33.78 18.47
C LEU F 36 12.03 34.33 19.76
N LEU F 37 12.90 34.49 20.76
CA LEU F 37 12.54 35.09 22.03
C LEU F 37 12.65 36.59 21.90
N LEU F 38 11.53 37.29 22.04
CA LEU F 38 11.45 38.74 21.94
C LEU F 38 11.37 39.30 23.36
N GLN F 39 12.28 40.22 23.69
CA GLN F 39 12.30 40.81 25.02
C GLN F 39 12.46 42.32 24.92
N VAL F 40 11.92 43.02 25.92
CA VAL F 40 12.04 44.47 26.02
C VAL F 40 12.67 44.79 27.38
N ALA F 41 13.69 45.64 27.37
CA ALA F 41 14.34 46.02 28.62
C ALA F 41 15.04 47.35 28.44
N ASP F 42 14.75 48.29 29.34
CA ASP F 42 15.43 49.59 29.38
C ASP F 42 15.36 50.29 28.01
N GLY F 43 14.24 50.14 27.34
CA GLY F 43 14.07 50.73 26.03
C GLY F 43 14.95 50.13 24.95
N THR F 44 15.18 48.82 25.00
CA THR F 44 15.86 48.13 23.91
C THR F 44 15.22 46.76 23.72
N LEU F 45 15.34 46.24 22.49
CA LEU F 45 14.70 45.00 22.08
C LEU F 45 15.77 43.92 21.91
N SER F 46 15.50 42.74 22.45
CA SER F 46 16.42 41.61 22.40
C SER F 46 15.76 40.47 21.63
N LEU F 47 16.43 40.02 20.57
CA LEU F 47 16.04 38.85 19.81
C LEU F 47 16.96 37.69 20.18
N THR F 48 16.38 36.56 20.56
CA THR F 48 17.17 35.41 20.98
C THR F 48 16.80 34.17 20.17
N GLY F 49 17.80 33.50 19.64
CA GLY F 49 17.59 32.22 18.97
C GLY F 49 18.49 31.16 19.56
N THR F 50 17.92 29.97 19.78
CA THR F 50 18.57 28.91 20.56
C THR F 50 18.53 27.60 19.80
N ASP F 51 19.58 26.79 19.99
CA ASP F 51 19.69 25.46 19.39
C ASP F 51 20.07 24.41 20.42
N LEU F 52 19.81 24.66 21.71
CA LEU F 52 20.19 23.82 22.84
C LEU F 52 21.69 23.79 23.04
N GLU F 53 22.44 24.34 22.09
CA GLU F 53 23.87 24.54 22.29
C GLU F 53 24.35 25.85 21.67
N MET F 54 23.47 26.65 21.08
CA MET F 54 23.80 27.94 20.52
C MET F 54 22.83 28.98 21.06
N GLU F 55 23.24 30.24 21.04
CA GLU F 55 22.33 31.32 21.38
C GLU F 55 22.83 32.58 20.70
N MET F 56 22.06 33.07 19.73
CA MET F 56 22.37 34.30 19.02
C MET F 56 21.36 35.37 19.46
N VAL F 57 21.87 36.49 19.96
CA VAL F 57 21.04 37.56 20.51
C VAL F 57 21.38 38.85 19.78
N ALA F 58 20.36 39.51 19.25
CA ALA F 58 20.52 40.77 18.55
C ALA F 58 19.80 41.87 19.32
N ARG F 59 20.47 43.00 19.52
CA ARG F 59 19.91 44.13 20.23
C ARG F 59 19.52 45.23 19.25
N VAL F 60 18.33 45.78 19.44
CA VAL F 60 17.82 46.86 18.60
C VAL F 60 17.42 48.02 19.50
N ALA F 61 17.84 49.23 19.12
CA ALA F 61 17.50 50.41 19.90
C ALA F 61 16.04 50.77 19.72
N LEU F 62 15.42 51.24 20.81
CA LEU F 62 14.02 51.65 20.81
C LEU F 62 13.92 53.11 21.22
N VAL F 63 13.18 53.90 20.43
CA VAL F 63 12.99 55.31 20.71
C VAL F 63 11.49 55.63 20.68
N GLN F 64 10.67 54.63 20.94
CA GLN F 64 9.22 54.72 20.86
C GLN F 64 8.61 54.24 22.16
N PRO F 65 7.39 54.68 22.47
CA PRO F 65 6.70 54.15 23.65
C PRO F 65 6.54 52.64 23.57
N HIS F 66 6.73 51.98 24.71
CA HIS F 66 6.79 50.53 24.75
C HIS F 66 6.48 50.07 26.17
N GLU F 67 6.78 48.81 26.46
CA GLU F 67 6.60 48.22 27.77
C GLU F 67 7.57 47.05 27.90
N PRO F 68 8.25 46.91 29.05
CA PRO F 68 9.21 45.80 29.22
C PRO F 68 8.54 44.45 29.43
N GLY F 69 8.19 43.80 28.33
CA GLY F 69 7.62 42.46 28.37
C GLY F 69 8.45 41.46 27.59
N ALA F 70 7.94 40.23 27.46
CA ALA F 70 8.64 39.19 26.74
C ALA F 70 7.64 38.23 26.12
N THR F 71 8.09 37.54 25.06
CA THR F 71 7.27 36.56 24.36
C THR F 71 8.18 35.73 23.47
N THR F 72 7.59 34.74 22.80
CA THR F 72 8.31 33.91 21.83
C THR F 72 7.43 33.75 20.60
N VAL F 73 7.95 34.16 19.44
CA VAL F 73 7.13 34.15 18.22
C VAL F 73 7.83 33.29 17.17
N PRO F 74 7.10 32.52 16.35
CA PRO F 74 7.75 31.68 15.35
C PRO F 74 8.69 32.47 14.45
N ALA F 75 9.89 31.92 14.24
CA ALA F 75 10.94 32.66 13.54
C ALA F 75 10.58 32.88 12.07
N ARG F 76 10.19 31.81 11.37
CA ARG F 76 9.90 31.91 9.95
C ARG F 76 8.73 32.84 9.69
N LYS F 77 7.66 32.68 10.47
CA LYS F 77 6.46 33.50 10.26
C LYS F 77 6.73 34.97 10.55
N PHE F 78 7.39 35.26 11.68
CA PHE F 78 7.68 36.64 12.03
C PHE F 78 8.62 37.29 11.03
N PHE F 79 9.64 36.55 10.59
CA PHE F 79 10.57 37.10 9.60
C PHE F 79 9.87 37.35 8.28
N ASP F 80 8.98 36.45 7.87
CA ASP F 80 8.24 36.67 6.63
C ASP F 80 7.32 37.88 6.74
N ILE F 81 6.67 38.06 7.90
CA ILE F 81 5.84 39.24 8.09
C ILE F 81 6.67 40.51 8.01
N CYS F 82 7.82 40.52 8.67
CA CYS F 82 8.68 41.70 8.66
C CYS F 82 9.32 41.95 7.30
N ARG F 83 9.43 40.92 6.47
CA ARG F 83 10.00 41.09 5.13
C ARG F 83 8.96 41.52 4.10
N GLY F 84 7.74 41.00 4.20
CA GLY F 84 6.71 41.32 3.24
C GLY F 84 6.10 42.70 3.34
N LEU F 85 6.37 43.42 4.43
CA LEU F 85 5.85 44.76 4.58
C LEU F 85 6.51 45.71 3.59
N PRO F 86 5.84 46.81 3.23
CA PRO F 86 6.45 47.76 2.31
C PRO F 86 7.68 48.41 2.91
N GLU F 87 8.60 48.80 2.03
CA GLU F 87 9.85 49.40 2.48
C GLU F 87 9.58 50.70 3.23
N GLY F 88 10.22 50.85 4.39
CA GLY F 88 10.08 52.03 5.21
C GLY F 88 8.86 52.05 6.11
N ALA F 89 7.98 51.06 6.03
CA ALA F 89 6.81 51.02 6.89
C ALA F 89 7.22 50.59 8.29
N GLU F 90 6.61 51.22 9.29
CA GLU F 90 6.92 50.92 10.68
C GLU F 90 6.00 49.81 11.20
N ILE F 91 6.58 48.89 11.95
CA ILE F 91 5.86 47.78 12.56
C ILE F 91 5.52 48.14 13.99
N ALA F 92 4.24 48.05 14.34
CA ALA F 92 3.77 48.27 15.70
C ALA F 92 3.30 46.93 16.25
N VAL F 93 3.86 46.53 17.39
CA VAL F 93 3.68 45.18 17.92
C VAL F 93 3.11 45.30 19.33
N GLN F 94 2.16 44.44 19.64
CA GLN F 94 1.66 44.36 21.01
C GLN F 94 1.24 42.91 21.30
N LEU F 95 0.80 42.67 22.52
CA LEU F 95 0.39 41.34 22.96
C LEU F 95 -0.96 41.41 23.65
N GLU F 96 -1.75 40.35 23.50
CA GLU F 96 -3.03 40.25 24.18
C GLU F 96 -3.37 38.77 24.32
N GLY F 97 -3.54 38.30 25.54
CA GLY F 97 -3.73 36.89 25.75
C GLY F 97 -2.53 36.11 25.26
N GLU F 98 -2.79 35.13 24.40
CA GLU F 98 -1.73 34.37 23.73
C GLU F 98 -1.58 34.77 22.27
N ARG F 99 -2.11 35.93 21.88
CA ARG F 99 -2.05 36.41 20.51
C ARG F 99 -1.19 37.66 20.46
N MET F 100 -0.15 37.64 19.65
CA MET F 100 0.71 38.80 19.44
C MET F 100 0.25 39.50 18.16
N LEU F 101 -0.07 40.77 18.28
CA LEU F 101 -0.62 41.55 17.17
C LEU F 101 0.48 42.38 16.51
N VAL F 102 0.57 42.28 15.19
CA VAL F 102 1.47 43.07 14.37
C VAL F 102 0.63 43.99 13.51
N ARG F 103 1.05 45.25 13.40
CA ARG F 103 0.30 46.23 12.65
C ARG F 103 1.23 47.08 11.79
N SER F 104 0.78 47.36 10.58
CA SER F 104 1.40 48.32 9.68
C SER F 104 0.28 49.08 8.97
N GLY F 105 0.65 49.93 8.03
CA GLY F 105 -0.34 50.74 7.34
C GLY F 105 -1.45 49.92 6.71
N ARG F 106 -2.64 50.01 7.30
CA ARG F 106 -3.81 49.24 6.86
C ARG F 106 -3.51 47.75 6.79
N SER F 107 -2.83 47.24 7.82
CA SER F 107 -2.50 45.82 7.84
C SER F 107 -2.40 45.34 9.28
N ARG F 108 -3.02 44.20 9.57
CA ARG F 108 -3.04 43.63 10.91
C ARG F 108 -2.88 42.12 10.83
N PHE F 109 -2.02 41.58 11.71
CA PHE F 109 -1.81 40.14 11.84
C PHE F 109 -1.89 39.75 13.30
N SER F 110 -2.36 38.53 13.53
CA SER F 110 -2.33 37.91 14.86
C SER F 110 -1.50 36.64 14.77
N LEU F 111 -0.58 36.46 15.70
CA LEU F 111 0.33 35.33 15.69
C LEU F 111 0.25 34.60 17.02
N SER F 112 0.38 33.27 16.97
CA SER F 112 0.34 32.44 18.15
C SER F 112 1.74 32.34 18.76
N THR F 113 1.83 32.64 20.05
CA THR F 113 3.10 32.69 20.77
C THR F 113 3.11 31.64 21.86
N LEU F 114 4.21 31.60 22.61
CA LEU F 114 4.38 30.73 23.75
C LEU F 114 4.96 31.52 24.91
N PRO F 115 4.65 31.13 26.15
CA PRO F 115 5.16 31.90 27.30
C PRO F 115 6.67 31.86 27.40
N ALA F 116 7.24 32.97 27.88
CA ALA F 116 8.68 33.09 28.00
C ALA F 116 9.25 32.20 29.09
N ALA F 117 8.41 31.71 30.01
CA ALA F 117 8.91 30.88 31.10
C ALA F 117 9.43 29.54 30.60
N ASP F 118 8.94 29.07 29.46
CA ASP F 118 9.32 27.76 28.93
C ASP F 118 10.48 27.83 27.95
N PHE F 119 10.97 29.03 27.64
CA PHE F 119 12.06 29.15 26.67
C PHE F 119 13.38 28.75 27.30
N PRO F 120 14.12 27.81 26.75
CA PRO F 120 15.43 27.45 27.31
C PRO F 120 16.42 28.58 27.14
N ASN F 121 17.36 28.65 28.07
CA ASN F 121 18.46 29.62 28.01
C ASN F 121 19.74 28.96 28.48
N LEU F 122 20.85 29.40 27.92
CA LEU F 122 22.16 28.86 28.30
C LEU F 122 22.50 29.30 29.72
N ASP F 123 22.91 28.34 30.54
CA ASP F 123 23.17 28.61 31.95
C ASP F 123 24.36 29.55 32.12
N ASP F 124 24.29 30.36 33.17
CA ASP F 124 25.34 31.33 33.45
C ASP F 124 26.65 30.62 33.76
N TRP F 125 27.75 31.13 33.20
CA TRP F 125 29.07 30.54 33.37
C TRP F 125 30.07 31.64 33.70
N GLN F 126 31.00 31.32 34.60
CA GLN F 126 32.04 32.27 35.00
C GLN F 126 33.14 32.27 33.95
N SER F 127 33.43 33.42 33.39
CA SER F 127 34.43 33.52 32.34
C SER F 127 35.83 33.34 32.89
N GLU F 128 36.69 32.70 32.10
CA GLU F 128 38.09 32.54 32.44
C GLU F 128 39.01 33.48 31.66
N VAL F 129 38.66 33.79 30.42
CA VAL F 129 39.48 34.63 29.56
C VAL F 129 38.60 35.70 28.92
N GLU F 130 39.03 36.95 28.98
CA GLU F 130 38.45 38.03 28.22
C GLU F 130 39.39 38.40 27.08
N PHE F 131 38.83 38.83 25.95
CA PHE F 131 39.63 38.96 24.75
C PHE F 131 39.00 40.01 23.84
N THR F 132 39.85 40.77 23.14
CA THR F 132 39.39 41.74 22.17
C THR F 132 40.20 41.61 20.90
N LEU F 133 39.52 41.66 19.75
CA LEU F 133 40.20 41.41 18.49
C LEU F 133 39.51 42.13 17.34
N PRO F 134 40.27 42.69 16.40
CA PRO F 134 39.66 43.20 15.17
C PRO F 134 39.08 42.08 14.32
N GLN F 135 38.11 42.43 13.49
CA GLN F 135 37.43 41.44 12.66
C GLN F 135 38.38 40.83 11.63
N ALA F 136 39.29 41.64 11.08
CA ALA F 136 40.17 41.15 10.03
C ALA F 136 41.07 40.02 10.52
N THR F 137 41.62 40.17 11.73
CA THR F 137 42.48 39.13 12.28
C THR F 137 41.73 37.82 12.48
N MET F 138 40.52 37.90 13.04
CA MET F 138 39.73 36.69 13.26
C MET F 138 39.34 36.05 11.95
N LYS F 139 38.98 36.85 10.94
CA LYS F 139 38.66 36.30 9.63
C LYS F 139 39.87 35.61 9.01
N ARG F 140 41.05 36.21 9.14
CA ARG F 140 42.26 35.59 8.62
C ARG F 140 42.54 34.28 9.32
N LEU F 141 42.37 34.24 10.64
CA LEU F 141 42.62 33.02 11.39
C LEU F 141 41.64 31.91 10.99
N ILE F 142 40.36 32.25 10.85
CA ILE F 142 39.35 31.24 10.56
C ILE F 142 39.50 30.74 9.12
N GLU F 143 39.69 31.66 8.17
CA GLU F 143 39.76 31.27 6.77
C GLU F 143 40.95 30.36 6.47
N ALA F 144 42.06 30.58 7.15
CA ALA F 144 43.27 29.79 6.94
C ALA F 144 43.29 28.50 7.75
N THR F 145 42.26 28.24 8.57
CA THR F 145 42.22 27.02 9.36
C THR F 145 40.83 26.39 9.36
N GLN F 146 39.99 26.70 8.38
CA GLN F 146 38.68 26.06 8.27
C GLN F 146 38.65 24.94 7.24
N PHE F 147 39.46 25.04 6.19
CA PHE F 147 39.49 24.00 5.16
C PHE F 147 40.07 22.70 5.68
N SER F 148 41.05 22.78 6.58
CA SER F 148 41.73 21.59 7.11
C SER F 148 41.06 21.06 8.37
N MET F 149 39.76 21.28 8.53
CA MET F 149 39.03 20.82 9.70
C MET F 149 38.33 19.51 9.41
N ALA F 150 38.29 18.63 10.41
CA ALA F 150 37.71 17.32 10.23
C ALA F 150 36.22 17.42 9.93
N HIS F 151 35.72 16.45 9.15
CA HIS F 151 34.34 16.45 8.68
C HIS F 151 33.68 15.14 9.08
N GLN F 152 32.81 15.20 10.10
CA GLN F 152 32.02 14.06 10.56
C GLN F 152 32.88 12.88 10.97
N ASP F 153 34.09 13.15 11.46
CA ASP F 153 34.97 12.08 11.91
C ASP F 153 34.40 11.43 13.16
N VAL F 154 34.68 10.13 13.31
CA VAL F 154 34.24 9.41 14.50
C VAL F 154 34.94 9.96 15.74
N ARG F 155 36.10 10.57 15.57
CA ARG F 155 36.79 11.24 16.67
C ARG F 155 36.17 12.62 16.87
N TYR F 156 35.62 12.85 18.07
CA TYR F 156 34.93 14.11 18.33
C TYR F 156 35.90 15.29 18.38
N TYR F 157 37.08 15.08 18.97
CA TYR F 157 37.99 16.20 19.19
C TYR F 157 38.50 16.80 17.88
N LEU F 158 38.65 15.99 16.84
CA LEU F 158 39.12 16.52 15.57
C LEU F 158 38.09 17.43 14.92
N ASN F 159 36.80 17.22 15.22
CA ASN F 159 35.78 18.15 14.78
C ASN F 159 35.97 19.48 15.49
N GLY F 160 35.80 20.58 14.75
CA GLY F 160 35.98 21.89 15.33
C GLY F 160 37.41 22.40 15.18
N MET F 161 37.65 23.50 15.90
CA MET F 161 38.91 24.23 15.81
C MET F 161 39.42 24.49 17.22
N LEU F 162 40.74 24.56 17.36
CA LEU F 162 41.38 24.77 18.66
C LEU F 162 41.87 26.21 18.76
N PHE F 163 41.54 26.87 19.87
CA PHE F 163 41.99 28.21 20.18
C PHE F 163 43.04 28.12 21.29
N GLU F 164 44.18 28.76 21.05
CA GLU F 164 45.29 28.82 21.99
C GLU F 164 45.54 30.27 22.36
N THR F 165 45.59 30.55 23.65
CA THR F 165 45.98 31.86 24.16
C THR F 165 47.32 31.69 24.85
N GLU F 166 48.38 32.25 24.26
CA GLU F 166 49.74 32.10 24.78
C GLU F 166 50.40 33.46 24.80
N GLY F 167 50.59 34.00 26.00
CA GLY F 167 51.23 35.30 26.14
C GLY F 167 50.42 36.36 25.42
N GLU F 168 51.05 37.02 24.45
CA GLU F 168 50.40 38.02 23.61
C GLU F 168 50.06 37.47 22.23
N GLU F 169 49.66 36.21 22.14
CA GLU F 169 49.48 35.56 20.85
C GLU F 169 48.24 34.66 20.89
N LEU F 170 47.41 34.78 19.85
CA LEU F 170 46.23 33.94 19.68
C LEU F 170 46.45 33.01 18.50
N ARG F 171 46.17 31.73 18.70
CA ARG F 171 46.50 30.69 17.74
C ARG F 171 45.26 29.87 17.43
N THR F 172 45.09 29.55 16.14
CA THR F 172 44.02 28.67 15.68
C THR F 172 44.64 27.42 15.07
N VAL F 173 44.12 26.26 15.46
CA VAL F 173 44.66 24.96 15.07
C VAL F 173 43.54 24.11 14.49
N ALA F 174 43.80 23.47 13.36
CA ALA F 174 42.85 22.55 12.75
C ALA F 174 43.58 21.29 12.31
N THR F 175 42.89 20.16 12.38
CA THR F 175 43.48 18.88 12.03
C THR F 175 42.37 17.91 11.63
N ASP F 176 42.57 17.20 10.53
CA ASP F 176 41.64 16.17 10.08
C ASP F 176 42.19 14.76 10.24
N GLY F 177 43.35 14.61 10.88
CA GLY F 177 44.02 13.34 11.02
C GLY F 177 45.15 13.12 10.04
N HIS F 178 45.19 13.89 8.94
CA HIS F 178 46.28 13.80 8.00
C HIS F 178 46.90 15.18 7.76
N ARG F 179 46.07 16.21 7.77
CA ARG F 179 46.51 17.59 7.60
C ARG F 179 46.51 18.30 8.95
N LEU F 180 47.38 19.30 9.07
CA LEU F 180 47.35 20.19 10.22
C LEU F 180 47.58 21.62 9.74
N ALA F 181 46.86 22.56 10.34
CA ALA F 181 47.02 23.97 10.02
C ALA F 181 47.07 24.76 11.32
N VAL F 182 48.08 25.63 11.43
CA VAL F 182 48.24 26.51 12.59
C VAL F 182 48.40 27.93 12.07
N CYS F 183 47.62 28.85 12.63
CA CYS F 183 47.75 30.27 12.29
C CYS F 183 47.75 31.06 13.59
N SER F 184 48.85 31.76 13.86
CA SER F 184 49.09 32.42 15.14
C SER F 184 49.43 33.89 14.91
N MET F 185 48.76 34.78 15.63
CA MET F 185 48.96 36.20 15.42
C MET F 185 49.00 36.93 16.75
N PRO F 186 49.75 38.02 16.82
CA PRO F 186 49.73 38.87 18.02
C PRO F 186 48.40 39.60 18.15
N ILE F 187 48.08 39.97 19.38
CA ILE F 187 46.81 40.62 19.70
C ILE F 187 46.98 41.95 20.40
N GLY F 188 48.19 42.32 20.80
CA GLY F 188 48.42 43.57 21.50
C GLY F 188 48.17 43.51 22.99
N GLN F 189 47.84 42.36 23.55
CA GLN F 189 47.61 42.22 24.98
C GLN F 189 48.02 40.83 25.41
N SER F 190 48.33 40.69 26.70
CA SER F 190 48.78 39.43 27.27
C SER F 190 47.62 38.70 27.92
N LEU F 191 47.56 37.38 27.70
CA LEU F 191 46.48 36.54 28.19
C LEU F 191 47.04 35.32 28.89
N PRO F 192 46.30 34.77 29.86
CA PRO F 192 46.67 33.46 30.40
C PRO F 192 46.59 32.39 29.30
N SER F 193 47.50 31.43 29.37
CA SER F 193 47.51 30.37 28.38
C SER F 193 46.25 29.52 28.51
N HIS F 194 45.56 29.31 27.40
CA HIS F 194 44.31 28.55 27.43
C HIS F 194 44.15 27.76 26.14
N SER F 195 43.59 26.57 26.25
CA SER F 195 43.31 25.68 25.13
C SER F 195 41.82 25.37 25.12
N VAL F 196 41.11 25.83 24.09
CA VAL F 196 39.66 25.71 24.06
C VAL F 196 39.22 25.22 22.68
N ILE F 197 38.39 24.19 22.66
CA ILE F 197 37.89 23.60 21.42
C ILE F 197 36.52 24.19 21.11
N VAL F 198 36.35 24.64 19.88
CA VAL F 198 35.12 25.27 19.41
C VAL F 198 34.51 24.38 18.34
N PRO F 199 33.22 24.06 18.41
CA PRO F 199 32.63 23.14 17.43
C PRO F 199 32.55 23.75 16.04
N ARG F 200 32.15 22.92 15.09
CA ARG F 200 32.03 23.36 13.70
C ARG F 200 30.97 24.43 13.55
N LYS F 201 29.81 24.25 14.19
CA LYS F 201 28.76 25.26 14.13
C LYS F 201 29.23 26.56 14.75
N GLY F 202 29.98 26.48 15.85
CA GLY F 202 30.48 27.68 16.49
C GLY F 202 31.38 28.49 15.58
N VAL F 203 32.35 27.83 14.93
CA VAL F 203 33.25 28.55 14.04
C VAL F 203 32.51 29.04 12.79
N ILE F 204 31.51 28.29 12.33
CA ILE F 204 30.72 28.73 11.18
C ILE F 204 30.01 30.04 11.51
N GLU F 205 29.38 30.10 12.68
CA GLU F 205 28.67 31.33 13.04
C GLU F 205 29.64 32.46 13.42
N LEU F 206 30.82 32.13 13.93
CA LEU F 206 31.84 33.15 14.14
C LEU F 206 32.25 33.78 12.82
N MET F 207 32.43 32.95 11.79
CA MET F 207 32.83 33.48 10.49
C MET F 207 31.71 34.26 9.82
N ARG F 208 30.47 33.79 9.97
CA ARG F 208 29.35 34.45 9.28
C ARG F 208 29.10 35.85 9.82
N MET F 209 29.12 36.02 11.14
CA MET F 209 28.74 37.29 11.74
C MET F 209 29.79 38.37 11.58
N LEU F 210 30.99 38.04 11.10
CA LEU F 210 32.05 39.03 10.97
C LEU F 210 31.67 40.08 9.94
N ASP F 211 31.92 41.35 10.28
CA ASP F 211 31.60 42.48 9.42
C ASP F 211 32.88 43.10 8.88
N GLY F 212 32.74 43.79 7.75
CA GLY F 212 33.88 44.44 7.12
C GLY F 212 34.28 45.76 7.73
N GLY F 213 33.50 46.28 8.68
CA GLY F 213 33.84 47.53 9.33
C GLY F 213 34.69 47.32 10.57
N ASP F 214 35.15 48.45 11.13
CA ASP F 214 35.97 48.41 12.33
C ASP F 214 35.08 48.11 13.54
N ASN F 215 35.41 47.06 14.27
CA ASN F 215 34.60 46.63 15.39
C ASN F 215 35.44 45.79 16.35
N PRO F 216 35.53 46.18 17.62
CA PRO F 216 36.28 45.38 18.61
C PRO F 216 35.50 44.12 19.02
N LEU F 217 35.65 43.06 18.22
CA LEU F 217 35.06 41.78 18.54
C LEU F 217 35.50 41.34 19.93
N ARG F 218 34.54 41.22 20.83
CA ARG F 218 34.81 40.97 22.25
C ARG F 218 34.49 39.51 22.56
N VAL F 219 35.53 38.71 22.71
CA VAL F 219 35.40 37.28 22.95
C VAL F 219 35.52 37.02 24.45
N GLN F 220 34.73 36.08 24.95
CA GLN F 220 34.68 35.74 26.37
C GLN F 220 34.59 34.24 26.50
N ILE F 221 35.61 33.62 27.09
CA ILE F 221 35.72 32.17 27.15
C ILE F 221 35.67 31.72 28.60
N GLY F 222 34.82 30.74 28.90
CA GLY F 222 34.74 30.14 30.20
C GLY F 222 35.28 28.72 30.20
N SER F 223 34.87 27.96 31.22
CA SER F 223 35.31 26.57 31.33
C SER F 223 34.73 25.71 30.21
N ASN F 224 33.43 25.88 29.92
CA ASN F 224 32.79 25.07 28.90
C ASN F 224 31.84 25.90 28.04
N ASN F 225 32.15 27.17 27.82
CA ASN F 225 31.31 28.02 27.00
C ASN F 225 32.15 29.09 26.33
N ILE F 226 31.66 29.59 25.19
CA ILE F 226 32.30 30.67 24.46
C ILE F 226 31.23 31.68 24.09
N ARG F 227 31.61 32.96 24.10
CA ARG F 227 30.71 34.03 23.71
C ARG F 227 31.49 35.06 22.91
N ALA F 228 30.81 35.71 21.97
CA ALA F 228 31.44 36.71 21.12
C ALA F 228 30.47 37.87 20.90
N HIS F 229 30.99 39.09 21.03
CA HIS F 229 30.22 40.31 20.83
C HIS F 229 30.74 41.01 19.58
N VAL F 230 29.85 41.23 18.62
CA VAL F 230 30.13 41.98 17.40
C VAL F 230 29.06 43.05 17.32
N GLY F 231 29.38 44.26 17.78
CA GLY F 231 28.40 45.33 17.81
C GLY F 231 27.24 45.00 18.73
N ASP F 232 26.07 44.72 18.14
CA ASP F 232 24.89 44.35 18.90
C ASP F 232 24.55 42.87 18.77
N PHE F 233 25.49 42.07 18.25
CA PHE F 233 25.27 40.65 18.03
C PHE F 233 26.10 39.86 19.04
N ILE F 234 25.42 39.08 19.88
CA ILE F 234 26.06 38.32 20.94
C ILE F 234 25.79 36.85 20.67
N PHE F 235 26.84 36.10 20.39
CA PHE F 235 26.72 34.70 19.97
C PHE F 235 27.46 33.83 20.97
N THR F 236 26.76 32.89 21.61
CA THR F 236 27.38 32.01 22.57
C THR F 236 27.11 30.56 22.19
N SER F 237 28.04 29.69 22.59
CA SER F 237 28.00 28.28 22.24
C SER F 237 28.72 27.47 23.31
N LYS F 238 28.47 26.16 23.30
CA LYS F 238 29.18 25.24 24.16
C LYS F 238 30.57 24.95 23.59
N LEU F 239 31.37 24.22 24.35
CA LEU F 239 32.70 23.81 23.92
C LEU F 239 32.74 22.29 23.76
N VAL F 240 33.51 21.84 22.77
CA VAL F 240 33.61 20.42 22.48
C VAL F 240 34.50 19.79 23.55
N ASP F 241 33.91 18.96 24.41
CA ASP F 241 34.68 18.25 25.42
C ASP F 241 35.60 17.25 24.76
N GLY F 242 36.85 17.21 25.19
CA GLY F 242 37.81 16.28 24.63
C GLY F 242 39.22 16.76 24.88
N ARG F 243 40.16 16.12 24.17
CA ARG F 243 41.58 16.43 24.27
C ARG F 243 42.13 16.55 22.86
N PHE F 244 42.27 17.77 22.37
CA PHE F 244 42.84 17.97 21.04
C PHE F 244 44.31 17.56 21.04
N PRO F 245 44.76 16.86 20.01
CA PRO F 245 46.16 16.39 19.99
C PRO F 245 47.13 17.56 19.95
N ASP F 246 48.32 17.33 20.51
CA ASP F 246 49.35 18.35 20.57
C ASP F 246 49.86 18.65 19.17
N TYR F 247 49.68 19.89 18.72
CA TYR F 247 50.13 20.27 17.39
C TYR F 247 51.64 20.42 17.30
N ARG F 248 52.33 20.54 18.43
CA ARG F 248 53.76 20.83 18.43
C ARG F 248 54.61 19.61 18.09
N ARG F 249 54.03 18.42 17.98
CA ARG F 249 54.78 17.21 17.73
C ARG F 249 54.84 16.87 16.24
N VAL F 250 53.67 16.75 15.59
CA VAL F 250 53.62 16.26 14.22
C VAL F 250 54.29 17.24 13.27
N LEU F 251 54.34 18.51 13.63
CA LEU F 251 54.97 19.49 12.76
C LEU F 251 56.45 19.17 12.60
N PRO F 252 57.05 19.45 11.46
CA PRO F 252 58.48 19.19 11.29
C PRO F 252 59.30 20.13 12.17
N LYS F 253 59.46 19.76 13.43
CA LYS F 253 60.12 20.62 14.41
C LYS F 253 61.55 20.94 13.97
N ASN F 254 62.28 19.92 13.53
CA ASN F 254 63.68 20.08 13.11
C ASN F 254 63.82 19.54 11.69
N PRO F 255 63.45 20.32 10.67
CA PRO F 255 63.59 19.85 9.29
C PRO F 255 65.00 20.01 8.77
N ASP F 256 65.35 19.31 7.69
CA ASP F 256 66.64 19.54 7.05
C ASP F 256 66.50 20.04 5.62
N LYS F 257 65.88 19.23 4.75
CA LYS F 257 65.75 19.56 3.35
C LYS F 257 64.53 20.44 3.12
N HIS F 258 64.71 21.51 2.35
CA HIS F 258 63.61 22.44 2.12
C HIS F 258 63.70 23.02 0.73
N LEU F 259 62.56 23.51 0.26
CA LEU F 259 62.38 24.05 -1.07
C LEU F 259 61.81 25.46 -0.97
N GLU F 260 62.21 26.32 -1.90
CA GLU F 260 61.65 27.65 -2.04
C GLU F 260 61.05 27.77 -3.43
N ALA F 261 59.84 28.32 -3.53
CA ALA F 261 59.20 28.44 -4.83
C ALA F 261 58.18 29.57 -4.79
N GLY F 262 57.57 29.83 -5.93
CA GLY F 262 56.45 30.76 -6.04
C GLY F 262 55.14 30.01 -5.93
N CYS F 263 54.20 30.60 -5.18
CA CYS F 263 52.93 29.93 -4.92
C CYS F 263 52.15 29.71 -6.20
N ASP F 264 52.10 30.71 -7.09
CA ASP F 264 51.34 30.57 -8.33
C ASP F 264 51.90 29.46 -9.21
N LEU F 265 53.22 29.40 -9.33
CA LEU F 265 53.84 28.36 -10.16
C LEU F 265 53.53 26.97 -9.63
N LEU F 266 53.65 26.78 -8.32
CA LEU F 266 53.34 25.49 -7.72
C LEU F 266 51.87 25.14 -7.86
N LYS F 267 50.99 26.13 -7.70
CA LYS F 267 49.56 25.88 -7.90
C LYS F 267 49.28 25.41 -9.32
N GLN F 268 49.85 26.10 -10.32
CA GLN F 268 49.63 25.71 -11.71
C GLN F 268 50.20 24.33 -11.99
N ALA F 269 51.40 24.04 -11.48
CA ALA F 269 52.01 22.74 -11.73
C ALA F 269 51.21 21.61 -11.07
N PHE F 270 50.74 21.83 -9.84
CA PHE F 270 49.95 20.81 -9.16
C PHE F 270 48.62 20.58 -9.88
N ALA F 271 47.99 21.65 -10.35
CA ALA F 271 46.76 21.49 -11.13
C ALA F 271 47.03 20.73 -12.42
N ARG F 272 48.14 21.02 -13.09
CA ARG F 272 48.49 20.30 -14.31
C ARG F 272 48.72 18.83 -14.04
N ALA F 273 49.42 18.50 -12.96
CA ALA F 273 49.69 17.11 -12.63
C ALA F 273 48.47 16.40 -12.07
N ALA F 274 47.45 17.14 -11.63
CA ALA F 274 46.24 16.51 -11.12
C ALA F 274 45.56 15.66 -12.18
N ILE F 275 45.57 16.11 -13.43
CA ILE F 275 44.98 15.34 -14.51
C ILE F 275 45.76 14.08 -14.83
N LEU F 276 46.98 13.95 -14.30
CA LEU F 276 47.81 12.78 -14.50
C LEU F 276 47.61 11.71 -13.44
N SER F 277 46.62 11.89 -12.55
CA SER F 277 46.37 10.97 -11.45
C SER F 277 45.02 10.32 -11.63
N ASN F 278 44.97 9.00 -11.47
CA ASN F 278 43.71 8.28 -11.49
C ASN F 278 42.87 8.65 -10.27
N GLU F 279 41.55 8.53 -10.42
CA GLU F 279 40.66 8.87 -9.31
C GLU F 279 40.92 7.96 -8.11
N LYS F 280 41.07 6.66 -8.35
CA LYS F 280 41.57 5.78 -7.31
C LYS F 280 43.08 5.98 -7.16
N PHE F 281 43.55 5.93 -5.91
CA PHE F 281 44.94 6.27 -5.60
C PHE F 281 45.27 7.67 -6.11
N ARG F 282 44.35 8.60 -5.89
CA ARG F 282 44.51 9.96 -6.40
C ARG F 282 45.59 10.68 -5.61
N GLY F 283 46.83 10.62 -6.10
CA GLY F 283 47.95 11.25 -5.43
C GLY F 283 49.02 11.59 -6.44
N VAL F 284 50.06 12.28 -5.94
CA VAL F 284 51.17 12.72 -6.76
C VAL F 284 52.46 12.28 -6.09
N ARG F 285 53.54 12.25 -6.88
CA ARG F 285 54.86 11.92 -6.40
C ARG F 285 55.80 13.05 -6.77
N LEU F 286 56.42 13.66 -5.77
CA LEU F 286 57.40 14.71 -5.95
C LEU F 286 58.79 14.11 -5.83
N TYR F 287 59.55 14.17 -6.91
CA TYR F 287 60.93 13.67 -6.94
C TYR F 287 61.83 14.90 -7.01
N VAL F 288 62.60 15.12 -5.94
CA VAL F 288 63.35 16.35 -5.74
C VAL F 288 64.84 16.03 -5.67
N SER F 289 65.62 16.77 -6.46
CA SER F 289 67.08 16.75 -6.42
C SER F 289 67.59 18.17 -6.29
N GLU F 290 68.91 18.36 -6.40
CA GLU F 290 69.51 19.67 -6.20
C GLU F 290 68.95 20.69 -7.18
N ASN F 291 68.16 21.64 -6.66
CA ASN F 291 67.49 22.66 -7.48
C ASN F 291 66.65 22.03 -8.58
N GLN F 292 66.06 20.87 -8.28
CA GLN F 292 65.29 20.12 -9.27
C GLN F 292 64.09 19.48 -8.59
N LEU F 293 62.97 19.42 -9.29
CA LEU F 293 61.77 18.78 -8.73
C LEU F 293 60.81 18.47 -9.88
N LYS F 294 60.40 17.21 -9.99
CA LYS F 294 59.38 16.81 -10.93
C LYS F 294 58.18 16.25 -10.17
N ILE F 295 57.00 16.43 -10.74
CA ILE F 295 55.76 15.95 -10.12
C ILE F 295 55.11 14.97 -11.10
N THR F 296 54.94 13.74 -10.66
CA THR F 296 54.26 12.72 -11.44
C THR F 296 53.04 12.23 -10.67
N ALA F 297 52.33 11.27 -11.25
CA ALA F 297 51.19 10.67 -10.58
C ALA F 297 50.98 9.29 -11.16
N ASN F 298 50.59 8.36 -10.29
CA ASN F 298 50.33 6.99 -10.73
C ASN F 298 49.06 6.97 -11.56
N ASN F 299 49.16 6.38 -12.75
CA ASN F 299 48.06 6.36 -13.71
C ASN F 299 48.37 5.36 -14.80
N PRO F 300 47.37 4.66 -15.35
CA PRO F 300 47.64 3.76 -16.49
C PRO F 300 48.23 4.47 -17.69
N GLU F 301 47.94 5.77 -17.86
CA GLU F 301 48.48 6.51 -19.00
C GLU F 301 49.98 6.74 -18.90
N GLN F 302 50.53 6.76 -17.68
CA GLN F 302 51.97 6.93 -17.45
C GLN F 302 52.48 8.25 -18.02
N GLU F 303 52.00 9.34 -17.44
CA GLU F 303 52.41 10.69 -17.80
C GLU F 303 53.32 11.27 -16.73
N GLU F 304 53.69 12.54 -16.90
CA GLU F 304 54.71 13.17 -16.08
C GLU F 304 54.58 14.68 -16.19
N ALA F 305 55.00 15.41 -15.16
CA ALA F 305 55.14 16.86 -15.21
C ALA F 305 56.55 17.21 -14.74
N GLU F 306 57.24 18.01 -15.54
CA GLU F 306 58.70 18.10 -15.48
C GLU F 306 59.11 19.57 -15.59
N GLU F 307 59.36 20.20 -14.44
CA GLU F 307 59.79 21.60 -14.38
C GLU F 307 60.89 21.76 -13.32
N ILE F 308 61.88 20.87 -13.36
CA ILE F 308 62.81 20.73 -12.24
C ILE F 308 63.53 22.04 -11.94
N LEU F 309 63.92 22.79 -12.96
CA LEU F 309 64.82 23.92 -12.80
C LEU F 309 64.14 25.18 -12.24
N ASP F 310 62.95 25.05 -11.66
CA ASP F 310 62.22 26.19 -11.13
C ASP F 310 62.06 26.12 -9.61
N VAL F 311 63.03 25.52 -8.92
CA VAL F 311 62.94 25.36 -7.47
C VAL F 311 64.34 25.42 -6.88
N THR F 312 64.42 25.84 -5.62
CA THR F 312 65.67 25.93 -4.88
C THR F 312 65.76 24.77 -3.90
N TYR F 313 66.92 24.11 -3.85
CA TYR F 313 67.10 22.96 -2.98
C TYR F 313 68.54 22.85 -2.55
N SER F 314 68.77 22.45 -1.30
CA SER F 314 70.11 22.40 -0.72
C SER F 314 70.31 21.09 0.03
N GLY F 315 69.96 19.97 -0.61
CA GLY F 315 70.09 18.67 0.03
C GLY F 315 70.47 17.54 -0.89
N ALA F 316 69.77 16.42 -0.78
CA ALA F 316 70.04 15.22 -1.57
C ALA F 316 68.74 14.71 -2.19
N GLU F 317 68.86 13.61 -2.93
CA GLU F 317 67.74 13.08 -3.71
C GLU F 317 66.66 12.51 -2.79
N MET F 318 65.41 12.89 -3.06
CA MET F 318 64.27 12.34 -2.33
C MET F 318 63.11 12.12 -3.30
N GLU F 319 62.22 11.20 -2.93
CA GLU F 319 60.99 10.96 -3.67
C GLU F 319 59.88 10.71 -2.65
N ILE F 320 58.88 11.59 -2.63
CA ILE F 320 57.86 11.60 -1.59
C ILE F 320 56.49 11.73 -2.23
N GLY F 321 55.53 10.92 -1.77
CA GLY F 321 54.19 10.92 -2.32
C GLY F 321 53.22 11.70 -1.44
N PHE F 322 52.43 12.55 -2.09
CA PHE F 322 51.44 13.39 -1.45
C PHE F 322 50.06 13.12 -2.05
N ASN F 323 49.04 13.65 -1.39
CA ASN F 323 47.68 13.67 -1.92
C ASN F 323 47.45 15.02 -2.59
N VAL F 324 46.96 14.99 -3.83
CA VAL F 324 46.85 16.22 -4.61
C VAL F 324 45.84 17.18 -3.98
N SER F 325 44.75 16.65 -3.42
CA SER F 325 43.72 17.52 -2.87
C SER F 325 44.25 18.32 -1.69
N TYR F 326 45.00 17.67 -0.79
CA TYR F 326 45.50 18.36 0.40
C TYR F 326 46.45 19.49 0.03
N VAL F 327 47.40 19.20 -0.86
CA VAL F 327 48.38 20.22 -1.24
C VAL F 327 47.72 21.34 -2.02
N LEU F 328 46.77 21.00 -2.90
CA LEU F 328 46.04 22.04 -3.60
C LEU F 328 45.30 22.95 -2.64
N ASP F 329 44.62 22.36 -1.65
CA ASP F 329 43.88 23.17 -0.69
C ASP F 329 44.80 24.07 0.12
N VAL F 330 45.93 23.53 0.59
CA VAL F 330 46.81 24.35 1.43
C VAL F 330 47.44 25.47 0.60
N LEU F 331 47.86 25.17 -0.62
CA LEU F 331 48.43 26.21 -1.48
C LEU F 331 47.40 27.29 -1.78
N ASN F 332 46.17 26.89 -2.09
CA ASN F 332 45.14 27.89 -2.38
C ASN F 332 44.82 28.75 -1.16
N ALA F 333 44.76 28.13 0.02
CA ALA F 333 44.44 28.88 1.23
C ALA F 333 45.60 29.73 1.71
N LEU F 334 46.83 29.42 1.30
CA LEU F 334 47.98 30.21 1.74
C LEU F 334 47.95 31.60 1.13
N LYS F 335 47.73 31.69 -0.18
CA LYS F 335 47.47 32.92 -0.94
C LYS F 335 48.67 33.85 -1.03
N CYS F 336 49.80 33.54 -0.40
CA CYS F 336 50.97 34.40 -0.47
C CYS F 336 51.66 34.18 -1.82
N GLU F 337 52.86 34.74 -1.98
CA GLU F 337 53.60 34.66 -3.23
C GLU F 337 54.81 33.75 -3.16
N ASN F 338 55.58 33.81 -2.09
CA ASN F 338 56.75 32.95 -1.90
C ASN F 338 56.39 31.88 -0.87
N VAL F 339 56.65 30.63 -1.22
CA VAL F 339 56.31 29.49 -0.37
C VAL F 339 57.59 28.71 -0.05
N ARG F 340 57.77 28.42 1.23
CA ARG F 340 58.80 27.53 1.72
C ARG F 340 58.18 26.18 2.07
N MET F 341 58.93 25.11 1.83
CA MET F 341 58.41 23.76 2.07
C MET F 341 59.53 22.90 2.64
N MET F 342 59.44 22.60 3.93
CA MET F 342 60.46 21.82 4.63
C MET F 342 60.17 20.33 4.49
N LEU F 343 61.18 19.57 4.08
CA LEU F 343 61.09 18.14 3.82
C LEU F 343 61.97 17.43 4.85
N THR F 344 61.40 17.11 6.01
CA THR F 344 62.18 16.47 7.06
C THR F 344 62.67 15.09 6.64
N ASP F 345 61.77 14.27 6.11
CA ASP F 345 62.10 12.90 5.73
C ASP F 345 61.09 12.41 4.71
N SER F 346 61.44 11.31 4.05
CA SER F 346 60.52 10.71 3.08
C SER F 346 59.36 9.99 3.75
N VAL F 347 59.48 9.68 5.04
CA VAL F 347 58.43 8.99 5.77
C VAL F 347 57.97 9.81 6.98
N SER F 348 58.27 11.11 6.99
CA SER F 348 57.88 12.01 8.06
C SER F 348 57.09 13.18 7.50
N SER F 349 56.57 14.00 8.40
CA SER F 349 55.71 15.10 8.02
C SER F 349 56.46 16.14 7.20
N VAL F 350 55.72 16.86 6.35
CA VAL F 350 56.29 17.87 5.46
C VAL F 350 55.58 19.19 5.74
N GLN F 351 56.36 20.26 5.92
CA GLN F 351 55.81 21.55 6.30
C GLN F 351 55.71 22.48 5.11
N ILE F 352 54.60 23.20 5.01
CA ILE F 352 54.39 24.24 4.01
C ILE F 352 54.14 25.55 4.75
N GLU F 353 54.87 26.59 4.38
CA GLU F 353 54.89 27.82 5.16
C GLU F 353 55.10 29.00 4.23
N ASP F 354 54.71 30.18 4.72
CA ASP F 354 54.92 31.42 3.99
C ASP F 354 56.40 31.77 4.03
N ALA F 355 57.05 31.73 2.86
CA ALA F 355 58.49 32.01 2.80
C ALA F 355 58.83 33.45 3.13
N ALA F 356 57.85 34.35 3.12
CA ALA F 356 58.08 35.76 3.38
C ALA F 356 57.49 36.24 4.69
N SER F 357 56.97 35.33 5.52
CA SER F 357 56.35 35.71 6.78
C SER F 357 56.39 34.50 7.71
N GLN F 358 55.71 34.61 8.86
CA GLN F 358 55.60 33.50 9.80
C GLN F 358 54.21 33.40 10.41
N SER F 359 53.19 33.98 9.76
CA SER F 359 51.86 34.00 10.33
C SER F 359 51.15 32.66 10.24
N ALA F 360 51.48 31.84 9.24
CA ALA F 360 50.79 30.59 9.00
C ALA F 360 51.79 29.43 8.94
N ALA F 361 51.28 28.23 9.16
CA ALA F 361 52.08 27.02 9.04
C ALA F 361 51.15 25.85 8.75
N TYR F 362 51.59 24.92 7.93
CA TYR F 362 50.78 23.77 7.57
C TYR F 362 51.65 22.53 7.55
N VAL F 363 51.07 21.40 7.95
CA VAL F 363 51.77 20.12 8.02
C VAL F 363 50.96 19.10 7.23
N VAL F 364 51.63 18.43 6.30
CA VAL F 364 51.01 17.42 5.43
C VAL F 364 51.78 16.12 5.60
N MET F 365 51.04 15.02 5.81
CA MET F 365 51.65 13.71 5.98
C MET F 365 51.72 13.00 4.64
N PRO F 366 52.91 12.65 4.15
CA PRO F 366 53.00 11.87 2.91
C PRO F 366 52.34 10.51 3.05
N MET F 367 51.83 10.00 1.94
CA MET F 367 51.05 8.76 1.93
C MET F 367 51.83 7.66 1.21
N ARG F 368 52.65 6.93 1.97
CA ARG F 368 53.30 5.70 1.53
C ARG F 368 53.94 5.85 0.15
N LEU F 369 54.91 6.76 0.08
CA LEU F 369 55.65 7.04 -1.17
C LEU F 369 54.72 7.47 -2.31
N GLY G 1 23.13 0.00 -53.26
CA GLY G 1 24.48 -0.02 -52.72
C GLY G 1 24.60 0.68 -51.39
N PRO G 2 25.46 0.16 -50.51
CA PRO G 2 25.63 0.77 -49.18
C PRO G 2 26.40 2.08 -49.27
N HIS G 3 25.72 3.16 -49.65
CA HIS G 3 26.42 4.43 -49.88
C HIS G 3 26.64 5.19 -48.58
N MET G 4 25.55 5.68 -47.97
CA MET G 4 25.53 6.33 -46.66
C MET G 4 26.76 7.16 -46.35
N LYS G 5 27.08 8.15 -47.18
CA LYS G 5 28.25 9.00 -46.95
C LYS G 5 27.81 10.24 -46.17
N PHE G 6 28.09 10.25 -44.87
CA PHE G 6 27.82 11.40 -44.03
C PHE G 6 29.12 12.13 -43.75
N THR G 7 29.18 13.41 -44.10
CA THR G 7 30.39 14.23 -43.93
C THR G 7 29.99 15.50 -43.20
N VAL G 8 30.11 15.49 -41.87
CA VAL G 8 29.66 16.59 -41.04
C VAL G 8 30.81 17.00 -40.12
N GLU G 9 30.68 18.21 -39.56
CA GLU G 9 31.62 18.68 -38.55
C GLU G 9 30.98 18.55 -37.17
N ARG G 10 31.79 18.15 -36.19
CA ARG G 10 31.25 17.69 -34.91
C ARG G 10 30.54 18.82 -34.16
N GLU G 11 31.19 19.98 -34.01
CA GLU G 11 30.65 21.03 -33.16
C GLU G 11 29.32 21.57 -33.67
N HIS G 12 29.01 21.38 -34.95
CA HIS G 12 27.75 21.85 -35.49
C HIS G 12 26.60 20.87 -35.27
N LEU G 13 26.88 19.71 -34.67
CA LEU G 13 25.83 18.73 -34.41
C LEU G 13 25.68 18.35 -32.95
N LEU G 14 26.65 18.67 -32.08
CA LEU G 14 26.57 18.22 -30.70
C LEU G 14 25.36 18.81 -29.99
N LYS G 15 25.12 20.12 -30.17
CA LYS G 15 23.93 20.71 -29.58
C LYS G 15 22.64 20.18 -30.20
N PRO G 16 22.50 20.11 -31.53
CA PRO G 16 21.30 19.44 -32.07
C PRO G 16 21.15 18.00 -31.61
N LEU G 17 22.24 17.23 -31.60
CA LEU G 17 22.16 15.83 -31.18
C LEU G 17 21.68 15.71 -29.74
N GLN G 18 22.21 16.55 -28.85
CA GLN G 18 21.71 16.57 -27.48
C GLN G 18 20.26 17.00 -27.43
N GLN G 19 19.87 17.94 -28.31
CA GLN G 19 18.48 18.40 -28.33
C GLN G 19 17.54 17.27 -28.75
N VAL G 20 17.83 16.63 -29.88
CA VAL G 20 16.94 15.57 -30.38
C VAL G 20 17.01 14.34 -29.50
N SER G 21 18.16 14.09 -28.86
CA SER G 21 18.24 12.97 -27.93
C SER G 21 17.25 13.15 -26.79
N GLY G 22 17.46 14.19 -25.97
CA GLY G 22 16.55 14.51 -24.90
C GLY G 22 16.21 13.30 -24.05
N PRO G 23 14.96 12.84 -24.14
CA PRO G 23 14.61 11.53 -23.59
C PRO G 23 15.09 10.39 -24.49
N LEU G 24 16.39 10.36 -24.74
CA LEU G 24 16.99 9.34 -25.60
C LEU G 24 16.87 7.97 -24.93
N GLY G 25 17.39 6.95 -25.63
CA GLY G 25 17.16 5.59 -25.18
C GLY G 25 17.64 5.29 -23.78
N GLY G 26 16.70 5.23 -22.85
CA GLY G 26 16.96 4.80 -21.49
C GLY G 26 15.84 3.88 -21.05
N ARG G 27 14.79 3.84 -21.87
CA ARG G 27 13.63 3.00 -21.61
C ARG G 27 13.77 1.71 -22.38
N PRO G 28 13.77 0.55 -21.72
CA PRO G 28 13.93 -0.72 -22.43
C PRO G 28 12.65 -1.17 -23.13
N THR G 29 11.70 -0.25 -23.31
CA THR G 29 10.40 -0.61 -23.88
C THR G 29 10.56 -1.28 -25.24
N LEU G 30 11.36 -0.69 -26.13
CA LEU G 30 11.58 -1.27 -27.44
C LEU G 30 13.02 -1.00 -27.87
N PRO G 31 13.72 -2.01 -28.41
CA PRO G 31 15.09 -1.75 -28.89
C PRO G 31 15.16 -0.68 -29.96
N ILE G 32 14.18 -0.65 -30.87
CA ILE G 32 14.16 0.39 -31.90
C ILE G 32 13.86 1.75 -31.29
N LEU G 33 13.12 1.77 -30.18
CA LEU G 33 12.79 3.05 -29.54
C LEU G 33 14.04 3.77 -29.07
N GLY G 34 14.99 3.03 -28.49
CA GLY G 34 16.24 3.63 -28.06
C GLY G 34 17.23 3.81 -29.19
N ASN G 35 16.82 4.53 -30.23
CA ASN G 35 17.64 4.71 -31.41
C ASN G 35 17.35 6.07 -32.03
N LEU G 36 18.28 6.53 -32.85
CA LEU G 36 18.17 7.79 -33.59
C LEU G 36 18.36 7.51 -35.06
N LEU G 37 17.51 8.12 -35.88
CA LEU G 37 17.51 7.90 -37.33
C LEU G 37 18.30 9.01 -38.01
N LEU G 38 19.25 8.62 -38.86
CA LEU G 38 19.99 9.56 -39.70
C LEU G 38 19.43 9.46 -41.12
N GLN G 39 19.01 10.60 -41.67
CA GLN G 39 18.45 10.67 -43.01
C GLN G 39 19.15 11.78 -43.78
N VAL G 40 19.26 11.62 -45.09
CA VAL G 40 19.86 12.63 -45.95
C VAL G 40 18.81 13.08 -46.97
N ALA G 41 18.53 14.39 -46.99
CA ALA G 41 17.58 14.95 -47.94
C ALA G 41 17.70 16.45 -47.95
N ASP G 42 17.40 17.05 -49.09
CA ASP G 42 17.45 18.51 -49.27
C ASP G 42 18.83 19.08 -48.96
N GLY G 43 19.87 18.30 -49.22
CA GLY G 43 21.23 18.70 -48.90
C GLY G 43 21.52 18.81 -47.43
N THR G 44 20.68 18.22 -46.57
CA THR G 44 20.83 18.33 -45.14
C THR G 44 20.64 16.97 -44.49
N LEU G 45 21.19 16.83 -43.29
CA LEU G 45 21.11 15.62 -42.50
C LEU G 45 20.04 15.80 -41.44
N SER G 46 19.05 14.92 -41.43
CA SER G 46 17.97 14.92 -40.46
C SER G 46 18.27 13.89 -39.38
N LEU G 47 18.33 14.34 -38.14
CA LEU G 47 18.51 13.49 -36.96
C LEU G 47 17.16 13.40 -36.27
N THR G 48 16.60 12.19 -36.23
CA THR G 48 15.24 11.97 -35.74
C THR G 48 15.26 11.09 -34.50
N GLY G 49 14.60 11.56 -33.44
CA GLY G 49 14.43 10.78 -32.23
C GLY G 49 12.98 10.74 -31.79
N THR G 50 12.44 9.53 -31.62
CA THR G 50 11.03 9.37 -31.30
C THR G 50 10.83 8.19 -30.37
N ASP G 51 9.95 8.36 -29.39
CA ASP G 51 9.55 7.31 -28.46
C ASP G 51 8.07 6.99 -28.63
N LEU G 52 7.61 6.95 -29.88
CA LEU G 52 6.25 6.59 -30.27
C LEU G 52 5.22 7.62 -29.85
N GLU G 53 5.63 8.64 -29.09
CA GLU G 53 4.75 9.74 -28.72
C GLU G 53 5.28 11.09 -29.20
N MET G 54 6.51 11.42 -28.87
CA MET G 54 7.12 12.70 -29.22
C MET G 54 8.24 12.47 -30.22
N GLU G 55 8.24 13.25 -31.29
CA GLU G 55 9.26 13.15 -32.34
C GLU G 55 10.03 14.45 -32.43
N MET G 56 11.35 14.37 -32.49
CA MET G 56 12.18 15.56 -32.61
C MET G 56 13.20 15.35 -33.71
N VAL G 57 13.30 16.32 -34.62
CA VAL G 57 14.16 16.23 -35.79
C VAL G 57 15.03 17.48 -35.86
N ALA G 58 16.33 17.28 -36.04
CA ALA G 58 17.28 18.36 -36.28
C ALA G 58 17.76 18.30 -37.72
N ARG G 59 17.68 19.42 -38.42
CA ARG G 59 18.08 19.52 -39.82
C ARG G 59 19.41 20.27 -39.87
N VAL G 60 20.51 19.51 -39.83
CA VAL G 60 21.84 20.10 -39.82
C VAL G 60 22.36 20.17 -41.25
N ALA G 61 22.94 21.32 -41.60
CA ALA G 61 23.46 21.51 -42.95
C ALA G 61 24.68 20.62 -43.18
N LEU G 62 24.78 20.06 -44.38
CA LEU G 62 25.89 19.21 -44.74
C LEU G 62 27.10 20.05 -45.13
N VAL G 63 28.25 19.39 -45.26
CA VAL G 63 29.51 20.04 -45.59
C VAL G 63 30.01 19.60 -46.97
N GLN G 64 30.24 18.31 -47.15
CA GLN G 64 30.79 17.74 -48.37
C GLN G 64 29.69 17.05 -49.17
N PRO G 65 29.99 16.62 -50.40
CA PRO G 65 29.00 15.83 -51.15
C PRO G 65 28.59 14.58 -50.39
N HIS G 66 27.31 14.23 -50.52
CA HIS G 66 26.67 13.21 -49.70
C HIS G 66 26.13 12.09 -50.57
N GLU G 67 25.43 11.16 -49.94
CA GLU G 67 24.73 10.07 -50.61
C GLU G 67 23.42 9.81 -49.88
N PRO G 68 22.28 10.05 -50.53
CA PRO G 68 21.00 10.03 -49.81
C PRO G 68 20.64 8.66 -49.28
N GLY G 69 19.87 8.65 -48.20
CA GLY G 69 19.42 7.43 -47.58
C GLY G 69 19.00 7.67 -46.14
N ALA G 70 18.90 6.58 -45.39
CA ALA G 70 18.47 6.64 -44.00
C ALA G 70 18.81 5.33 -43.29
N THR G 71 19.25 5.45 -42.05
CA THR G 71 19.59 4.28 -41.21
C THR G 71 19.55 4.73 -39.76
N THR G 72 19.18 3.82 -38.85
CA THR G 72 19.06 4.18 -37.44
C THR G 72 20.15 3.51 -36.61
N VAL G 73 20.62 4.23 -35.60
CA VAL G 73 21.79 3.83 -34.82
C VAL G 73 21.45 4.01 -33.35
N PRO G 74 22.18 3.33 -32.46
CA PRO G 74 21.98 3.57 -31.02
C PRO G 74 22.27 5.01 -30.65
N ALA G 75 21.30 5.64 -29.98
CA ALA G 75 21.40 7.09 -29.72
C ALA G 75 22.51 7.40 -28.72
N ARG G 76 22.58 6.62 -27.63
CA ARG G 76 23.58 6.91 -26.60
C ARG G 76 24.99 6.71 -27.13
N LYS G 77 25.21 5.69 -27.95
CA LYS G 77 26.54 5.45 -28.51
C LYS G 77 26.99 6.62 -29.38
N PHE G 78 26.09 7.11 -30.24
CA PHE G 78 26.43 8.26 -31.08
C PHE G 78 26.65 9.52 -30.23
N PHE G 79 25.84 9.69 -29.18
CA PHE G 79 26.00 10.86 -28.32
C PHE G 79 27.36 10.84 -27.63
N ASP G 80 27.78 9.68 -27.13
CA ASP G 80 29.05 9.56 -26.42
C ASP G 80 30.25 9.56 -27.36
N ILE G 81 30.07 9.14 -28.62
CA ILE G 81 31.20 9.02 -29.53
C ILE G 81 31.65 10.36 -30.09
N CYS G 82 30.80 11.40 -30.03
CA CYS G 82 31.16 12.71 -30.57
C CYS G 82 31.20 13.79 -29.50
N ARG G 83 30.97 13.45 -28.23
CA ARG G 83 31.04 14.43 -27.15
C ARG G 83 32.43 14.59 -26.56
N GLY G 84 33.35 13.67 -26.84
CA GLY G 84 34.67 13.71 -26.26
C GLY G 84 35.77 14.00 -27.25
N LEU G 85 35.44 14.09 -28.53
CA LEU G 85 36.43 14.38 -29.55
C LEU G 85 36.99 15.80 -29.35
N PRO G 86 38.30 15.98 -29.43
CA PRO G 86 38.89 17.28 -29.11
C PRO G 86 38.45 18.35 -30.09
N GLU G 87 37.75 19.36 -29.58
CA GLU G 87 37.26 20.48 -30.36
C GLU G 87 36.50 20.00 -31.60
N GLY G 88 36.90 20.48 -32.77
CA GLY G 88 36.27 20.04 -34.00
C GLY G 88 36.66 18.62 -34.38
N ALA G 89 35.86 18.04 -35.26
CA ALA G 89 36.11 16.69 -35.74
C ALA G 89 35.37 16.48 -37.05
N GLU G 90 36.06 15.92 -38.05
CA GLU G 90 35.46 15.63 -39.35
C GLU G 90 34.76 14.28 -39.27
N ILE G 91 33.52 14.30 -38.79
CA ILE G 91 32.74 13.07 -38.65
C ILE G 91 32.41 12.58 -40.05
N ALA G 92 32.99 11.43 -40.43
CA ALA G 92 32.68 10.76 -41.69
C ALA G 92 32.06 9.42 -41.36
N VAL G 93 30.78 9.27 -41.65
CA VAL G 93 30.02 8.06 -41.35
C VAL G 93 29.77 7.31 -42.64
N GLN G 94 30.05 6.01 -42.63
CA GLN G 94 29.94 5.14 -43.79
C GLN G 94 29.18 3.88 -43.41
N LEU G 95 28.50 3.28 -44.39
CA LEU G 95 27.73 2.06 -44.16
C LEU G 95 28.55 0.85 -44.60
N GLU G 96 28.62 -0.15 -43.73
CA GLU G 96 29.27 -1.44 -44.03
C GLU G 96 28.35 -2.52 -43.48
N GLY G 97 27.61 -3.18 -44.37
CA GLY G 97 26.68 -4.21 -43.96
C GLY G 97 25.56 -3.64 -43.11
N GLU G 98 25.60 -3.93 -41.81
CA GLU G 98 24.67 -3.37 -40.84
C GLU G 98 25.40 -2.50 -39.83
N ARG G 99 26.41 -1.76 -40.28
CA ARG G 99 27.31 -1.05 -39.41
C ARG G 99 27.54 0.38 -39.91
N MET G 100 27.60 1.33 -38.99
CA MET G 100 28.10 2.67 -39.27
C MET G 100 29.54 2.77 -38.78
N LEU G 101 30.44 3.15 -39.67
CA LEU G 101 31.82 3.44 -39.32
C LEU G 101 31.99 4.95 -39.28
N VAL G 102 32.40 5.45 -38.12
CA VAL G 102 32.63 6.88 -37.90
C VAL G 102 34.13 7.11 -37.84
N ARG G 103 34.63 7.95 -38.75
CA ARG G 103 36.05 8.25 -38.86
C ARG G 103 36.28 9.74 -38.72
N SER G 104 37.39 10.09 -38.06
CA SER G 104 37.86 11.47 -38.03
C SER G 104 39.36 11.42 -37.72
N GLY G 105 40.18 11.55 -38.76
CA GLY G 105 41.61 11.36 -38.58
C GLY G 105 41.90 9.94 -38.12
N ARG G 106 42.65 9.83 -37.03
CA ARG G 106 42.96 8.52 -36.44
C ARG G 106 41.95 8.15 -35.35
N SER G 107 40.66 8.18 -35.70
CA SER G 107 39.61 7.85 -34.74
C SER G 107 38.49 7.14 -35.51
N ARG G 108 38.54 5.82 -35.51
CA ARG G 108 37.58 4.99 -36.23
C ARG G 108 36.79 4.16 -35.22
N PHE G 109 35.46 4.27 -35.26
CA PHE G 109 34.59 3.58 -34.33
C PHE G 109 33.40 3.00 -35.08
N SER G 110 32.75 2.02 -34.46
CA SER G 110 31.69 1.26 -35.11
C SER G 110 30.42 1.30 -34.28
N LEU G 111 29.28 1.36 -34.97
CA LEU G 111 27.96 1.34 -34.33
C LEU G 111 27.06 0.42 -35.14
N SER G 112 26.61 -0.67 -34.54
CA SER G 112 25.68 -1.56 -35.22
C SER G 112 24.33 -0.88 -35.39
N THR G 113 23.73 -1.04 -36.56
CA THR G 113 22.58 -0.23 -36.97
C THR G 113 21.36 -1.10 -37.23
N LEU G 114 20.27 -0.43 -37.62
CA LEU G 114 19.05 -1.06 -38.09
C LEU G 114 18.55 -0.29 -39.30
N PRO G 115 17.85 -0.96 -40.21
CA PRO G 115 17.29 -0.26 -41.38
C PRO G 115 16.25 0.76 -40.96
N ALA G 116 16.15 1.83 -41.76
CA ALA G 116 15.23 2.91 -41.44
C ALA G 116 13.77 2.52 -41.64
N ALA G 117 13.51 1.43 -42.35
CA ALA G 117 12.13 1.00 -42.56
C ALA G 117 11.47 0.62 -41.23
N ASP G 118 12.25 0.11 -40.28
CA ASP G 118 11.68 -0.31 -39.00
C ASP G 118 11.34 0.88 -38.12
N PHE G 119 12.04 1.99 -38.28
CA PHE G 119 11.87 3.14 -37.39
C PHE G 119 10.54 3.83 -37.66
N PRO G 120 9.68 4.01 -36.66
CA PRO G 120 8.42 4.73 -36.88
C PRO G 120 8.68 6.21 -37.12
N ASN G 121 8.07 6.74 -38.18
CA ASN G 121 8.26 8.14 -38.54
C ASN G 121 7.03 8.60 -39.30
N LEU G 122 6.79 9.91 -39.26
CA LEU G 122 5.63 10.52 -39.88
C LEU G 122 6.02 11.19 -41.19
N ASP G 123 5.36 10.81 -42.28
CA ASP G 123 5.61 11.40 -43.58
C ASP G 123 4.81 12.70 -43.72
N ASP G 124 4.74 13.22 -44.94
CA ASP G 124 3.96 14.43 -45.18
C ASP G 124 2.48 14.16 -44.96
N TRP G 125 1.78 15.16 -44.42
CA TRP G 125 0.34 15.07 -44.20
C TRP G 125 -0.29 16.44 -44.42
N GLN G 126 -1.56 16.43 -44.79
CA GLN G 126 -2.27 17.67 -45.06
C GLN G 126 -2.56 18.38 -43.74
N SER G 127 -1.92 19.53 -43.52
CA SER G 127 -2.10 20.26 -42.28
C SER G 127 -3.48 20.90 -42.23
N GLU G 128 -4.18 20.72 -41.11
CA GLU G 128 -5.47 21.36 -40.94
C GLU G 128 -5.32 22.88 -40.85
N VAL G 129 -4.26 23.36 -40.22
CA VAL G 129 -4.02 24.79 -40.11
C VAL G 129 -2.52 25.03 -39.99
N GLU G 130 -2.07 26.21 -40.44
CA GLU G 130 -0.67 26.58 -40.42
C GLU G 130 -0.51 27.97 -39.84
N PHE G 131 0.42 28.12 -38.89
CA PHE G 131 0.70 29.37 -38.21
C PHE G 131 2.12 29.81 -38.51
N THR G 132 2.29 31.12 -38.73
CA THR G 132 3.60 31.76 -38.80
C THR G 132 3.68 32.69 -37.59
N LEU G 133 4.15 32.15 -36.47
CA LEU G 133 4.10 32.84 -35.19
C LEU G 133 5.45 33.46 -34.84
N PRO G 134 5.49 34.72 -34.47
CA PRO G 134 6.70 35.25 -33.82
C PRO G 134 6.94 34.53 -32.50
N GLN G 135 8.22 34.39 -32.15
CA GLN G 135 8.56 33.63 -30.95
C GLN G 135 8.02 34.30 -29.70
N ALA G 136 8.08 35.64 -29.64
CA ALA G 136 7.58 36.35 -28.46
C ALA G 136 6.08 36.12 -28.30
N THR G 137 5.33 36.11 -29.41
CA THR G 137 3.89 35.93 -29.33
C THR G 137 3.53 34.59 -28.71
N MET G 138 4.09 33.50 -29.23
CA MET G 138 3.80 32.18 -28.67
C MET G 138 4.34 32.03 -27.26
N LYS G 139 5.50 32.62 -26.98
CA LYS G 139 6.06 32.56 -25.64
C LYS G 139 5.12 33.19 -24.62
N ARG G 140 4.61 34.39 -24.93
CA ARG G 140 3.64 35.03 -24.06
C ARG G 140 2.35 34.22 -23.99
N LEU G 141 1.92 33.67 -25.12
CA LEU G 141 0.66 32.93 -25.15
C LEU G 141 0.70 31.72 -24.23
N ILE G 142 1.77 30.93 -24.30
CA ILE G 142 1.87 29.75 -23.46
C ILE G 142 2.20 30.13 -22.02
N GLU G 143 3.07 31.14 -21.84
CA GLU G 143 3.52 31.50 -20.50
C GLU G 143 2.36 31.98 -19.63
N ALA G 144 1.46 32.77 -20.21
CA ALA G 144 0.37 33.37 -19.45
C ALA G 144 -0.74 32.38 -19.12
N THR G 145 -0.67 31.15 -19.63
CA THR G 145 -1.71 30.17 -19.33
C THR G 145 -1.16 28.77 -19.08
N GLN G 146 0.15 28.61 -18.92
CA GLN G 146 0.69 27.28 -18.66
C GLN G 146 0.39 26.81 -17.24
N PHE G 147 0.26 27.74 -16.30
CA PHE G 147 -0.07 27.37 -14.93
C PHE G 147 -1.48 26.84 -14.77
N SER G 148 -2.33 27.00 -15.78
CA SER G 148 -3.73 26.62 -15.69
C SER G 148 -4.01 25.22 -16.20
N MET G 149 -2.98 24.46 -16.58
CA MET G 149 -3.19 23.10 -17.02
C MET G 149 -3.60 22.22 -15.86
N ALA G 150 -4.46 21.24 -16.13
CA ALA G 150 -4.78 20.23 -15.15
C ALA G 150 -3.63 19.23 -15.08
N HIS G 151 -3.13 18.99 -13.87
CA HIS G 151 -2.01 18.08 -13.66
C HIS G 151 -2.57 16.71 -13.30
N GLN G 152 -2.76 15.87 -14.32
CA GLN G 152 -3.22 14.50 -14.16
C GLN G 152 -4.56 14.44 -13.42
N ASP G 153 -5.57 15.02 -14.05
CA ASP G 153 -6.93 15.00 -13.53
C ASP G 153 -7.75 13.91 -14.21
N VAL G 154 -8.87 13.57 -13.58
CA VAL G 154 -9.71 12.48 -14.09
C VAL G 154 -10.24 12.84 -15.47
N ARG G 155 -10.71 14.07 -15.65
CA ARG G 155 -11.13 14.54 -16.96
C ARG G 155 -9.90 14.61 -17.86
N TYR G 156 -9.79 13.67 -18.80
CA TYR G 156 -8.58 13.59 -19.61
C TYR G 156 -8.46 14.74 -20.59
N TYR G 157 -9.60 15.30 -21.03
CA TYR G 157 -9.55 16.40 -22.00
C TYR G 157 -8.96 17.67 -21.40
N LEU G 158 -8.95 17.81 -20.08
CA LEU G 158 -8.37 18.98 -19.44
C LEU G 158 -6.86 18.89 -19.28
N ASN G 159 -6.25 17.76 -19.64
CA ASN G 159 -4.82 17.57 -19.45
C ASN G 159 -4.01 18.22 -20.57
N GLY G 160 -4.26 19.50 -20.83
CA GLY G 160 -3.53 20.19 -21.86
C GLY G 160 -4.16 21.53 -22.18
N MET G 161 -3.73 22.08 -23.32
CA MET G 161 -4.15 23.39 -23.79
C MET G 161 -5.09 23.25 -24.99
N LEU G 162 -5.98 24.22 -25.13
CA LEU G 162 -6.86 24.32 -26.31
C LEU G 162 -6.36 25.50 -27.13
N PHE G 163 -5.76 25.20 -28.27
CA PHE G 163 -5.42 26.20 -29.27
C PHE G 163 -6.61 26.36 -30.21
N GLU G 164 -7.32 27.47 -30.08
CA GLU G 164 -8.47 27.77 -30.93
C GLU G 164 -8.10 28.91 -31.85
N THR G 165 -8.09 28.63 -33.16
CA THR G 165 -7.79 29.65 -34.15
C THR G 165 -9.09 30.09 -34.81
N GLU G 166 -9.28 31.41 -34.89
CA GLU G 166 -10.53 31.96 -35.41
C GLU G 166 -10.21 33.26 -36.12
N GLY G 167 -10.59 33.36 -37.39
CA GLY G 167 -10.29 34.56 -38.16
C GLY G 167 -8.79 34.77 -38.24
N GLU G 168 -8.35 35.96 -37.86
CA GLU G 168 -6.94 36.29 -37.76
C GLU G 168 -6.48 36.35 -36.30
N GLU G 169 -7.05 35.49 -35.47
CA GLU G 169 -6.74 35.45 -34.04
C GLU G 169 -6.40 34.03 -33.62
N LEU G 170 -5.44 33.91 -32.71
CA LEU G 170 -5.08 32.63 -32.11
C LEU G 170 -5.26 32.73 -30.60
N ARG G 171 -6.05 31.83 -30.03
CA ARG G 171 -6.35 31.83 -28.62
C ARG G 171 -5.87 30.54 -27.98
N THR G 172 -5.42 30.64 -26.74
CA THR G 172 -5.07 29.48 -25.92
C THR G 172 -5.95 29.49 -24.68
N VAL G 173 -6.53 28.34 -24.37
CA VAL G 173 -7.41 28.16 -23.21
C VAL G 173 -6.88 27.01 -22.38
N ALA G 174 -6.73 27.24 -21.08
CA ALA G 174 -6.28 26.19 -20.18
C ALA G 174 -7.07 26.28 -18.89
N THR G 175 -7.64 25.15 -18.47
CA THR G 175 -8.43 25.13 -17.25
C THR G 175 -8.39 23.75 -16.63
N ASP G 176 -8.74 23.68 -15.36
CA ASP G 176 -8.80 22.42 -14.62
C ASP G 176 -10.12 22.26 -13.86
N GLY G 177 -11.09 23.14 -14.10
CA GLY G 177 -12.34 23.12 -13.36
C GLY G 177 -12.37 24.03 -12.15
N HIS G 178 -11.24 24.63 -11.79
CA HIS G 178 -11.18 25.60 -10.71
C HIS G 178 -10.62 26.94 -11.14
N ARG G 179 -9.58 26.93 -11.98
CA ARG G 179 -9.05 28.13 -12.60
C ARG G 179 -9.17 28.00 -14.11
N LEU G 180 -9.20 29.14 -14.79
CA LEU G 180 -9.25 29.14 -16.25
C LEU G 180 -8.45 30.34 -16.75
N ALA G 181 -7.72 30.14 -17.85
CA ALA G 181 -6.91 31.19 -18.43
C ALA G 181 -7.09 31.18 -19.94
N VAL G 182 -7.41 32.34 -20.51
CA VAL G 182 -7.58 32.51 -21.94
C VAL G 182 -6.69 33.65 -22.40
N CYS G 183 -5.90 33.40 -23.44
CA CYS G 183 -5.02 34.43 -24.00
C CYS G 183 -5.15 34.40 -25.51
N SER G 184 -5.54 35.54 -26.09
CA SER G 184 -5.75 35.66 -27.52
C SER G 184 -4.80 36.71 -28.09
N MET G 185 -4.19 36.38 -29.22
CA MET G 185 -3.29 37.31 -29.89
C MET G 185 -3.57 37.35 -31.38
N PRO G 186 -3.39 38.51 -32.01
CA PRO G 186 -3.60 38.60 -33.46
C PRO G 186 -2.46 37.95 -34.23
N ILE G 187 -2.77 37.60 -35.48
CA ILE G 187 -1.77 37.02 -36.38
C ILE G 187 -1.67 37.76 -37.70
N GLY G 188 -2.69 38.50 -38.13
CA GLY G 188 -2.65 39.12 -39.44
C GLY G 188 -2.64 38.13 -40.57
N GLN G 189 -3.44 37.07 -40.45
CA GLN G 189 -3.47 36.00 -41.45
C GLN G 189 -4.83 35.32 -41.36
N SER G 190 -5.58 35.32 -42.46
CA SER G 190 -6.89 34.69 -42.49
C SER G 190 -6.73 33.18 -42.34
N LEU G 191 -7.12 32.66 -41.18
CA LEU G 191 -6.95 31.25 -40.89
C LEU G 191 -8.29 30.59 -40.58
N PRO G 192 -8.51 29.36 -41.05
CA PRO G 192 -9.77 28.69 -40.75
C PRO G 192 -9.92 28.40 -39.27
N SER G 193 -11.17 28.44 -38.81
CA SER G 193 -11.46 28.17 -37.41
C SER G 193 -11.14 26.71 -37.10
N HIS G 194 -10.43 26.49 -35.99
CA HIS G 194 -10.07 25.13 -35.60
C HIS G 194 -9.81 25.10 -34.11
N SER G 195 -9.92 23.89 -33.53
CA SER G 195 -9.69 23.67 -32.12
C SER G 195 -8.73 22.51 -31.92
N VAL G 196 -7.72 22.70 -31.08
CA VAL G 196 -6.65 21.74 -30.86
C VAL G 196 -6.50 21.53 -29.36
N ILE G 197 -6.27 20.29 -28.94
CA ILE G 197 -6.03 19.99 -27.54
C ILE G 197 -4.66 19.32 -27.46
N VAL G 198 -3.64 20.12 -27.13
CA VAL G 198 -2.27 19.64 -27.02
C VAL G 198 -2.00 19.20 -25.58
N PRO G 199 -1.48 17.99 -25.37
CA PRO G 199 -1.32 17.50 -23.99
C PRO G 199 -0.34 18.34 -23.19
N ARG G 200 -0.29 18.04 -21.88
CA ARG G 200 0.60 18.76 -20.97
C ARG G 200 2.06 18.60 -21.38
N LYS G 201 2.50 17.36 -21.57
CA LYS G 201 3.89 17.10 -21.89
C LYS G 201 4.28 17.76 -23.22
N GLY G 202 3.39 17.69 -24.20
CA GLY G 202 3.69 18.31 -25.49
C GLY G 202 3.93 19.80 -25.38
N VAL G 203 3.05 20.49 -24.65
CA VAL G 203 3.20 21.94 -24.52
C VAL G 203 4.42 22.29 -23.69
N ILE G 204 4.73 21.49 -22.66
CA ILE G 204 5.93 21.77 -21.87
C ILE G 204 7.18 21.62 -22.74
N GLU G 205 7.25 20.56 -23.53
CA GLU G 205 8.40 20.36 -24.41
C GLU G 205 8.48 21.45 -25.47
N LEU G 206 7.33 21.88 -26.00
CA LEU G 206 7.31 22.99 -26.95
C LEU G 206 7.80 24.28 -26.30
N MET G 207 7.37 24.53 -25.08
CA MET G 207 7.78 25.75 -24.38
C MET G 207 9.28 25.77 -24.15
N ARG G 208 9.85 24.65 -23.74
CA ARG G 208 11.31 24.60 -23.62
C ARG G 208 11.96 24.19 -24.94
N MET G 209 11.51 24.84 -26.02
CA MET G 209 12.13 24.67 -27.33
C MET G 209 12.31 25.98 -28.09
N LEU G 210 11.50 26.98 -27.86
CA LEU G 210 11.51 28.21 -28.65
C LEU G 210 12.19 29.32 -27.87
N ASP G 211 13.04 30.08 -28.56
CA ASP G 211 13.76 31.19 -27.96
C ASP G 211 14.41 32.00 -29.07
N GLY G 212 14.46 33.31 -28.86
CA GLY G 212 15.10 34.20 -29.82
C GLY G 212 14.13 34.69 -30.87
N GLY G 213 13.92 36.00 -30.94
CA GLY G 213 12.97 36.55 -31.88
C GLY G 213 13.44 36.50 -33.32
N ASP G 214 14.68 36.08 -33.53
CA ASP G 214 15.28 36.07 -34.86
C ASP G 214 14.82 34.91 -35.74
N ASN G 215 14.23 33.87 -35.16
CA ASN G 215 13.80 32.69 -35.93
C ASN G 215 12.30 32.50 -35.78
N PRO G 216 11.50 32.95 -36.75
CA PRO G 216 10.04 32.77 -36.64
C PRO G 216 9.65 31.30 -36.58
N LEU G 217 8.60 31.01 -35.81
CA LEU G 217 8.13 29.65 -35.61
C LEU G 217 7.04 29.30 -36.62
N ARG G 218 7.08 28.07 -37.12
CA ARG G 218 6.09 27.57 -38.07
C ARG G 218 5.34 26.41 -37.42
N VAL G 219 4.03 26.57 -37.24
CA VAL G 219 3.21 25.57 -36.57
C VAL G 219 2.31 24.91 -37.60
N GLN G 220 2.32 23.59 -37.64
CA GLN G 220 1.45 22.82 -38.53
C GLN G 220 0.59 21.91 -37.67
N ILE G 221 -0.72 22.09 -37.74
CA ILE G 221 -1.67 21.31 -36.95
C ILE G 221 -2.52 20.48 -37.89
N GLY G 222 -2.47 19.16 -37.71
CA GLY G 222 -3.32 18.25 -38.43
C GLY G 222 -4.44 17.69 -37.56
N SER G 223 -5.05 16.62 -38.04
CA SER G 223 -6.17 16.01 -37.34
C SER G 223 -5.73 15.06 -36.24
N ASN G 224 -4.45 14.69 -36.18
CA ASN G 224 -4.00 13.72 -35.18
C ASN G 224 -2.70 14.09 -34.48
N ASN G 225 -2.01 15.15 -34.90
CA ASN G 225 -0.78 15.55 -34.23
C ASN G 225 -0.48 17.00 -34.58
N ILE G 226 0.45 17.59 -33.82
CA ILE G 226 0.89 18.96 -33.99
C ILE G 226 2.41 18.98 -34.12
N ARG G 227 2.90 19.77 -35.07
CA ARG G 227 4.33 19.93 -35.30
C ARG G 227 4.71 21.40 -35.22
N ALA G 228 5.88 21.66 -34.65
CA ALA G 228 6.41 23.00 -34.49
C ALA G 228 7.83 23.05 -35.03
N HIS G 229 8.10 23.99 -35.92
CA HIS G 229 9.41 24.20 -36.51
C HIS G 229 9.97 25.51 -35.96
N VAL G 230 10.99 25.39 -35.11
CA VAL G 230 11.71 26.53 -34.59
C VAL G 230 13.09 26.51 -35.22
N GLY G 231 13.35 27.46 -36.11
CA GLY G 231 14.60 27.48 -36.85
C GLY G 231 14.79 26.22 -37.67
N ASP G 232 15.70 25.35 -37.24
CA ASP G 232 15.95 24.08 -37.92
C ASP G 232 15.54 22.88 -37.07
N PHE G 233 14.75 23.08 -36.02
CA PHE G 233 14.32 22.01 -35.13
C PHE G 233 12.82 21.78 -35.31
N ILE G 234 12.43 20.51 -35.29
CA ILE G 234 11.04 20.12 -35.53
C ILE G 234 10.59 19.24 -34.37
N PHE G 235 9.44 19.58 -33.78
CA PHE G 235 8.85 18.83 -32.68
C PHE G 235 7.47 18.35 -33.08
N THR G 236 7.09 17.16 -32.64
CA THR G 236 5.84 16.54 -33.05
C THR G 236 5.23 15.83 -31.84
N SER G 237 3.98 16.17 -31.52
CA SER G 237 3.27 15.57 -30.41
C SER G 237 1.83 15.28 -30.81
N LYS G 238 1.32 14.12 -30.39
CA LYS G 238 -0.04 13.74 -30.72
C LYS G 238 -1.04 14.60 -29.96
N LEU G 239 -2.28 14.62 -30.46
CA LEU G 239 -3.35 15.42 -29.89
C LEU G 239 -4.20 14.59 -28.92
N VAL G 240 -4.99 15.29 -28.11
CA VAL G 240 -5.91 14.65 -27.18
C VAL G 240 -7.26 14.48 -27.87
N ASP G 241 -7.84 13.28 -27.78
CA ASP G 241 -9.07 12.98 -28.49
C ASP G 241 -10.29 13.70 -27.93
N GLY G 242 -10.21 14.20 -26.69
CA GLY G 242 -11.36 14.82 -26.06
C GLY G 242 -11.78 16.11 -26.74
N ARG G 243 -12.80 16.74 -26.14
CA ARG G 243 -13.33 18.01 -26.62
C ARG G 243 -13.28 19.00 -25.47
N PHE G 244 -12.58 20.11 -25.68
CA PHE G 244 -12.44 21.10 -24.62
C PHE G 244 -13.76 21.85 -24.43
N PRO G 245 -14.10 22.22 -23.21
CA PRO G 245 -15.37 22.92 -22.97
C PRO G 245 -15.39 24.31 -23.57
N ASP G 246 -16.60 24.79 -23.82
CA ASP G 246 -16.80 26.14 -24.35
C ASP G 246 -16.42 27.15 -23.27
N TYR G 247 -15.28 27.81 -23.45
CA TYR G 247 -14.81 28.74 -22.42
C TYR G 247 -15.65 30.00 -22.37
N ARG G 248 -16.22 30.44 -23.51
CA ARG G 248 -17.01 31.66 -23.52
C ARG G 248 -18.27 31.53 -22.67
N ARG G 249 -18.71 30.31 -22.39
CA ARG G 249 -19.82 30.07 -21.47
C ARG G 249 -19.34 29.85 -20.04
N VAL G 250 -18.03 29.81 -19.81
CA VAL G 250 -17.49 29.71 -18.45
C VAL G 250 -17.28 31.10 -17.85
N LEU G 251 -16.85 32.06 -18.67
CA LEU G 251 -16.70 33.42 -18.19
C LEU G 251 -18.05 33.98 -17.79
N PRO G 252 -18.12 34.79 -16.73
CA PRO G 252 -19.42 35.34 -16.30
C PRO G 252 -20.05 36.18 -17.39
N LYS G 253 -21.38 36.11 -17.46
CA LYS G 253 -22.09 36.78 -18.55
C LYS G 253 -22.40 38.24 -18.22
N ASN G 254 -22.72 38.55 -16.96
CA ASN G 254 -23.08 39.90 -16.55
C ASN G 254 -22.30 40.28 -15.30
N PRO G 255 -21.02 40.65 -15.46
CA PRO G 255 -20.22 41.09 -14.31
C PRO G 255 -20.55 42.52 -13.89
N ASP G 256 -21.60 42.65 -13.07
CA ASP G 256 -22.09 43.97 -12.69
C ASP G 256 -21.08 44.71 -11.81
N LYS G 257 -20.44 44.01 -10.88
CA LYS G 257 -19.55 44.65 -9.91
C LYS G 257 -18.15 44.79 -10.50
N HIS G 258 -17.65 46.01 -10.54
CA HIS G 258 -16.36 46.34 -11.15
C HIS G 258 -15.35 46.69 -10.07
N LEU G 259 -14.11 46.25 -10.24
CA LEU G 259 -13.03 46.67 -9.36
C LEU G 259 -11.79 46.92 -10.20
N GLU G 260 -11.05 47.98 -9.86
CA GLU G 260 -9.76 48.26 -10.48
C GLU G 260 -8.77 48.61 -9.39
N ALA G 261 -7.56 48.07 -9.49
CA ALA G 261 -6.53 48.31 -8.50
C ALA G 261 -5.16 48.23 -9.16
N GLY G 262 -4.12 48.53 -8.39
CA GLY G 262 -2.77 48.39 -8.89
C GLY G 262 -2.30 46.95 -8.80
N CYS G 263 -1.64 46.49 -9.86
CA CYS G 263 -1.20 45.10 -9.91
C CYS G 263 -0.17 44.81 -8.82
N ASP G 264 0.80 45.70 -8.65
CA ASP G 264 1.82 45.49 -7.62
C ASP G 264 1.22 45.49 -6.23
N LEU G 265 0.31 46.42 -5.96
CA LEU G 265 -0.32 46.49 -4.64
C LEU G 265 -1.12 45.23 -4.36
N LEU G 266 -1.91 44.76 -5.33
CA LEU G 266 -2.67 43.54 -5.13
C LEU G 266 -1.76 42.34 -4.91
N LYS G 267 -0.69 42.23 -5.70
CA LYS G 267 0.22 41.10 -5.56
C LYS G 267 0.89 41.10 -4.19
N GLN G 268 1.39 42.25 -3.76
CA GLN G 268 2.03 42.35 -2.45
C GLN G 268 1.04 42.02 -1.35
N ALA G 269 -0.19 42.55 -1.44
CA ALA G 269 -1.19 42.29 -0.42
C ALA G 269 -1.55 40.82 -0.35
N PHE G 270 -1.70 40.17 -1.51
CA PHE G 270 -2.09 38.77 -1.52
C PHE G 270 -0.97 37.89 -0.97
N ALA G 271 0.28 38.18 -1.32
CA ALA G 271 1.38 37.43 -0.74
C ALA G 271 1.45 37.63 0.78
N ARG G 272 1.26 38.88 1.22
CA ARG G 272 1.31 39.17 2.65
C ARG G 272 0.23 38.43 3.41
N ALA G 273 -0.98 38.36 2.83
CA ALA G 273 -2.07 37.62 3.47
C ALA G 273 -1.82 36.11 3.41
N ALA G 274 -1.23 35.62 2.32
CA ALA G 274 -0.95 34.20 2.19
C ALA G 274 0.19 33.72 3.08
N ILE G 275 0.98 34.65 3.62
CA ILE G 275 2.04 34.25 4.56
C ILE G 275 1.44 33.43 5.71
N LEU G 276 0.32 33.88 6.26
CA LEU G 276 -0.32 33.23 7.39
C LEU G 276 -1.55 32.42 6.99
N SER G 277 -1.74 32.16 5.70
CA SER G 277 -2.89 31.38 5.27
C SER G 277 -2.72 29.91 5.63
N ASN G 278 -3.78 29.13 5.39
CA ASN G 278 -3.71 27.70 5.65
C ASN G 278 -2.70 27.03 4.72
N GLU G 279 -2.10 25.95 5.21
CA GLU G 279 -1.00 25.33 4.46
C GLU G 279 -1.48 24.66 3.18
N LYS G 280 -2.55 23.86 3.26
CA LYS G 280 -3.06 23.14 2.11
C LYS G 280 -4.38 23.70 1.59
N PHE G 281 -4.92 24.73 2.25
CA PHE G 281 -6.18 25.35 1.88
C PHE G 281 -5.99 26.86 1.75
N ARG G 282 -5.00 27.26 0.95
CA ARG G 282 -4.56 28.65 0.91
C ARG G 282 -5.66 29.51 0.28
N GLY G 283 -6.67 29.81 1.09
CA GLY G 283 -7.79 30.59 0.62
C GLY G 283 -8.10 31.79 1.49
N VAL G 284 -8.34 32.93 0.85
CA VAL G 284 -8.65 34.17 1.55
C VAL G 284 -10.10 34.54 1.28
N ARG G 285 -10.71 35.17 2.28
CA ARG G 285 -12.04 35.77 2.15
C ARG G 285 -11.88 37.27 1.91
N LEU G 286 -12.52 37.76 0.87
CA LEU G 286 -12.36 39.14 0.41
C LEU G 286 -13.70 39.84 0.48
N TYR G 287 -13.71 41.00 1.15
CA TYR G 287 -14.88 41.86 1.24
C TYR G 287 -14.62 43.10 0.40
N VAL G 288 -15.56 43.44 -0.47
CA VAL G 288 -15.51 44.69 -1.22
C VAL G 288 -16.56 45.65 -0.66
N SER G 289 -16.12 46.84 -0.28
CA SER G 289 -16.97 47.95 0.10
C SER G 289 -16.54 49.16 -0.70
N GLU G 290 -17.24 50.28 -0.50
CA GLU G 290 -17.02 51.47 -1.33
C GLU G 290 -15.55 51.89 -1.28
N ASN G 291 -14.84 51.68 -2.39
CA ASN G 291 -13.43 52.02 -2.51
C ASN G 291 -12.60 51.39 -1.40
N GLN G 292 -12.89 50.12 -1.09
CA GLN G 292 -12.13 49.43 -0.05
C GLN G 292 -12.18 47.93 -0.29
N LEU G 293 -11.02 47.27 -0.23
CA LEU G 293 -10.92 45.82 -0.38
C LEU G 293 -10.25 45.26 0.87
N LYS G 294 -10.99 44.47 1.65
CA LYS G 294 -10.46 43.86 2.86
C LYS G 294 -10.24 42.38 2.60
N ILE G 295 -8.99 41.95 2.67
CA ILE G 295 -8.61 40.55 2.45
C ILE G 295 -8.21 39.95 3.79
N THR G 296 -8.82 38.81 4.14
CA THR G 296 -8.57 38.16 5.41
C THR G 296 -8.31 36.68 5.20
N ALA G 297 -7.58 36.09 6.15
CA ALA G 297 -7.22 34.68 6.08
C ALA G 297 -6.93 34.19 7.50
N ASN G 298 -6.81 32.87 7.63
CA ASN G 298 -6.45 32.27 8.90
C ASN G 298 -5.94 30.86 8.63
N ASN G 299 -5.51 30.21 9.71
CA ASN G 299 -5.03 28.83 9.71
C ASN G 299 -5.73 28.07 10.82
N PRO G 300 -5.55 26.74 10.86
CA PRO G 300 -6.11 26.00 12.01
C PRO G 300 -5.61 26.50 13.36
N GLU G 301 -4.40 27.05 13.41
CA GLU G 301 -3.90 27.67 14.63
C GLU G 301 -4.55 29.02 14.91
N GLN G 302 -5.39 29.52 13.99
CA GLN G 302 -6.12 30.77 14.16
C GLN G 302 -5.18 31.97 14.22
N GLU G 303 -4.23 32.01 13.28
CA GLU G 303 -3.35 33.16 13.10
C GLU G 303 -3.90 33.99 11.95
N GLU G 304 -4.93 34.76 12.24
CA GLU G 304 -5.61 35.54 11.22
C GLU G 304 -4.70 36.62 10.66
N ALA G 305 -4.86 36.88 9.35
CA ALA G 305 -4.17 37.96 8.67
C ALA G 305 -5.20 38.81 7.95
N GLU G 306 -5.05 40.13 8.04
CA GLU G 306 -6.01 41.06 7.47
C GLU G 306 -5.28 42.23 6.84
N GLU G 307 -5.73 42.64 5.65
CA GLU G 307 -5.17 43.80 4.99
C GLU G 307 -6.26 44.55 4.24
N ILE G 308 -6.05 45.85 4.09
CA ILE G 308 -7.01 46.75 3.45
C ILE G 308 -6.31 47.44 2.29
N LEU G 309 -6.97 47.47 1.14
CA LEU G 309 -6.46 48.07 -0.08
C LEU G 309 -7.39 49.15 -0.58
N ASP G 310 -6.81 50.27 -1.01
CA ASP G 310 -7.55 51.38 -1.58
C ASP G 310 -7.74 51.10 -3.07
N VAL G 311 -8.97 50.74 -3.46
CA VAL G 311 -9.27 50.34 -4.82
C VAL G 311 -10.37 51.23 -5.38
N THR G 312 -10.56 51.15 -6.69
CA THR G 312 -11.66 51.82 -7.37
C THR G 312 -12.75 50.78 -7.59
N TYR G 313 -13.79 50.84 -6.75
CA TYR G 313 -14.84 49.82 -6.73
C TYR G 313 -16.18 50.44 -7.12
N SER G 314 -16.92 49.74 -7.96
CA SER G 314 -18.26 50.15 -8.38
C SER G 314 -19.20 48.96 -8.18
N GLY G 315 -20.07 49.07 -7.20
CA GLY G 315 -20.99 48.00 -6.87
C GLY G 315 -21.35 48.05 -5.40
N ALA G 316 -22.11 47.03 -4.98
CA ALA G 316 -22.54 46.91 -3.60
C ALA G 316 -21.54 46.11 -2.78
N GLU G 317 -21.64 46.22 -1.46
CA GLU G 317 -20.78 45.48 -0.57
C GLU G 317 -20.97 43.99 -0.79
N MET G 318 -19.86 43.24 -0.76
CA MET G 318 -19.92 41.85 -1.20
C MET G 318 -18.81 41.04 -0.52
N GLU G 319 -19.10 39.76 -0.31
CA GLU G 319 -18.16 38.80 0.26
C GLU G 319 -17.91 37.69 -0.74
N ILE G 320 -16.65 37.29 -0.88
CA ILE G 320 -16.35 36.11 -1.70
C ILE G 320 -15.03 35.51 -1.23
N GLY G 321 -15.01 34.18 -1.12
CA GLY G 321 -13.82 33.48 -0.68
C GLY G 321 -13.20 32.64 -1.78
N PHE G 322 -11.93 32.88 -2.08
CA PHE G 322 -11.22 32.15 -3.12
C PHE G 322 -9.79 31.84 -2.70
N ASN G 323 -9.23 30.81 -3.31
CA ASN G 323 -7.88 30.35 -2.98
C ASN G 323 -6.84 31.36 -3.45
N VAL G 324 -5.73 31.40 -2.72
CA VAL G 324 -4.70 32.40 -2.99
C VAL G 324 -3.76 31.99 -4.12
N SER G 325 -3.48 30.69 -4.28
CA SER G 325 -2.48 30.27 -5.25
C SER G 325 -2.89 30.65 -6.67
N TYR G 326 -4.15 30.40 -7.04
CA TYR G 326 -4.60 30.73 -8.39
C TYR G 326 -4.53 32.22 -8.66
N VAL G 327 -4.93 33.05 -7.69
CA VAL G 327 -4.91 34.51 -7.87
C VAL G 327 -3.49 35.07 -7.87
N LEU G 328 -2.59 34.52 -7.04
CA LEU G 328 -1.17 34.93 -7.13
C LEU G 328 -0.60 34.56 -8.49
N ASP G 329 -0.96 33.38 -9.00
CA ASP G 329 -0.51 32.96 -10.32
C ASP G 329 -1.04 33.89 -11.41
N VAL G 330 -2.33 34.24 -11.35
CA VAL G 330 -2.91 35.13 -12.34
C VAL G 330 -2.24 36.50 -12.29
N LEU G 331 -2.04 37.04 -11.08
CA LEU G 331 -1.42 38.35 -10.94
C LEU G 331 0.01 38.34 -11.43
N ASN G 332 0.75 37.25 -11.16
CA ASN G 332 2.11 37.14 -11.68
C ASN G 332 2.11 37.07 -13.20
N ALA G 333 1.16 36.33 -13.78
CA ALA G 333 1.09 36.23 -15.24
C ALA G 333 0.76 37.59 -15.87
N LEU G 334 -0.15 38.34 -15.25
CA LEU G 334 -0.55 39.65 -15.76
C LEU G 334 0.49 40.67 -15.34
N LYS G 335 1.58 40.74 -16.11
CA LYS G 335 2.65 41.72 -15.88
C LYS G 335 2.17 43.09 -16.36
N CYS G 336 1.19 43.63 -15.65
CA CYS G 336 0.50 44.85 -16.02
C CYS G 336 0.62 45.88 -14.90
N GLU G 337 -0.03 47.02 -15.11
CA GLU G 337 -0.04 48.11 -14.14
C GLU G 337 -1.34 48.19 -13.35
N ASN G 338 -2.47 47.93 -14.00
CA ASN G 338 -3.77 47.95 -13.33
C ASN G 338 -4.49 46.63 -13.57
N VAL G 339 -4.97 46.03 -12.50
CA VAL G 339 -5.72 44.79 -12.55
C VAL G 339 -7.20 45.11 -12.37
N ARG G 340 -8.03 44.59 -13.26
CA ARG G 340 -9.48 44.77 -13.21
C ARG G 340 -10.14 43.44 -12.87
N MET G 341 -10.95 43.45 -11.82
CA MET G 341 -11.68 42.29 -11.37
C MET G 341 -13.17 42.49 -11.57
N MET G 342 -13.83 41.43 -12.04
CA MET G 342 -15.26 41.41 -12.32
C MET G 342 -15.92 40.44 -11.36
N LEU G 343 -16.89 40.93 -10.60
CA LEU G 343 -17.61 40.12 -9.62
C LEU G 343 -19.12 40.23 -9.88
N THR G 344 -19.80 39.10 -9.79
CA THR G 344 -21.24 39.05 -10.03
C THR G 344 -22.03 38.70 -8.78
N ASP G 345 -21.75 37.56 -8.16
CA ASP G 345 -22.48 37.11 -6.98
C ASP G 345 -21.51 36.46 -6.01
N SER G 346 -21.89 36.46 -4.73
CA SER G 346 -21.07 35.81 -3.71
C SER G 346 -20.92 34.31 -3.96
N VAL G 347 -21.68 33.75 -4.89
CA VAL G 347 -21.58 32.35 -5.27
C VAL G 347 -21.07 32.16 -6.69
N SER G 348 -20.69 33.24 -7.37
CA SER G 348 -20.29 33.20 -8.77
C SER G 348 -18.78 33.35 -8.91
N SER G 349 -18.29 32.97 -10.08
CA SER G 349 -16.86 33.05 -10.36
C SER G 349 -16.42 34.50 -10.54
N VAL G 350 -15.12 34.72 -10.37
CA VAL G 350 -14.51 36.03 -10.47
C VAL G 350 -13.66 36.09 -11.73
N GLN G 351 -13.77 37.19 -12.46
CA GLN G 351 -12.94 37.41 -13.63
C GLN G 351 -11.80 38.37 -13.28
N ILE G 352 -10.62 38.11 -13.81
CA ILE G 352 -9.45 38.95 -13.60
C ILE G 352 -8.82 39.22 -14.96
N GLU G 353 -8.47 40.48 -15.20
CA GLU G 353 -7.86 40.82 -16.49
C GLU G 353 -7.03 42.08 -16.33
N ASP G 354 -6.26 42.37 -17.38
CA ASP G 354 -5.52 43.63 -17.44
C ASP G 354 -6.50 44.77 -17.71
N ALA G 355 -6.44 45.81 -16.90
CA ALA G 355 -7.36 46.94 -17.08
C ALA G 355 -6.97 47.79 -18.28
N ALA G 356 -5.70 47.79 -18.67
CA ALA G 356 -5.22 48.63 -19.75
C ALA G 356 -5.11 47.89 -21.09
N SER G 357 -5.44 46.60 -21.13
CA SER G 357 -5.33 45.84 -22.37
C SER G 357 -6.32 44.68 -22.34
N GLN G 358 -7.09 44.54 -23.41
CA GLN G 358 -8.05 43.45 -23.54
C GLN G 358 -7.46 42.33 -24.39
N SER G 359 -6.40 41.71 -23.87
CA SER G 359 -5.73 40.62 -24.55
C SER G 359 -5.69 39.32 -23.75
N ALA G 360 -5.96 39.36 -22.44
CA ALA G 360 -5.94 38.17 -21.61
C ALA G 360 -7.14 38.20 -20.67
N ALA G 361 -7.54 37.01 -20.23
CA ALA G 361 -8.64 36.89 -19.29
C ALA G 361 -8.39 35.67 -18.41
N TYR G 362 -8.85 35.76 -17.15
CA TYR G 362 -8.68 34.68 -16.20
C TYR G 362 -9.95 34.55 -15.38
N VAL G 363 -10.26 33.32 -14.99
CA VAL G 363 -11.44 33.03 -14.18
C VAL G 363 -11.00 32.24 -12.96
N VAL G 364 -11.38 32.71 -11.78
CA VAL G 364 -11.12 32.03 -10.52
C VAL G 364 -12.46 31.65 -9.92
N MET G 365 -12.62 30.37 -9.59
CA MET G 365 -13.88 29.86 -9.07
C MET G 365 -13.80 29.79 -7.56
N PRO G 366 -14.70 30.47 -6.83
CA PRO G 366 -14.49 30.66 -5.39
C PRO G 366 -14.66 29.35 -4.62
N MET G 367 -14.40 29.45 -3.31
CA MET G 367 -14.51 28.33 -2.39
C MET G 367 -15.81 28.44 -1.62
N ARG G 368 -16.61 27.37 -1.66
CA ARG G 368 -17.88 27.30 -0.94
C ARG G 368 -17.70 26.34 0.23
N LEU G 369 -17.50 26.88 1.41
CA LEU G 369 -17.29 26.08 2.60
C LEU G 369 -18.62 25.63 3.20
ZN ZN J . 18.74 14.43 44.09
PB ADP K . 5.29 1.92 28.92
O1B ADP K . 6.10 3.11 28.33
O2B ADP K . 5.97 0.59 29.17
O3B ADP K . 4.18 1.45 27.85
PA ADP K . 4.81 3.52 31.24
O1A ADP K . 5.92 3.03 32.12
O2A ADP K . 4.97 4.78 30.40
O3A ADP K . 4.42 2.31 30.22
O5' ADP K . 3.64 3.73 32.30
C5' ADP K . 2.59 4.67 32.10
C4' ADP K . 1.80 4.64 33.40
O4' ADP K . 1.41 3.31 33.71
C3' ADP K . 2.69 5.04 34.52
O3' ADP K . 2.44 6.41 34.74
C2' ADP K . 2.26 4.22 35.70
O2' ADP K . 1.15 4.88 36.28
C1' ADP K . 1.66 3.02 35.08
N9 ADP K . 2.60 1.89 35.28
C8 ADP K . 3.04 1.01 34.34
N7 ADP K . 3.88 0.08 34.87
C5 ADP K . 3.98 0.36 36.18
C6 ADP K . 4.70 -0.23 37.31
N6 ADP K . 5.49 -1.32 37.15
N1 ADP K . 4.55 0.37 38.51
C2 ADP K . 3.76 1.46 38.66
N3 ADP K . 3.06 2.06 37.68
C4 ADP K . 3.14 1.55 36.44
BE BEF L . 5.52 2.88 26.04
F1 BEF L . 6.26 4.21 26.34
F2 BEF L . 3.98 2.97 26.20
F3 BEF L . 5.96 2.20 24.72
MG MG M . 7.33 4.02 27.34
ZN ZN N . -22.80 26.80 25.60
PB ADP O . -21.22 7.17 12.83
O1B ADP O . -20.27 8.23 12.33
O2B ADP O . -21.04 6.41 14.11
O3B ADP O . -21.26 5.98 11.77
PA ADP O . -23.02 9.26 12.93
O1A ADP O . -22.91 9.62 14.38
O2A ADP O . -22.12 9.91 11.89
O3A ADP O . -22.73 7.68 12.88
O5' ADP O . -24.56 9.56 12.61
C5' ADP O . -24.95 10.28 11.46
C4' ADP O . -26.44 10.48 11.58
O4' ADP O . -27.03 9.29 12.06
C3' ADP O . -26.81 11.46 12.66
O3' ADP O . -26.95 12.70 12.02
C2' ADP O . -28.10 10.99 13.29
O2' ADP O . -29.25 11.49 12.61
C1' ADP O . -28.07 9.54 13.00
N9 ADP O . -27.75 8.87 14.27
C8 ADP O . -26.84 7.88 14.44
N7 ADP O . -26.78 7.46 15.73
C5 ADP O . -27.69 8.19 16.40
C6 ADP O . -28.15 8.27 17.80
N6 ADP O . -27.64 7.46 18.75
N1 ADP O . -29.10 9.17 18.09
C2 ADP O . -29.63 9.98 17.15
N3 ADP O . -29.27 9.98 15.87
C4 ADP O . -28.32 9.12 15.45
BE BEF P . -19.06 6.58 11.45
F1 BEF P . -18.13 7.81 11.80
F2 BEF P . -19.74 6.44 10.05
F3 BEF P . -18.29 5.25 11.70
MG MG Q . -18.28 9.88 11.87
ZN ZN R . -31.44 20.40 -20.50
PB ADP S . -24.91 -0.78 -16.73
O1B ADP S . -23.58 0.03 -16.83
O2B ADP S . -25.84 -0.61 -15.58
O3B ADP S . -24.61 -2.32 -16.56
PA ADP S . -25.64 0.56 -19.05
O1A ADP S . -26.52 1.66 -18.50
O2A ADP S . -24.17 0.85 -19.27
O3A ADP S . -25.77 -0.71 -18.07
O5' ADP S . -26.39 0.19 -20.42
C5' ADP S . -25.69 -0.32 -21.55
C4' ADP S . -26.66 -0.39 -22.70
O4' ADP S . -27.78 -1.11 -22.28
C3' ADP S . -27.23 0.97 -22.97
O3' ADP S . -26.39 1.49 -23.98
C2' ADP S . -28.66 0.73 -23.40
O2' ADP S . -28.70 0.37 -24.78
C1' ADP S . -29.01 -0.56 -22.73
N9 ADP S . -29.86 -0.33 -21.56
C8 ADP S . -29.62 -0.80 -20.32
N7 ADP S . -30.59 -0.45 -19.46
C5 ADP S . -31.47 0.25 -20.16
C6 ADP S . -32.70 0.92 -19.83
N6 ADP S . -33.18 0.88 -18.58
N1 ADP S . -33.30 1.57 -20.84
C2 ADP S . -32.80 1.60 -22.09
N3 ADP S . -31.67 1.00 -22.47
C4 ADP S . -30.99 0.34 -21.53
BE BEF T . -22.77 -1.56 -14.62
F1 BEF T . -21.88 -0.22 -14.43
F2 BEF T . -22.21 -2.64 -15.59
F3 BEF T . -23.12 -2.13 -13.22
MG MG U . -21.44 1.51 -16.16
ZN ZN V . -0.79 -1.44 -45.94
#